data_8YU7
#
_entry.id   8YU7
#
loop_
_entity.id
_entity.type
_entity.pdbx_description
1 polymer 'C-X-C chemokine receptor type 4'
2 non-polymer CHOLESTEROL
#
_entity_poly.entity_id   1
_entity_poly.type   'polypeptide(L)'
_entity_poly.pdbx_seq_one_letter_code
;EGISIYTSDNYTEEMGSGDYDSMKEPCFREENANFNKIFLPTIYSIIFLTGIVGNGLVILVMGYQKKLRSMTDKYRLHLS
VADLLFVITLPFWAVDAVANWYFGNFLCKAVHVIYTVNLYSSVLILAFISLDRYLAIVHATNSQRPRKLLAEKVVYVGVW
IPALLLTIPDFIFANVSEADDRYICDRFYPNDLWVVVFQFQHIMVGLILPGIVILSCYCIIISKLSHSKGHQKRKALKTT
VILILAFFACWLPYYIGISIDSFILLEIIKQGCEFENTVHKWISITEALAFFHCCLNPILYAFLGAKFKTSAQHALTSVS
RGSSLKILSKGKRGGHSSVSTESESSSFHSS
;
_entity_poly.pdbx_strand_id   A,B,C,D
#
loop_
_chem_comp.id
_chem_comp.type
_chem_comp.name
_chem_comp.formula
CLR non-polymer CHOLESTEROL 'C27 H46 O'
#
# COMPACT_ATOMS: atom_id res chain seq x y z
N GLU A 25 4.18 -13.35 40.08
CA GLU A 25 5.08 -14.39 39.59
C GLU A 25 5.46 -14.15 38.14
N PRO A 26 6.73 -13.83 37.91
CA PRO A 26 7.20 -13.59 36.53
C PRO A 26 7.01 -14.82 35.65
N CYS A 27 6.65 -14.58 34.40
CA CYS A 27 6.43 -15.65 33.44
C CYS A 27 7.76 -16.07 32.80
N PHE A 28 7.68 -17.00 31.84
CA PHE A 28 8.86 -17.53 31.17
C PHE A 28 8.54 -17.63 29.68
N ARG A 29 9.41 -18.35 28.96
CA ARG A 29 9.27 -18.57 27.52
C ARG A 29 9.35 -17.25 26.74
N GLU A 30 10.35 -16.44 27.08
CA GLU A 30 10.61 -15.18 26.39
C GLU A 30 11.81 -15.38 25.47
N GLU A 31 11.58 -15.29 24.16
CA GLU A 31 12.64 -15.45 23.18
C GLU A 31 12.23 -14.75 21.89
N ASN A 32 13.23 -14.46 21.07
CA ASN A 32 12.99 -13.78 19.80
C ASN A 32 12.52 -14.78 18.75
N ALA A 33 11.57 -14.35 17.92
CA ALA A 33 11.07 -15.19 16.85
C ALA A 33 12.10 -15.33 15.74
N ASN A 34 12.03 -16.45 15.01
CA ASN A 34 12.98 -16.70 13.94
C ASN A 34 12.83 -15.69 12.82
N PHE A 35 11.59 -15.30 12.49
CA PHE A 35 11.39 -14.31 11.44
C PHE A 35 11.91 -12.94 11.86
N ASN A 36 11.83 -12.60 13.15
CA ASN A 36 12.32 -11.30 13.60
C ASN A 36 13.83 -11.19 13.45
N LYS A 37 14.55 -12.30 13.69
CA LYS A 37 16.00 -12.29 13.59
C LYS A 37 16.49 -11.94 12.19
N ILE A 38 15.65 -12.07 11.18
CA ILE A 38 15.99 -11.66 9.83
C ILE A 38 15.29 -10.35 9.44
N PHE A 39 14.11 -10.07 9.99
CA PHE A 39 13.41 -8.85 9.63
C PHE A 39 14.07 -7.61 10.23
N LEU A 40 14.45 -7.67 11.50
CA LEU A 40 15.04 -6.51 12.15
C LEU A 40 16.37 -6.08 11.53
N PRO A 41 17.34 -6.96 11.27
CA PRO A 41 18.58 -6.50 10.63
C PRO A 41 18.37 -5.84 9.28
N THR A 42 17.36 -6.24 8.51
CA THR A 42 17.09 -5.59 7.24
C THR A 42 16.73 -4.12 7.45
N ILE A 43 15.82 -3.86 8.39
CA ILE A 43 15.42 -2.50 8.70
C ILE A 43 16.62 -1.70 9.20
N TYR A 44 17.40 -2.31 10.10
CA TYR A 44 18.54 -1.61 10.67
C TYR A 44 19.57 -1.26 9.60
N SER A 45 19.82 -2.17 8.66
CA SER A 45 20.80 -1.91 7.61
C SER A 45 20.31 -0.85 6.63
N ILE A 46 19.03 -0.90 6.26
CA ILE A 46 18.48 0.14 5.37
C ILE A 46 18.61 1.50 6.05
N ILE A 47 18.30 1.57 7.35
CA ILE A 47 18.39 2.83 8.06
C ILE A 47 19.84 3.27 8.17
N PHE A 48 20.76 2.36 8.48
CA PHE A 48 22.19 2.60 8.43
C PHE A 48 22.55 3.36 7.16
N LEU A 49 22.31 2.74 6.02
CA LEU A 49 22.78 3.32 4.75
C LEU A 49 22.11 4.66 4.48
N THR A 50 20.77 4.71 4.54
CA THR A 50 20.06 5.92 4.17
C THR A 50 20.39 7.08 5.10
N GLY A 51 20.37 6.82 6.41
CA GLY A 51 20.66 7.88 7.37
C GLY A 51 22.08 8.39 7.25
N ILE A 52 23.06 7.49 7.15
CA ILE A 52 24.44 7.94 7.05
C ILE A 52 24.63 8.81 5.82
N VAL A 53 24.15 8.34 4.65
CA VAL A 53 24.37 9.10 3.42
C VAL A 53 23.66 10.46 3.50
N GLY A 54 22.37 10.45 3.88
CA GLY A 54 21.62 11.69 3.89
C GLY A 54 22.14 12.70 4.88
N ASN A 55 22.41 12.25 6.11
CA ASN A 55 22.88 13.17 7.15
C ASN A 55 24.27 13.70 6.82
N GLY A 56 25.16 12.84 6.31
CA GLY A 56 26.47 13.33 5.91
C GLY A 56 26.38 14.36 4.81
N LEU A 57 25.55 14.12 3.80
CA LEU A 57 25.41 15.10 2.72
C LEU A 57 24.82 16.40 3.24
N VAL A 58 23.82 16.33 4.12
CA VAL A 58 23.20 17.53 4.66
C VAL A 58 24.21 18.34 5.46
N ILE A 59 25.00 17.66 6.30
CA ILE A 59 26.01 18.35 7.10
C ILE A 59 27.04 19.01 6.19
N LEU A 60 27.52 18.27 5.19
CA LEU A 60 28.53 18.81 4.29
C LEU A 60 28.01 20.04 3.54
N VAL A 61 26.77 19.99 3.07
CA VAL A 61 26.22 21.11 2.31
C VAL A 61 25.97 22.32 3.21
N MET A 62 25.46 22.08 4.42
CA MET A 62 25.01 23.18 5.27
C MET A 62 26.14 23.77 6.12
N GLY A 63 26.77 22.94 6.94
CA GLY A 63 27.76 23.47 7.88
C GLY A 63 29.05 23.88 7.21
N TYR A 64 29.67 22.96 6.46
CA TYR A 64 30.96 23.25 5.86
C TYR A 64 30.90 24.40 4.87
N GLN A 65 29.86 24.43 4.03
CA GLN A 65 29.68 25.50 3.08
C GLN A 65 28.75 26.56 3.68
N LYS A 66 28.35 27.54 2.88
CA LYS A 66 27.50 28.64 3.33
C LYS A 66 26.15 28.51 2.62
N LYS A 67 25.23 27.77 3.25
CA LYS A 67 23.90 27.56 2.69
C LYS A 67 22.79 27.82 3.70
N LEU A 68 23.11 28.40 4.86
CA LEU A 68 22.11 28.71 5.88
C LEU A 68 21.53 30.08 5.58
N ARG A 69 20.43 30.10 4.83
CA ARG A 69 19.73 31.34 4.53
C ARG A 69 18.67 31.68 5.57
N SER A 70 17.94 30.68 6.05
CA SER A 70 16.89 30.88 7.03
C SER A 70 17.40 30.48 8.42
N MET A 71 16.51 30.49 9.40
CA MET A 71 16.86 30.11 10.77
C MET A 71 16.50 28.68 11.12
N THR A 72 15.66 28.02 10.31
CA THR A 72 15.35 26.62 10.54
C THR A 72 16.50 25.71 10.14
N ASP A 73 17.41 26.19 9.29
CA ASP A 73 18.51 25.36 8.82
C ASP A 73 19.46 24.98 9.94
N LYS A 74 19.67 25.87 10.92
CA LYS A 74 20.56 25.55 12.04
C LYS A 74 19.98 24.44 12.90
N TYR A 75 18.68 24.51 13.20
CA TYR A 75 18.05 23.43 13.96
C TYR A 75 18.07 22.14 13.16
N ARG A 76 17.87 22.22 11.85
CA ARG A 76 17.94 21.02 11.02
C ARG A 76 19.36 20.44 11.01
N LEU A 77 20.38 21.29 11.08
CA LEU A 77 21.75 20.82 11.20
C LEU A 77 21.98 20.09 12.53
N HIS A 78 21.43 20.63 13.62
CA HIS A 78 21.52 19.93 14.90
C HIS A 78 20.85 18.57 14.82
N LEU A 79 19.66 18.52 14.19
CA LEU A 79 18.95 17.26 14.01
C LEU A 79 19.80 16.28 13.20
N SER A 80 20.45 16.77 12.14
CA SER A 80 21.28 15.92 11.31
C SER A 80 22.44 15.34 12.09
N VAL A 81 23.07 16.17 12.94
CA VAL A 81 24.19 15.68 13.74
C VAL A 81 23.74 14.57 14.68
N ALA A 82 22.61 14.78 15.37
CA ALA A 82 22.13 13.76 16.30
C ALA A 82 21.77 12.47 15.56
N ASP A 83 21.09 12.59 14.42
CA ASP A 83 20.71 11.40 13.66
C ASP A 83 21.93 10.68 13.11
N LEU A 84 22.96 11.43 12.69
CA LEU A 84 24.18 10.81 12.22
C LEU A 84 24.85 10.00 13.31
N LEU A 85 24.91 10.54 14.53
CA LEU A 85 25.49 9.77 15.63
C LEU A 85 24.69 8.50 15.88
N PHE A 86 23.35 8.60 15.88
CA PHE A 86 22.55 7.41 16.14
C PHE A 86 22.73 6.34 15.06
N VAL A 87 22.72 6.75 13.78
CA VAL A 87 22.85 5.77 12.72
C VAL A 87 24.25 5.17 12.70
N ILE A 88 25.26 5.92 13.15
CA ILE A 88 26.57 5.32 13.36
C ILE A 88 26.49 4.24 14.42
N THR A 89 25.72 4.48 15.49
CA THR A 89 25.58 3.48 16.54
C THR A 89 24.85 2.23 16.06
N LEU A 90 23.94 2.37 15.09
CA LEU A 90 23.00 1.30 14.75
C LEU A 90 23.56 -0.09 14.45
N PRO A 91 24.69 -0.26 13.75
CA PRO A 91 25.12 -1.63 13.42
C PRO A 91 25.30 -2.55 14.62
N PHE A 92 25.63 -2.00 15.79
CA PHE A 92 25.66 -2.82 16.99
C PHE A 92 24.27 -3.33 17.33
N TRP A 93 23.24 -2.49 17.16
CA TRP A 93 21.87 -2.95 17.31
C TRP A 93 21.58 -4.09 16.34
N ALA A 94 22.00 -3.94 15.08
CA ALA A 94 21.73 -4.96 14.08
C ALA A 94 22.40 -6.29 14.43
N VAL A 95 23.65 -6.23 14.90
CA VAL A 95 24.37 -7.44 15.28
C VAL A 95 23.71 -8.08 16.50
N ASP A 96 23.31 -7.27 17.48
CA ASP A 96 22.71 -7.81 18.70
C ASP A 96 21.37 -8.48 18.40
N ALA A 97 20.60 -7.92 17.47
CA ALA A 97 19.26 -8.44 17.18
C ALA A 97 19.28 -9.87 16.67
N VAL A 98 20.42 -10.35 16.16
CA VAL A 98 20.48 -11.67 15.54
C VAL A 98 20.69 -12.75 16.60
N ALA A 99 21.81 -12.69 17.31
CA ALA A 99 22.17 -13.76 18.23
C ALA A 99 22.16 -13.32 19.69
N ASN A 100 22.98 -12.33 20.06
CA ASN A 100 23.14 -11.94 21.46
C ASN A 100 24.07 -10.75 21.60
N TRP A 101 24.22 -10.24 22.82
CA TRP A 101 25.22 -9.22 23.14
C TRP A 101 26.27 -9.87 24.04
N TYR A 102 27.41 -10.23 23.45
CA TYR A 102 28.48 -10.87 24.20
C TYR A 102 29.84 -10.31 23.79
N PHE A 103 29.85 -9.08 23.27
CA PHE A 103 31.09 -8.44 22.82
C PHE A 103 31.41 -7.19 23.64
N GLY A 104 31.22 -7.24 24.94
CA GLY A 104 31.72 -6.22 25.84
C GLY A 104 30.66 -5.78 26.82
N ASN A 105 31.07 -4.82 27.66
CA ASN A 105 30.22 -4.17 28.66
C ASN A 105 30.17 -2.66 28.50
N PHE A 106 31.30 -2.04 28.17
CA PHE A 106 31.32 -0.59 27.97
C PHE A 106 30.60 -0.18 26.69
N LEU A 107 30.57 -1.07 25.69
CA LEU A 107 29.85 -0.75 24.46
C LEU A 107 28.35 -0.66 24.69
N CYS A 108 27.80 -1.47 25.59
CA CYS A 108 26.38 -1.37 25.93
C CYS A 108 26.06 0.00 26.50
N LYS A 109 26.90 0.48 27.44
CA LYS A 109 26.70 1.80 28.03
C LYS A 109 26.81 2.88 26.96
N ALA A 110 27.81 2.78 26.08
CA ALA A 110 27.97 3.79 25.04
C ALA A 110 26.76 3.84 24.12
N VAL A 111 26.31 2.66 23.67
CA VAL A 111 25.17 2.60 22.76
C VAL A 111 23.94 3.22 23.41
N HIS A 112 23.69 2.87 24.68
CA HIS A 112 22.57 3.48 25.38
C HIS A 112 22.72 4.99 25.50
N VAL A 113 23.96 5.48 25.67
CA VAL A 113 24.17 6.91 25.84
C VAL A 113 23.82 7.67 24.57
N ILE A 114 24.34 7.24 23.42
CA ILE A 114 23.95 7.97 22.21
C ILE A 114 22.47 7.78 21.88
N TYR A 115 21.92 6.59 22.15
CA TYR A 115 20.49 6.39 21.96
C TYR A 115 19.68 7.44 22.72
N THR A 116 19.96 7.59 24.02
CA THR A 116 19.21 8.54 24.84
C THR A 116 19.46 9.97 24.41
N VAL A 117 20.71 10.30 24.03
CA VAL A 117 21.02 11.66 23.60
C VAL A 117 20.17 12.04 22.40
N ASN A 118 20.17 11.19 21.36
CA ASN A 118 19.39 11.49 20.17
C ASN A 118 17.90 11.54 20.49
N LEU A 119 17.43 10.58 21.31
CA LEU A 119 16.00 10.45 21.59
C LEU A 119 15.47 11.69 22.31
N TYR A 120 16.23 12.21 23.26
CA TYR A 120 15.77 13.39 24.00
C TYR A 120 16.19 14.70 23.36
N SER A 121 17.04 14.68 22.33
CA SER A 121 17.42 15.93 21.67
C SER A 121 16.57 16.25 20.45
N SER A 122 16.11 15.24 19.71
CA SER A 122 15.34 15.53 18.50
C SER A 122 14.03 16.25 18.82
N VAL A 123 13.32 15.81 19.86
CA VAL A 123 12.05 16.44 20.22
C VAL A 123 12.26 17.88 20.67
N LEU A 124 13.32 18.13 21.44
CA LEU A 124 13.60 19.49 21.88
C LEU A 124 13.97 20.39 20.70
N ILE A 125 14.70 19.85 19.72
CA ILE A 125 14.99 20.63 18.52
C ILE A 125 13.70 20.97 17.78
N LEU A 126 12.77 20.01 17.69
CA LEU A 126 11.49 20.30 17.05
C LEU A 126 10.71 21.38 17.80
N ALA A 127 10.72 21.30 19.13
CA ALA A 127 10.03 22.32 19.92
C ALA A 127 10.65 23.69 19.70
N PHE A 128 11.98 23.75 19.58
CA PHE A 128 12.63 25.03 19.30
C PHE A 128 12.25 25.56 17.92
N ILE A 129 12.13 24.66 16.94
CA ILE A 129 11.68 25.10 15.61
C ILE A 129 10.28 25.69 15.69
N SER A 130 9.39 25.03 16.43
CA SER A 130 8.03 25.54 16.60
C SER A 130 8.03 26.90 17.30
N LEU A 131 8.85 27.04 18.34
CA LEU A 131 8.94 28.32 19.05
C LEU A 131 9.44 29.42 18.13
N ASP A 132 10.44 29.13 17.30
CA ASP A 132 10.94 30.11 16.35
C ASP A 132 9.86 30.51 15.35
N ARG A 133 9.08 29.53 14.88
CA ARG A 133 7.99 29.85 13.96
C ARG A 133 6.97 30.76 14.63
N TYR A 134 6.63 30.48 15.89
CA TYR A 134 5.67 31.31 16.62
C TYR A 134 6.20 32.73 16.76
N LEU A 135 7.46 32.88 17.16
CA LEU A 135 8.02 34.22 17.31
C LEU A 135 8.14 34.95 15.99
N ALA A 136 8.35 34.21 14.90
CA ALA A 136 8.50 34.84 13.59
C ALA A 136 7.16 35.29 13.02
N ILE A 137 6.09 34.57 13.31
CA ILE A 137 4.79 34.88 12.72
C ILE A 137 3.98 35.82 13.60
N VAL A 138 3.83 35.50 14.89
CA VAL A 138 2.97 36.29 15.76
C VAL A 138 3.57 37.66 16.05
N HIS A 139 4.88 37.71 16.30
CA HIS A 139 5.53 38.96 16.68
C HIS A 139 6.49 39.44 15.60
N ALA A 140 6.04 39.39 14.34
CA ALA A 140 6.89 39.77 13.22
C ALA A 140 7.23 41.25 13.20
N THR A 141 6.56 42.07 14.02
CA THR A 141 6.77 43.50 14.02
C THR A 141 8.22 43.86 14.30
N ASN A 142 8.70 43.56 15.52
CA ASN A 142 10.09 43.79 15.90
C ASN A 142 10.62 42.61 16.71
N SER A 143 11.16 41.62 16.01
CA SER A 143 11.76 40.48 16.69
C SER A 143 12.80 39.86 15.75
N GLN A 144 14.06 40.27 15.88
CA GLN A 144 15.15 39.58 15.21
C GLN A 144 16.24 39.25 16.23
N ARG A 145 16.49 40.18 17.14
CA ARG A 145 17.45 39.93 18.23
C ARG A 145 16.96 38.82 19.15
N PRO A 146 15.70 38.80 19.59
CA PRO A 146 15.24 37.64 20.37
C PRO A 146 15.42 36.33 19.63
N ARG A 147 15.11 36.29 18.33
CA ARG A 147 15.25 35.04 17.59
C ARG A 147 16.71 34.60 17.51
N LYS A 148 17.63 35.54 17.23
CA LYS A 148 19.03 35.17 17.12
C LYS A 148 19.58 34.68 18.46
N LEU A 149 19.35 35.45 19.53
CA LEU A 149 19.86 35.06 20.83
C LEU A 149 19.28 33.74 21.28
N LEU A 150 17.96 33.60 21.17
CA LEU A 150 17.31 32.35 21.52
C LEU A 150 17.94 31.23 20.73
N ALA A 151 17.97 31.39 19.42
CA ALA A 151 18.54 30.36 18.55
C ALA A 151 19.88 29.87 19.06
N GLU A 152 20.88 30.73 19.09
CA GLU A 152 22.22 30.31 19.47
C GLU A 152 22.27 29.77 20.91
N LYS A 153 22.09 30.67 21.87
CA LYS A 153 22.45 30.31 23.23
C LYS A 153 21.46 29.32 23.82
N VAL A 154 20.17 29.55 23.63
CA VAL A 154 19.19 28.64 24.18
C VAL A 154 19.18 27.28 23.50
N VAL A 155 19.45 27.19 22.18
CA VAL A 155 19.52 25.86 21.61
C VAL A 155 20.66 25.10 22.27
N TYR A 156 21.82 25.74 22.42
CA TYR A 156 22.91 25.03 23.09
C TYR A 156 22.48 24.55 24.47
N VAL A 157 22.20 25.46 25.39
CA VAL A 157 21.85 25.00 26.74
C VAL A 157 20.58 24.16 26.74
N GLY A 158 19.44 24.77 26.42
CA GLY A 158 18.17 24.07 26.49
C GLY A 158 18.02 22.75 25.74
N VAL A 159 18.69 22.60 24.61
CA VAL A 159 18.52 21.39 23.82
C VAL A 159 19.55 20.32 24.15
N TRP A 160 20.69 20.71 24.71
CA TRP A 160 21.75 19.73 24.95
C TRP A 160 21.92 19.34 26.41
N ILE A 161 22.16 20.31 27.28
CA ILE A 161 22.43 20.00 28.69
C ILE A 161 21.39 19.02 29.23
N PRO A 162 20.08 19.26 29.07
CA PRO A 162 19.10 18.29 29.59
C PRO A 162 19.25 16.90 29.01
N ALA A 163 19.66 16.78 27.74
CA ALA A 163 19.88 15.46 27.15
C ALA A 163 20.95 14.70 27.92
N LEU A 164 22.07 15.36 28.22
CA LEU A 164 23.12 14.72 29.01
C LEU A 164 22.63 14.41 30.42
N LEU A 165 21.86 15.32 31.01
CA LEU A 165 21.35 15.07 32.36
C LEU A 165 20.42 13.86 32.39
N LEU A 166 19.70 13.59 31.30
CA LEU A 166 18.85 12.42 31.25
C LEU A 166 19.62 11.17 30.80
N THR A 167 20.81 11.36 30.22
CA THR A 167 21.68 10.20 29.98
C THR A 167 22.46 9.82 31.22
N ILE A 168 22.47 10.70 32.23
CA ILE A 168 23.14 10.40 33.50
C ILE A 168 22.70 9.05 34.07
N PRO A 169 21.39 8.70 34.10
CA PRO A 169 21.01 7.37 34.59
C PRO A 169 21.55 6.22 33.76
N ASP A 170 21.88 6.48 32.49
CA ASP A 170 22.36 5.42 31.61
C ASP A 170 23.73 4.92 32.05
N PHE A 171 24.61 5.84 32.47
CA PHE A 171 25.93 5.46 32.93
C PHE A 171 25.83 4.55 34.15
N ILE A 172 24.95 4.90 35.07
CA ILE A 172 24.81 4.18 36.35
C ILE A 172 24.19 2.82 36.14
N PHE A 173 23.16 2.73 35.28
CA PHE A 173 22.28 1.57 35.28
C PHE A 173 22.50 0.61 34.12
N ALA A 174 22.97 1.08 32.97
CA ALA A 174 23.14 0.19 31.84
C ALA A 174 24.23 -0.84 32.13
N ASN A 175 23.92 -2.09 31.79
CA ASN A 175 24.82 -3.21 32.08
C ASN A 175 24.41 -4.44 31.31
N VAL A 176 25.31 -5.42 31.20
CA VAL A 176 25.02 -6.71 30.57
C VAL A 176 25.19 -7.80 31.62
N SER A 177 24.16 -8.62 31.80
CA SER A 177 24.19 -9.69 32.78
C SER A 177 23.64 -10.96 32.16
N GLU A 178 24.34 -12.07 32.37
CA GLU A 178 23.91 -13.36 31.84
C GLU A 178 23.00 -14.06 32.84
N ALA A 179 22.07 -14.86 32.31
CA ALA A 179 21.14 -15.64 33.11
C ALA A 179 20.96 -16.98 32.40
N ASP A 180 21.75 -17.98 32.81
CA ASP A 180 21.78 -19.28 32.17
C ASP A 180 22.09 -19.16 30.67
N ASP A 181 23.26 -18.57 30.40
CA ASP A 181 23.74 -18.34 29.03
C ASP A 181 22.75 -17.47 28.24
N ARG A 182 22.34 -16.36 28.85
CA ARG A 182 21.46 -15.38 28.21
C ARG A 182 22.05 -13.99 28.49
N TYR A 183 22.94 -13.55 27.61
CA TYR A 183 23.63 -12.27 27.76
C TYR A 183 22.77 -11.18 27.15
N ILE A 184 22.22 -10.30 27.98
CA ILE A 184 21.33 -9.24 27.55
C ILE A 184 21.89 -7.90 28.00
N CYS A 185 22.02 -6.97 27.06
CA CYS A 185 22.38 -5.58 27.36
C CYS A 185 21.08 -4.85 27.66
N ASP A 186 20.70 -4.83 28.94
CA ASP A 186 19.44 -4.26 29.37
C ASP A 186 19.65 -3.47 30.66
N ARG A 187 18.97 -2.32 30.74
CA ARG A 187 19.01 -1.52 31.96
C ARG A 187 18.41 -2.31 33.11
N PHE A 188 19.11 -2.34 34.24
CA PHE A 188 18.70 -3.13 35.40
C PHE A 188 18.51 -2.22 36.60
N TYR A 189 17.39 -2.42 37.30
CA TYR A 189 17.05 -1.65 38.48
C TYR A 189 16.74 -2.62 39.63
N PRO A 190 16.98 -2.19 40.87
CA PRO A 190 16.67 -3.07 42.01
C PRO A 190 15.20 -3.46 42.12
N ASN A 191 14.27 -2.56 41.77
CA ASN A 191 12.86 -2.82 41.92
C ASN A 191 12.12 -2.38 40.65
N ASP A 192 10.86 -2.80 40.55
CA ASP A 192 10.01 -2.39 39.44
C ASP A 192 9.51 -0.97 39.59
N LEU A 193 9.58 -0.39 40.79
CA LEU A 193 9.19 1.00 40.97
C LEU A 193 10.08 1.93 40.15
N TRP A 194 11.38 1.66 40.12
CA TRP A 194 12.27 2.42 39.26
C TRP A 194 11.87 2.25 37.80
N VAL A 195 11.49 1.03 37.41
CA VAL A 195 11.12 0.78 36.02
C VAL A 195 9.92 1.62 35.63
N VAL A 196 8.87 1.60 36.44
CA VAL A 196 7.66 2.33 36.08
C VAL A 196 7.91 3.83 36.14
N VAL A 197 8.69 4.30 37.12
CA VAL A 197 8.98 5.72 37.23
C VAL A 197 9.73 6.21 35.99
N PHE A 198 10.72 5.44 35.55
CA PHE A 198 11.51 5.87 34.39
C PHE A 198 10.72 5.74 33.09
N GLN A 199 9.84 4.74 32.97
CA GLN A 199 8.98 4.68 31.78
C GLN A 199 8.03 5.86 31.73
N PHE A 200 7.43 6.23 32.87
CA PHE A 200 6.54 7.38 32.89
C PHE A 200 7.30 8.66 32.60
N GLN A 201 8.52 8.79 33.12
CA GLN A 201 9.34 9.96 32.80
C GLN A 201 9.67 10.01 31.31
N HIS A 202 9.98 8.86 30.72
CA HIS A 202 10.27 8.81 29.29
C HIS A 202 9.06 9.29 28.49
N ILE A 203 7.87 8.79 28.84
CA ILE A 203 6.66 9.21 28.15
C ILE A 203 6.45 10.72 28.30
N MET A 204 6.56 11.21 29.53
CA MET A 204 6.26 12.61 29.81
C MET A 204 7.19 13.56 29.08
N VAL A 205 8.50 13.25 29.08
CA VAL A 205 9.45 14.15 28.41
C VAL A 205 9.58 13.89 26.93
N GLY A 206 9.06 12.76 26.42
CA GLY A 206 9.16 12.48 25.01
C GLY A 206 7.96 12.89 24.20
N LEU A 207 6.75 12.75 24.74
CA LEU A 207 5.55 13.02 23.99
C LEU A 207 4.74 14.18 24.56
N ILE A 208 4.41 14.14 25.84
CA ILE A 208 3.41 15.06 26.39
C ILE A 208 3.97 16.47 26.51
N LEU A 209 5.13 16.61 27.14
CA LEU A 209 5.66 17.94 27.43
C LEU A 209 5.97 18.77 26.19
N PRO A 210 6.68 18.25 25.17
CA PRO A 210 6.94 19.09 23.99
C PRO A 210 5.74 19.15 23.04
N GLY A 211 4.90 18.11 23.08
CA GLY A 211 3.71 18.12 22.24
C GLY A 211 2.77 19.25 22.59
N ILE A 212 2.61 19.54 23.87
CA ILE A 212 1.75 20.65 24.30
C ILE A 212 2.29 21.96 23.77
N VAL A 213 3.61 22.16 23.86
CA VAL A 213 4.20 23.42 23.39
C VAL A 213 4.01 23.56 21.89
N ILE A 214 4.24 22.49 21.13
CA ILE A 214 4.09 22.54 19.69
C ILE A 214 2.64 22.85 19.32
N LEU A 215 1.70 22.15 19.96
CA LEU A 215 0.29 22.37 19.66
C LEU A 215 -0.15 23.78 19.99
N SER A 216 0.28 24.30 21.15
CA SER A 216 -0.10 25.67 21.52
C SER A 216 0.44 26.68 20.54
N CYS A 217 1.73 26.54 20.18
CA CYS A 217 2.33 27.49 19.24
C CYS A 217 1.63 27.47 17.90
N TYR A 218 1.34 26.28 17.37
CA TYR A 218 0.73 26.21 16.05
C TYR A 218 -0.74 26.62 16.08
N CYS A 219 -1.46 26.34 17.16
CA CYS A 219 -2.83 26.82 17.27
C CYS A 219 -2.88 28.34 17.33
N ILE A 220 -1.97 28.97 18.08
CA ILE A 220 -1.95 30.42 18.14
C ILE A 220 -1.57 30.99 16.77
N ILE A 221 -0.63 30.34 16.07
CA ILE A 221 -0.27 30.79 14.73
C ILE A 221 -1.48 30.72 13.79
N ILE A 222 -2.22 29.61 13.84
CA ILE A 222 -3.39 29.45 12.97
C ILE A 222 -4.44 30.50 13.29
N SER A 223 -4.68 30.77 14.58
CA SER A 223 -5.65 31.79 14.95
C SER A 223 -5.21 33.17 14.46
N LYS A 224 -3.91 33.46 14.51
CA LYS A 224 -3.43 34.75 14.05
C LYS A 224 -3.21 34.80 12.54
N LEU A 225 -3.39 33.68 11.84
CA LEU A 225 -3.16 33.65 10.38
C LEU A 225 -4.44 34.02 9.64
N SER A 226 -4.89 35.26 9.84
CA SER A 226 -6.10 35.76 9.21
C SER A 226 -5.89 37.18 8.72
N HIS A 227 -4.74 37.43 8.09
CA HIS A 227 -4.42 38.75 7.54
C HIS A 227 -4.14 38.61 6.04
N SER A 228 -4.73 39.51 5.26
CA SER A 228 -4.59 39.53 3.80
C SER A 228 -5.07 38.19 3.25
N LYS A 229 -4.23 37.40 2.58
CA LYS A 229 -4.64 36.12 2.02
C LYS A 229 -3.42 35.22 1.93
N GLY A 230 -3.56 34.12 1.18
CA GLY A 230 -2.47 33.18 1.00
C GLY A 230 -1.22 33.80 0.39
N HIS A 231 -0.08 33.56 1.02
CA HIS A 231 1.18 34.12 0.58
C HIS A 231 2.31 33.30 1.20
N GLN A 232 3.54 33.81 1.11
CA GLN A 232 4.66 33.13 1.73
C GLN A 232 4.50 33.01 3.24
N LYS A 233 3.81 33.98 3.86
CA LYS A 233 3.52 33.91 5.28
C LYS A 233 2.65 32.71 5.63
N ARG A 234 1.87 32.20 4.68
CA ARG A 234 1.05 31.01 4.88
C ARG A 234 1.71 29.73 4.40
N LYS A 235 2.59 29.82 3.41
CA LYS A 235 3.25 28.65 2.85
C LYS A 235 4.61 28.37 3.47
N ALA A 236 5.06 29.19 4.42
CA ALA A 236 6.35 28.97 5.06
C ALA A 236 6.29 27.85 6.12
N LEU A 237 5.10 27.48 6.57
CA LEU A 237 4.94 26.49 7.63
C LEU A 237 4.82 25.07 7.11
N LYS A 238 4.76 24.87 5.79
CA LYS A 238 4.44 23.56 5.25
C LYS A 238 5.53 22.54 5.60
N THR A 239 6.79 22.88 5.34
CA THR A 239 7.88 21.95 5.60
C THR A 239 7.99 21.63 7.09
N THR A 240 7.90 22.66 7.93
CA THR A 240 8.01 22.43 9.38
C THR A 240 6.89 21.55 9.89
N VAL A 241 5.65 21.82 9.46
CA VAL A 241 4.53 21.04 9.97
C VAL A 241 4.61 19.60 9.44
N ILE A 242 5.02 19.41 8.19
CA ILE A 242 5.17 18.06 7.67
C ILE A 242 6.21 17.29 8.46
N LEU A 243 7.35 17.94 8.75
CA LEU A 243 8.40 17.29 9.53
C LEU A 243 7.89 16.89 10.91
N ILE A 244 7.16 17.79 11.57
CA ILE A 244 6.70 17.51 12.94
C ILE A 244 5.67 16.38 12.95
N LEU A 245 4.69 16.43 12.04
CA LEU A 245 3.70 15.36 12.01
C LEU A 245 4.33 14.02 11.66
N ALA A 246 5.29 14.00 10.74
CA ALA A 246 5.95 12.73 10.42
C ALA A 246 6.70 12.20 11.64
N PHE A 247 7.43 13.09 12.33
CA PHE A 247 8.19 12.68 13.51
C PHE A 247 7.28 12.05 14.55
N PHE A 248 6.13 12.68 14.82
CA PHE A 248 5.26 12.15 15.86
C PHE A 248 4.47 10.92 15.39
N ALA A 249 4.14 10.85 14.09
CA ALA A 249 3.41 9.71 13.57
C ALA A 249 4.25 8.44 13.63
N CYS A 250 5.54 8.52 13.32
CA CYS A 250 6.36 7.31 13.43
C CYS A 250 6.64 6.92 14.87
N TRP A 251 6.30 7.75 15.85
CA TRP A 251 6.59 7.44 17.25
C TRP A 251 5.38 7.04 18.09
N LEU A 252 4.17 7.49 17.73
CA LEU A 252 3.00 7.22 18.56
C LEU A 252 2.78 5.75 18.92
N PRO A 253 2.82 4.78 17.99
CA PRO A 253 2.51 3.39 18.40
C PRO A 253 3.48 2.84 19.43
N TYR A 254 4.76 3.21 19.37
CA TYR A 254 5.71 2.77 20.39
C TYR A 254 5.34 3.32 21.76
N TYR A 255 4.93 4.59 21.80
CA TYR A 255 4.51 5.19 23.06
C TYR A 255 3.26 4.51 23.62
N ILE A 256 2.32 4.17 22.74
CA ILE A 256 1.13 3.44 23.19
C ILE A 256 1.53 2.09 23.78
N GLY A 257 2.45 1.38 23.11
CA GLY A 257 2.88 0.09 23.62
C GLY A 257 3.56 0.19 24.98
N ILE A 258 4.46 1.17 25.14
CA ILE A 258 5.17 1.27 26.41
C ILE A 258 4.22 1.73 27.52
N SER A 259 3.26 2.59 27.20
CA SER A 259 2.27 2.99 28.19
C SER A 259 1.45 1.79 28.65
N ILE A 260 1.02 0.96 27.71
CA ILE A 260 0.26 -0.23 28.08
C ILE A 260 1.11 -1.15 28.94
N ASP A 261 2.37 -1.36 28.58
CA ASP A 261 3.23 -2.24 29.37
C ASP A 261 3.43 -1.70 30.77
N SER A 262 3.67 -0.39 30.91
CA SER A 262 3.84 0.20 32.22
C SER A 262 2.59 0.05 33.07
N PHE A 263 1.42 0.19 32.45
CA PHE A 263 0.18 -0.05 33.19
C PHE A 263 0.07 -1.51 33.62
N ILE A 264 0.50 -2.44 32.78
CA ILE A 264 0.54 -3.85 33.19
C ILE A 264 1.45 -4.01 34.39
N LEU A 265 2.52 -3.22 34.46
CA LEU A 265 3.48 -3.37 35.56
C LEU A 265 2.84 -3.05 36.91
N LEU A 266 1.99 -2.03 36.96
CA LEU A 266 1.35 -1.65 38.24
C LEU A 266 0.01 -2.35 38.43
N GLU A 267 -0.01 -3.67 38.22
CA GLU A 267 -1.16 -4.54 38.50
C GLU A 267 -2.50 -3.86 38.17
N ILE A 268 -2.58 -3.29 36.97
CA ILE A 268 -3.78 -2.63 36.50
C ILE A 268 -4.44 -3.40 35.35
N ILE A 269 -3.63 -3.94 34.44
CA ILE A 269 -4.15 -4.62 33.26
C ILE A 269 -3.77 -6.10 33.37
N LYS A 270 -3.79 -6.63 34.60
CA LYS A 270 -3.49 -8.04 34.79
C LYS A 270 -4.43 -8.91 33.97
N GLN A 271 -3.90 -9.55 32.93
CA GLN A 271 -4.72 -10.35 32.03
C GLN A 271 -4.05 -11.67 31.64
N GLY A 272 -2.96 -12.05 32.29
CA GLY A 272 -2.24 -13.26 31.96
C GLY A 272 -0.86 -12.96 31.40
N CYS A 273 -0.13 -14.03 31.13
CA CYS A 273 1.24 -13.93 30.62
C CYS A 273 1.31 -13.80 29.11
N GLU A 274 0.20 -13.97 28.39
CA GLU A 274 0.20 -13.92 26.94
C GLU A 274 0.04 -12.51 26.38
N PHE A 275 -0.22 -11.52 27.23
CA PHE A 275 -0.32 -10.13 26.79
C PHE A 275 1.03 -9.43 26.77
N GLU A 276 1.91 -9.77 27.71
CA GLU A 276 3.21 -9.13 27.80
C GLU A 276 4.07 -9.42 26.57
N ASN A 277 4.04 -10.67 26.08
CA ASN A 277 4.82 -11.00 24.90
C ASN A 277 4.35 -10.22 23.68
N THR A 278 3.03 -10.11 23.51
CA THR A 278 2.49 -9.35 22.39
C THR A 278 2.88 -7.88 22.47
N VAL A 279 2.78 -7.29 23.66
CA VAL A 279 3.13 -5.87 23.77
C VAL A 279 4.64 -5.67 23.56
N HIS A 280 5.47 -6.64 24.00
CA HIS A 280 6.90 -6.54 23.75
C HIS A 280 7.22 -6.55 22.26
N LYS A 281 6.58 -7.46 21.51
CA LYS A 281 6.80 -7.50 20.07
C LYS A 281 6.33 -6.21 19.40
N TRP A 282 5.19 -5.68 19.85
CA TRP A 282 4.73 -4.37 19.38
C TRP A 282 5.80 -3.31 19.59
N ILE A 283 6.39 -3.29 20.78
CA ILE A 283 7.42 -2.31 21.11
C ILE A 283 8.61 -2.43 20.17
N SER A 284 9.06 -3.67 19.92
CA SER A 284 10.23 -3.87 19.07
C SER A 284 9.99 -3.36 17.65
N ILE A 285 8.87 -3.79 17.04
CA ILE A 285 8.62 -3.38 15.65
C ILE A 285 8.44 -1.86 15.57
N THR A 286 7.80 -1.26 16.57
CA THR A 286 7.59 0.17 16.54
C THR A 286 8.89 0.95 16.76
N GLU A 287 9.82 0.40 17.53
CA GLU A 287 11.16 0.99 17.61
C GLU A 287 11.83 1.01 16.24
N ALA A 288 11.71 -0.11 15.51
CA ALA A 288 12.29 -0.14 14.17
C ALA A 288 11.68 0.95 13.28
N LEU A 289 10.37 1.13 13.35
CA LEU A 289 9.74 2.17 12.53
C LEU A 289 10.13 3.57 12.98
N ALA A 290 10.38 3.78 14.27
CA ALA A 290 10.90 5.08 14.70
C ALA A 290 12.28 5.35 14.09
N PHE A 291 13.14 4.34 14.06
CA PHE A 291 14.41 4.54 13.37
C PHE A 291 14.18 4.84 11.89
N PHE A 292 13.12 4.27 11.31
CA PHE A 292 12.72 4.67 9.96
C PHE A 292 12.45 6.17 9.88
N HIS A 293 11.84 6.75 10.91
CA HIS A 293 11.66 8.21 10.92
C HIS A 293 13.01 8.91 10.92
N CYS A 294 13.95 8.38 11.70
CA CYS A 294 15.29 8.96 11.77
C CYS A 294 15.91 9.04 10.39
N CYS A 295 15.64 8.05 9.55
CA CYS A 295 16.02 8.15 8.14
C CYS A 295 15.12 9.05 7.33
N LEU A 296 13.84 9.15 7.70
CA LEU A 296 12.88 9.91 6.90
C LEU A 296 13.17 11.40 6.90
N ASN A 297 13.90 11.90 7.90
CA ASN A 297 14.18 13.34 7.92
C ASN A 297 14.92 13.82 6.67
N PRO A 298 16.11 13.28 6.31
CA PRO A 298 16.79 13.80 5.11
C PRO A 298 16.01 13.57 3.82
N ILE A 299 15.17 12.53 3.78
CA ILE A 299 14.31 12.32 2.61
C ILE A 299 13.37 13.51 2.43
N LEU A 300 12.77 13.97 3.53
CA LEU A 300 11.99 15.21 3.48
C LEU A 300 12.85 16.39 3.08
N TYR A 301 14.13 16.33 3.40
CA TYR A 301 15.06 17.39 3.02
C TYR A 301 15.39 17.35 1.53
N ALA A 302 15.14 16.21 0.88
CA ALA A 302 15.49 16.07 -0.53
C ALA A 302 14.44 16.69 -1.44
N PHE A 303 13.16 16.45 -1.17
CA PHE A 303 12.10 16.86 -2.09
C PHE A 303 12.03 18.37 -2.24
N LEU A 304 12.09 19.09 -1.11
CA LEU A 304 11.96 20.55 -1.10
C LEU A 304 10.67 20.99 -1.78
N GLU B 25 -29.54 -23.01 20.01
CA GLU B 25 -28.63 -23.10 21.14
C GLU B 25 -27.45 -22.15 20.98
N PRO B 26 -27.39 -21.14 21.84
CA PRO B 26 -26.27 -20.18 21.77
C PRO B 26 -24.93 -20.86 21.99
N CYS B 27 -23.92 -20.39 21.26
CA CYS B 27 -22.58 -20.95 21.36
C CYS B 27 -21.81 -20.29 22.50
N PHE B 28 -20.54 -20.67 22.64
CA PHE B 28 -19.70 -20.17 23.72
C PHE B 28 -18.33 -19.84 23.14
N ARG B 29 -17.35 -19.63 24.03
CA ARG B 29 -15.97 -19.32 23.66
C ARG B 29 -15.88 -18.00 22.89
N GLU B 30 -16.55 -16.98 23.42
CA GLU B 30 -16.51 -15.64 22.85
C GLU B 30 -15.60 -14.78 23.73
N GLU B 31 -14.48 -14.34 23.16
CA GLU B 31 -13.53 -13.50 23.88
C GLU B 31 -12.70 -12.72 22.88
N ASN B 32 -12.10 -11.64 23.37
CA ASN B 32 -11.28 -10.78 22.52
C ASN B 32 -9.89 -11.38 22.35
N ALA B 33 -9.36 -11.25 21.14
CA ALA B 33 -8.02 -11.75 20.85
C ALA B 33 -6.96 -10.87 21.51
N ASN B 34 -5.81 -11.47 21.81
CA ASN B 34 -4.74 -10.72 22.46
C ASN B 34 -4.20 -9.62 21.56
N PHE B 35 -4.09 -9.88 20.25
CA PHE B 35 -3.62 -8.85 19.34
C PHE B 35 -4.61 -7.70 19.22
N ASN B 36 -5.91 -7.99 19.31
CA ASN B 36 -6.90 -6.93 19.21
C ASN B 36 -6.81 -5.96 20.38
N LYS B 37 -6.52 -6.49 21.58
CA LYS B 37 -6.44 -5.65 22.78
C LYS B 37 -5.35 -4.59 22.66
N ILE B 38 -4.39 -4.76 21.76
CA ILE B 38 -3.38 -3.75 21.51
C ILE B 38 -3.62 -3.00 20.20
N PHE B 39 -4.25 -3.64 19.21
CA PHE B 39 -4.49 -2.98 17.94
C PHE B 39 -5.59 -1.92 18.05
N LEU B 40 -6.69 -2.25 18.72
CA LEU B 40 -7.80 -1.31 18.81
C LEU B 40 -7.44 -0.03 19.56
N PRO B 41 -6.80 -0.06 20.73
CA PRO B 41 -6.44 1.21 21.39
C PRO B 41 -5.54 2.10 20.56
N THR B 42 -4.67 1.55 19.71
CA THR B 42 -3.84 2.37 18.85
C THR B 42 -4.70 3.19 17.89
N ILE B 43 -5.66 2.53 17.24
CA ILE B 43 -6.56 3.21 16.32
C ILE B 43 -7.37 4.27 17.06
N TYR B 44 -7.88 3.89 18.25
CA TYR B 44 -8.71 4.83 19.01
C TYR B 44 -7.91 6.05 19.43
N SER B 45 -6.66 5.87 19.84
CA SER B 45 -5.84 7.00 20.28
C SER B 45 -5.46 7.89 19.11
N ILE B 46 -5.10 7.30 17.96
CA ILE B 46 -4.80 8.12 16.79
C ILE B 46 -6.01 8.95 16.40
N ILE B 47 -7.20 8.33 16.43
CA ILE B 47 -8.41 9.05 16.08
C ILE B 47 -8.71 10.13 17.11
N PHE B 48 -8.56 9.83 18.39
CA PHE B 48 -8.63 10.81 19.47
C PHE B 48 -7.85 12.06 19.08
N LEU B 49 -6.54 11.90 18.90
CA LEU B 49 -5.68 13.07 18.69
C LEU B 49 -6.06 13.81 17.41
N THR B 50 -6.14 13.09 16.29
CA THR B 50 -6.36 13.75 15.00
C THR B 50 -7.72 14.44 14.96
N GLY B 51 -8.77 13.74 15.39
CA GLY B 51 -10.10 14.32 15.37
C GLY B 51 -10.23 15.52 16.27
N ILE B 52 -9.72 15.42 17.51
CA ILE B 52 -9.84 16.56 18.42
C ILE B 52 -9.14 17.77 17.85
N VAL B 53 -7.89 17.61 17.39
CA VAL B 53 -7.14 18.76 16.89
C VAL B 53 -7.83 19.36 15.66
N GLY B 54 -8.17 18.51 14.68
CA GLY B 54 -8.74 19.02 13.45
C GLY B 54 -10.09 19.68 13.65
N ASN B 55 -10.97 19.02 14.40
CA ASN B 55 -12.31 19.57 14.61
C ASN B 55 -12.26 20.85 15.44
N GLY B 56 -11.42 20.88 16.47
CA GLY B 56 -11.27 22.12 17.24
C GLY B 56 -10.78 23.26 16.38
N LEU B 57 -9.77 23.01 15.55
CA LEU B 57 -9.25 24.07 14.69
C LEU B 57 -10.31 24.53 13.69
N VAL B 58 -11.06 23.59 13.12
CA VAL B 58 -12.10 23.95 12.15
C VAL B 58 -13.17 24.80 12.81
N ILE B 59 -13.62 24.40 14.00
CA ILE B 59 -14.63 25.16 14.72
C ILE B 59 -14.12 26.55 15.04
N LEU B 60 -12.89 26.65 15.55
CA LEU B 60 -12.33 27.95 15.91
C LEU B 60 -12.23 28.87 14.69
N VAL B 61 -11.79 28.33 13.55
CA VAL B 61 -11.63 29.16 12.37
C VAL B 61 -12.98 29.58 11.80
N MET B 62 -13.95 28.67 11.78
CA MET B 62 -15.21 28.92 11.08
C MET B 62 -16.23 29.65 11.96
N GLY B 63 -16.58 29.06 13.10
CA GLY B 63 -17.66 29.63 13.90
C GLY B 63 -17.25 30.90 14.62
N TYR B 64 -16.16 30.85 15.39
CA TYR B 64 -15.75 31.98 16.20
C TYR B 64 -15.40 33.19 15.33
N GLN B 65 -14.67 32.96 14.24
CA GLN B 65 -14.31 34.03 13.33
C GLN B 65 -15.34 34.08 12.19
N LYS B 66 -15.07 34.91 11.19
CA LYS B 66 -15.97 35.09 10.05
C LYS B 66 -15.29 34.52 8.81
N LYS B 67 -15.51 33.24 8.54
CA LYS B 67 -14.92 32.57 7.39
C LYS B 67 -15.94 31.77 6.59
N LEU B 68 -17.24 31.94 6.87
CA LEU B 68 -18.28 31.23 6.14
C LEU B 68 -18.64 32.05 4.91
N ARG B 69 -18.00 31.75 3.78
CA ARG B 69 -18.29 32.42 2.53
C ARG B 69 -19.37 31.70 1.73
N SER B 70 -19.35 30.37 1.72
CA SER B 70 -20.32 29.57 1.00
C SER B 70 -21.36 29.02 1.97
N MET B 71 -22.25 28.17 1.46
CA MET B 71 -23.29 27.56 2.28
C MET B 71 -22.95 26.16 2.76
N THR B 72 -21.93 25.52 2.17
CA THR B 72 -21.49 24.21 2.65
C THR B 72 -20.72 24.31 3.95
N ASP B 73 -20.18 25.49 4.27
CA ASP B 73 -19.38 25.65 5.48
C ASP B 73 -20.21 25.46 6.74
N LYS B 74 -21.48 25.86 6.73
CA LYS B 74 -22.33 25.68 7.90
C LYS B 74 -22.59 24.21 8.17
N TYR B 75 -22.89 23.43 7.13
CA TYR B 75 -23.07 22.00 7.31
C TYR B 75 -21.77 21.34 7.75
N ARG B 76 -20.64 21.80 7.22
CA ARG B 76 -19.36 21.26 7.65
C ARG B 76 -19.09 21.60 9.11
N LEU B 77 -19.53 22.77 9.58
CA LEU B 77 -19.42 23.11 10.98
C LEU B 77 -20.27 22.19 11.86
N HIS B 78 -21.48 21.88 11.42
CA HIS B 78 -22.30 20.91 12.15
C HIS B 78 -21.61 19.56 12.22
N LEU B 79 -21.04 19.12 11.09
CA LEU B 79 -20.29 17.86 11.06
C LEU B 79 -19.13 17.90 12.04
N SER B 80 -18.40 19.03 12.08
CA SER B 80 -17.27 19.16 12.98
C SER B 80 -17.71 19.07 14.43
N VAL B 81 -18.83 19.70 14.78
CA VAL B 81 -19.32 19.63 16.15
C VAL B 81 -19.65 18.20 16.54
N ALA B 82 -20.37 17.48 15.67
CA ALA B 82 -20.73 16.11 15.99
C ALA B 82 -19.48 15.22 16.13
N ASP B 83 -18.52 15.38 15.22
CA ASP B 83 -17.31 14.58 15.28
C ASP B 83 -16.49 14.91 16.52
N LEU B 84 -16.46 16.19 16.90
CA LEU B 84 -15.74 16.58 18.12
C LEU B 84 -16.34 15.92 19.35
N LEU B 85 -17.67 15.90 19.44
CA LEU B 85 -18.30 15.21 20.57
C LEU B 85 -17.95 13.73 20.58
N PHE B 86 -17.99 13.08 19.42
CA PHE B 86 -17.68 11.65 19.38
C PHE B 86 -16.23 11.37 19.77
N VAL B 87 -15.28 12.15 19.24
CA VAL B 87 -13.89 11.89 19.56
C VAL B 87 -13.60 12.22 21.02
N ILE B 88 -14.34 13.16 21.62
CA ILE B 88 -14.25 13.34 23.06
C ILE B 88 -14.70 12.09 23.79
N THR B 89 -15.76 11.44 23.29
CA THR B 89 -16.24 10.22 23.92
C THR B 89 -15.24 9.06 23.79
N LEU B 90 -14.44 9.05 22.72
CA LEU B 90 -13.66 7.86 22.36
C LEU B 90 -12.75 7.26 23.44
N PRO B 91 -12.05 8.01 24.28
CA PRO B 91 -11.12 7.34 25.22
C PRO B 91 -11.77 6.30 26.12
N PHE B 92 -13.07 6.44 26.42
CA PHE B 92 -13.76 5.38 27.15
C PHE B 92 -13.83 4.12 26.31
N TRP B 93 -14.06 4.25 25.00
CA TRP B 93 -13.99 3.10 24.11
C TRP B 93 -12.61 2.46 24.17
N ALA B 94 -11.56 3.29 24.14
CA ALA B 94 -10.20 2.76 24.16
C ALA B 94 -9.91 1.99 25.45
N VAL B 95 -10.35 2.54 26.58
CA VAL B 95 -10.13 1.88 27.87
C VAL B 95 -10.93 0.58 27.93
N ASP B 96 -12.17 0.59 27.45
CA ASP B 96 -13.01 -0.60 27.51
C ASP B 96 -12.44 -1.71 26.64
N ALA B 97 -11.87 -1.37 25.48
CA ALA B 97 -11.38 -2.36 24.55
C ALA B 97 -10.27 -3.23 25.12
N VAL B 98 -9.59 -2.77 26.18
CA VAL B 98 -8.44 -3.49 26.71
C VAL B 98 -8.88 -4.59 27.68
N ALA B 99 -9.54 -4.20 28.77
CA ALA B 99 -9.88 -5.16 29.83
C ALA B 99 -11.37 -5.39 29.96
N ASN B 100 -12.15 -4.34 30.26
CA ASN B 100 -13.58 -4.51 30.56
C ASN B 100 -14.24 -3.16 30.81
N TRP B 101 -15.56 -3.17 30.99
CA TRP B 101 -16.31 -1.99 31.41
C TRP B 101 -16.80 -2.24 32.83
N TYR B 102 -16.11 -1.66 33.81
CA TYR B 102 -16.49 -1.84 35.22
C TYR B 102 -16.39 -0.53 35.98
N PHE B 103 -16.47 0.60 35.27
CA PHE B 103 -16.37 1.91 35.88
C PHE B 103 -17.66 2.71 35.75
N GLY B 104 -18.80 2.07 35.94
CA GLY B 104 -20.06 2.76 36.09
C GLY B 104 -21.16 2.15 35.24
N ASN B 105 -22.33 2.77 35.32
CA ASN B 105 -23.51 2.41 34.54
C ASN B 105 -24.05 3.56 33.73
N PHE B 106 -24.04 4.78 34.29
CA PHE B 106 -24.53 5.94 33.57
C PHE B 106 -23.59 6.34 32.44
N LEU B 107 -22.30 6.04 32.60
CA LEU B 107 -21.34 6.35 31.53
C LEU B 107 -21.58 5.52 30.29
N CYS B 108 -22.02 4.27 30.44
CA CYS B 108 -22.37 3.45 29.29
C CYS B 108 -23.52 4.08 28.51
N LYS B 109 -24.56 4.53 29.21
CA LYS B 109 -25.68 5.18 28.55
C LYS B 109 -25.23 6.46 27.85
N ALA B 110 -24.40 7.26 28.52
CA ALA B 110 -23.94 8.51 27.90
C ALA B 110 -23.14 8.23 26.63
N VAL B 111 -22.20 7.28 26.71
CA VAL B 111 -21.36 6.96 25.56
C VAL B 111 -22.23 6.51 24.40
N HIS B 112 -23.20 5.63 24.66
CA HIS B 112 -24.10 5.20 23.61
C HIS B 112 -24.90 6.37 23.04
N VAL B 113 -25.27 7.34 23.88
CA VAL B 113 -26.08 8.45 23.41
C VAL B 113 -25.31 9.32 22.42
N ILE B 114 -24.07 9.72 22.78
CA ILE B 114 -23.33 10.52 21.80
C ILE B 114 -22.96 9.69 20.57
N TYR B 115 -22.66 8.40 20.75
CA TYR B 115 -22.40 7.54 19.60
C TYR B 115 -23.56 7.60 18.60
N THR B 116 -24.78 7.37 19.09
CA THR B 116 -25.94 7.35 18.21
C THR B 116 -26.22 8.73 17.62
N VAL B 117 -26.03 9.79 18.41
CA VAL B 117 -26.27 11.15 17.90
C VAL B 117 -25.37 11.44 16.71
N ASN B 118 -24.06 11.18 16.86
CA ASN B 118 -23.14 11.44 15.75
C ASN B 118 -23.45 10.54 14.57
N LEU B 119 -23.74 9.25 14.84
CA LEU B 119 -23.94 8.28 13.78
C LEU B 119 -25.14 8.64 12.92
N TYR B 120 -26.23 9.07 13.54
CA TYR B 120 -27.42 9.43 12.77
C TYR B 120 -27.45 10.87 12.33
N SER B 121 -26.52 11.71 12.79
CA SER B 121 -26.51 13.11 12.35
C SER B 121 -25.58 13.35 11.17
N SER B 122 -24.45 12.63 11.08
CA SER B 122 -23.51 12.88 9.99
C SER B 122 -24.13 12.59 8.62
N VAL B 123 -24.85 11.48 8.51
CA VAL B 123 -25.46 11.12 7.22
C VAL B 123 -26.52 12.14 6.81
N LEU B 124 -27.32 12.60 7.78
CA LEU B 124 -28.33 13.60 7.46
C LEU B 124 -27.69 14.93 7.04
N ILE B 125 -26.57 15.30 7.67
CA ILE B 125 -25.86 16.50 7.24
C ILE B 125 -25.36 16.33 5.81
N LEU B 126 -24.84 15.15 5.47
CA LEU B 126 -24.40 14.90 4.10
C LEU B 126 -25.56 15.00 3.12
N ALA B 127 -26.72 14.44 3.48
CA ALA B 127 -27.89 14.52 2.61
C ALA B 127 -28.33 15.97 2.41
N PHE B 128 -28.24 16.78 3.47
CA PHE B 128 -28.58 18.19 3.32
C PHE B 128 -27.58 18.92 2.41
N ILE B 129 -26.31 18.56 2.49
CA ILE B 129 -25.32 19.14 1.57
C ILE B 129 -25.67 18.79 0.13
N SER B 130 -26.02 17.53 -0.11
CA SER B 130 -26.42 17.11 -1.45
C SER B 130 -27.65 17.85 -1.94
N LEU B 131 -28.65 18.01 -1.06
CA LEU B 131 -29.86 18.74 -1.42
C LEU B 131 -29.54 20.19 -1.76
N ASP B 132 -28.66 20.83 -0.99
CA ASP B 132 -28.27 22.20 -1.29
C ASP B 132 -27.56 22.29 -2.63
N ARG B 133 -26.70 21.31 -2.93
CA ARG B 133 -26.04 21.31 -4.23
C ARG B 133 -27.05 21.17 -5.36
N TYR B 134 -28.03 20.29 -5.19
CA TYR B 134 -29.07 20.12 -6.21
C TYR B 134 -29.85 21.42 -6.43
N LEU B 135 -30.27 22.06 -5.34
CA LEU B 135 -31.01 23.31 -5.48
C LEU B 135 -30.16 24.42 -6.07
N ALA B 136 -28.85 24.41 -5.80
CA ALA B 136 -27.98 25.46 -6.31
C ALA B 136 -27.68 25.28 -7.79
N ILE B 137 -27.61 24.04 -8.27
CA ILE B 137 -27.23 23.79 -9.67
C ILE B 137 -28.45 23.72 -10.57
N VAL B 138 -29.45 22.91 -10.22
CA VAL B 138 -30.59 22.69 -11.11
C VAL B 138 -31.47 23.93 -11.19
N HIS B 139 -31.71 24.59 -10.06
CA HIS B 139 -32.62 25.73 -10.02
C HIS B 139 -31.87 27.02 -9.72
N ALA B 140 -30.73 27.23 -10.38
CA ALA B 140 -29.90 28.40 -10.13
C ALA B 140 -30.57 29.70 -10.57
N THR B 141 -31.67 29.63 -11.33
CA THR B 141 -32.33 30.82 -11.85
C THR B 141 -32.74 31.77 -10.72
N ASN B 142 -33.68 31.34 -9.88
CA ASN B 142 -34.12 32.13 -8.73
C ASN B 142 -34.31 31.22 -7.52
N SER B 143 -33.23 31.05 -6.75
CA SER B 143 -33.30 30.26 -5.52
C SER B 143 -32.19 30.72 -4.59
N GLN B 144 -32.48 31.66 -3.70
CA GLN B 144 -31.57 31.99 -2.62
C GLN B 144 -32.32 31.95 -1.30
N ARG B 145 -33.56 32.44 -1.30
CA ARG B 145 -34.40 32.35 -0.11
C ARG B 145 -34.73 30.91 0.26
N PRO B 146 -35.11 30.04 -0.68
CA PRO B 146 -35.28 28.62 -0.32
C PRO B 146 -34.02 28.03 0.29
N ARG B 147 -32.84 28.32 -0.28
CA ARG B 147 -31.61 27.76 0.26
C ARG B 147 -31.34 28.25 1.67
N LYS B 148 -31.51 29.56 1.92
CA LYS B 148 -31.25 30.09 3.25
C LYS B 148 -32.21 29.52 4.28
N LEU B 149 -33.51 29.55 3.98
CA LEU B 149 -34.49 29.04 4.93
C LEU B 149 -34.30 27.56 5.19
N LEU B 150 -34.13 26.78 4.12
CA LEU B 150 -33.88 25.36 4.27
C LEU B 150 -32.66 25.17 5.15
N ALA B 151 -31.56 25.81 4.76
CA ALA B 151 -30.32 25.68 5.51
C ALA B 151 -30.55 25.85 7.00
N GLU B 152 -30.97 27.03 7.43
CA GLU B 152 -31.11 27.30 8.87
C GLU B 152 -32.14 26.37 9.52
N LYS B 153 -33.40 26.58 9.17
CA LYS B 153 -34.46 25.98 10.00
C LYS B 153 -34.53 24.48 9.79
N VAL B 154 -34.46 24.03 8.55
CA VAL B 154 -34.54 22.60 8.30
C VAL B 154 -33.31 21.85 8.79
N VAL B 155 -32.10 22.43 8.72
CA VAL B 155 -30.98 21.69 9.29
C VAL B 155 -31.22 21.49 10.77
N TYR B 156 -31.65 22.55 11.48
CA TYR B 156 -31.91 22.36 12.90
C TYR B 156 -32.93 21.23 13.11
N VAL B 157 -34.16 21.41 12.67
CA VAL B 157 -35.15 20.37 12.93
C VAL B 157 -34.77 19.04 12.28
N GLY B 158 -34.77 19.00 10.95
CA GLY B 158 -34.51 17.75 10.24
C GLY B 158 -33.25 16.97 10.57
N VAL B 159 -32.17 17.66 10.92
CA VAL B 159 -30.91 16.96 11.17
C VAL B 159 -30.71 16.60 12.63
N TRP B 160 -31.38 17.30 13.53
CA TRP B 160 -31.15 17.06 14.96
C TRP B 160 -32.27 16.29 15.66
N ILE B 161 -33.48 16.82 15.60
CA ILE B 161 -34.59 16.20 16.33
C ILE B 161 -34.63 14.69 16.07
N PRO B 162 -34.60 14.22 14.82
CA PRO B 162 -34.62 12.76 14.60
C PRO B 162 -33.47 12.02 15.24
N ALA B 163 -32.29 12.64 15.33
CA ALA B 163 -31.17 12.01 16.00
C ALA B 163 -31.50 11.72 17.46
N LEU B 164 -32.07 12.72 18.16
CA LEU B 164 -32.48 12.51 19.55
C LEU B 164 -33.58 11.47 19.64
N LEU B 165 -34.53 11.50 18.71
CA LEU B 165 -35.62 10.53 18.73
C LEU B 165 -35.09 9.10 18.54
N LEU B 166 -34.00 8.93 17.79
CA LEU B 166 -33.42 7.60 17.64
C LEU B 166 -32.45 7.26 18.77
N THR B 167 -32.02 8.27 19.54
CA THR B 167 -31.27 7.99 20.76
C THR B 167 -32.20 7.65 21.91
N ILE B 168 -33.50 7.92 21.75
CA ILE B 168 -34.49 7.57 22.78
C ILE B 168 -34.38 6.11 23.20
N PRO B 169 -34.25 5.13 22.28
CA PRO B 169 -34.08 3.74 22.73
C PRO B 169 -32.82 3.49 23.53
N ASP B 170 -31.81 4.35 23.36
CA ASP B 170 -30.54 4.15 24.06
C ASP B 170 -30.70 4.36 25.56
N PHE B 171 -31.48 5.36 25.96
CA PHE B 171 -31.72 5.63 27.37
C PHE B 171 -32.39 4.43 28.02
N ILE B 172 -33.37 3.85 27.35
CA ILE B 172 -34.18 2.76 27.89
C ILE B 172 -33.37 1.48 27.99
N PHE B 173 -32.57 1.18 26.96
CA PHE B 173 -32.04 -0.16 26.77
C PHE B 173 -30.57 -0.32 27.13
N ALA B 174 -29.76 0.73 27.01
CA ALA B 174 -28.35 0.60 27.30
C ALA B 174 -28.13 0.30 28.78
N ASN B 175 -27.26 -0.67 29.05
CA ASN B 175 -27.01 -1.12 30.41
C ASN B 175 -25.75 -1.97 30.47
N VAL B 176 -25.21 -2.18 31.67
CA VAL B 176 -24.07 -3.06 31.89
C VAL B 176 -24.50 -4.17 32.84
N SER B 177 -24.29 -5.42 32.40
CA SER B 177 -24.67 -6.58 33.20
C SER B 177 -23.54 -7.59 33.19
N GLU B 178 -23.21 -8.12 34.37
CA GLU B 178 -22.16 -9.11 34.50
C GLU B 178 -22.73 -10.51 34.32
N ALA B 179 -21.90 -11.40 33.80
CA ALA B 179 -22.26 -12.81 33.60
C ALA B 179 -21.01 -13.64 33.91
N ASP B 180 -20.91 -14.10 35.16
CA ASP B 180 -19.76 -14.81 35.66
C ASP B 180 -18.48 -13.98 35.49
N ASP B 181 -18.50 -12.80 36.12
CA ASP B 181 -17.38 -11.85 36.06
C ASP B 181 -17.08 -11.44 34.62
N ARG B 182 -18.13 -11.06 33.88
CA ARG B 182 -18.02 -10.56 32.51
C ARG B 182 -18.90 -9.31 32.41
N TYR B 183 -18.31 -8.16 32.71
CA TYR B 183 -19.03 -6.89 32.72
C TYR B 183 -18.98 -6.31 31.31
N ILE B 184 -20.13 -6.27 30.64
CA ILE B 184 -20.23 -5.80 29.26
C ILE B 184 -21.24 -4.67 29.20
N CYS B 185 -20.82 -3.54 28.62
CA CYS B 185 -21.73 -2.42 28.33
C CYS B 185 -22.34 -2.71 26.96
N ASP B 186 -23.49 -3.38 26.96
CA ASP B 186 -24.13 -3.81 25.73
C ASP B 186 -25.63 -3.60 25.85
N ARG B 187 -26.24 -3.14 24.74
CA ARG B 187 -27.69 -2.99 24.69
C ARG B 187 -28.35 -4.34 24.86
N PHE B 188 -29.35 -4.41 25.75
CA PHE B 188 -30.01 -5.66 26.07
C PHE B 188 -31.49 -5.55 25.77
N TYR B 189 -32.03 -6.58 25.11
CA TYR B 189 -33.43 -6.65 24.75
C TYR B 189 -34.02 -7.97 25.24
N PRO B 190 -35.32 -7.99 25.55
CA PRO B 190 -35.92 -9.26 26.00
C PRO B 190 -35.85 -10.38 24.99
N ASN B 191 -35.96 -10.08 23.69
CA ASN B 191 -35.97 -11.11 22.66
C ASN B 191 -35.04 -10.70 21.51
N ASP B 192 -34.76 -11.66 20.64
CA ASP B 192 -33.96 -11.39 19.44
C ASP B 192 -34.75 -10.66 18.37
N LEU B 193 -36.08 -10.65 18.45
CA LEU B 193 -36.88 -9.89 17.50
C LEU B 193 -36.57 -8.40 17.58
N TRP B 194 -36.42 -7.88 18.80
CA TRP B 194 -36.00 -6.50 18.96
C TRP B 194 -34.62 -6.28 18.35
N VAL B 195 -33.72 -7.25 18.52
CA VAL B 195 -32.37 -7.12 17.99
C VAL B 195 -32.41 -6.99 16.47
N VAL B 196 -33.12 -7.89 15.80
CA VAL B 196 -33.14 -7.87 14.34
C VAL B 196 -33.88 -6.63 13.84
N VAL B 197 -34.96 -6.23 14.52
CA VAL B 197 -35.70 -5.05 14.10
C VAL B 197 -34.82 -3.82 14.19
N PHE B 198 -34.08 -3.67 15.28
CA PHE B 198 -33.24 -2.48 15.44
C PHE B 198 -32.03 -2.51 14.51
N GLN B 199 -31.47 -3.69 14.23
CA GLN B 199 -30.39 -3.75 13.24
C GLN B 199 -30.88 -3.36 11.86
N PHE B 200 -32.07 -3.85 11.46
CA PHE B 200 -32.61 -3.49 10.17
C PHE B 200 -32.93 -2.00 10.10
N GLN B 201 -33.45 -1.44 11.20
CA GLN B 201 -33.70 0.01 11.24
C GLN B 201 -32.40 0.79 11.12
N HIS B 202 -31.35 0.33 11.79
CA HIS B 202 -30.05 0.98 11.70
C HIS B 202 -29.57 0.99 10.25
N ILE B 203 -29.65 -0.16 9.58
CA ILE B 203 -29.23 -0.24 8.18
C ILE B 203 -30.05 0.71 7.33
N MET B 204 -31.37 0.67 7.49
CA MET B 204 -32.26 1.44 6.63
C MET B 204 -32.04 2.93 6.77
N VAL B 205 -31.90 3.42 8.01
CA VAL B 205 -31.71 4.86 8.21
C VAL B 205 -30.27 5.31 8.07
N GLY B 206 -29.31 4.38 8.06
CA GLY B 206 -27.92 4.76 7.92
C GLY B 206 -27.39 4.72 6.51
N LEU B 207 -27.82 3.75 5.71
CA LEU B 207 -27.27 3.59 4.36
C LEU B 207 -28.31 3.79 3.27
N ILE B 208 -29.44 3.09 3.34
CA ILE B 208 -30.34 3.03 2.19
C ILE B 208 -31.09 4.34 2.02
N LEU B 209 -31.72 4.84 3.07
CA LEU B 209 -32.59 6.00 2.95
C LEU B 209 -31.85 7.26 2.50
N PRO B 210 -30.71 7.65 3.08
CA PRO B 210 -30.04 8.87 2.60
C PRO B 210 -29.24 8.63 1.32
N GLY B 211 -28.79 7.38 1.14
CA GLY B 211 -28.05 7.05 -0.08
C GLY B 211 -28.88 7.26 -1.32
N ILE B 212 -30.15 6.89 -1.27
CA ILE B 212 -31.04 7.08 -2.43
C ILE B 212 -31.18 8.57 -2.74
N VAL B 213 -31.35 9.40 -1.71
CA VAL B 213 -31.49 10.84 -1.93
C VAL B 213 -30.22 11.42 -2.55
N ILE B 214 -29.06 11.03 -2.02
CA ILE B 214 -27.80 11.54 -2.53
C ILE B 214 -27.61 11.12 -3.99
N LEU B 215 -27.87 9.85 -4.28
CA LEU B 215 -27.70 9.35 -5.65
C LEU B 215 -28.64 10.04 -6.61
N SER B 216 -29.91 10.22 -6.22
CA SER B 216 -30.86 10.89 -7.11
C SER B 216 -30.45 12.32 -7.38
N CYS B 217 -30.06 13.05 -6.33
CA CYS B 217 -29.67 14.45 -6.51
C CYS B 217 -28.46 14.56 -7.44
N TYR B 218 -27.45 13.72 -7.22
CA TYR B 218 -26.24 13.84 -8.03
C TYR B 218 -26.46 13.34 -9.46
N CYS B 219 -27.31 12.32 -9.66
CA CYS B 219 -27.62 11.88 -11.01
C CYS B 219 -28.37 12.97 -11.78
N ILE B 220 -29.32 13.64 -11.12
CA ILE B 220 -30.03 14.72 -11.80
C ILE B 220 -29.08 15.89 -12.10
N ILE B 221 -28.16 16.17 -11.17
CA ILE B 221 -27.16 17.22 -11.42
C ILE B 221 -26.31 16.87 -12.64
N ILE B 222 -25.85 15.61 -12.72
CA ILE B 222 -25.01 15.19 -13.83
C ILE B 222 -25.77 15.28 -15.14
N SER B 223 -27.04 14.86 -15.15
CA SER B 223 -27.83 14.95 -16.36
C SER B 223 -28.02 16.40 -16.79
N LYS B 224 -28.21 17.31 -15.82
CA LYS B 224 -28.38 18.71 -16.15
C LYS B 224 -27.06 19.44 -16.38
N LEU B 225 -25.92 18.79 -16.16
CA LEU B 225 -24.61 19.43 -16.31
C LEU B 225 -24.12 19.29 -17.76
N SER B 226 -24.87 19.90 -18.68
CA SER B 226 -24.54 19.86 -20.10
C SER B 226 -24.76 21.23 -20.73
N HIS B 227 -24.30 22.28 -20.06
CA HIS B 227 -24.41 23.64 -20.55
C HIS B 227 -23.02 24.27 -20.62
N SER B 228 -22.72 24.91 -21.75
CA SER B 228 -21.45 25.57 -22.01
C SER B 228 -20.35 24.51 -21.91
N LYS B 229 -19.39 24.63 -20.98
CA LYS B 229 -18.31 23.67 -20.85
C LYS B 229 -17.81 23.70 -19.42
N GLY B 230 -16.64 23.09 -19.19
CA GLY B 230 -16.05 23.05 -17.87
C GLY B 230 -15.78 24.42 -17.28
N HIS B 231 -16.24 24.63 -16.04
CA HIS B 231 -16.10 25.90 -15.36
C HIS B 231 -16.28 25.65 -13.87
N GLN B 232 -16.42 26.75 -13.10
CA GLN B 232 -16.66 26.61 -11.67
C GLN B 232 -17.94 25.85 -11.38
N LYS B 233 -18.95 25.98 -12.27
CA LYS B 233 -20.18 25.21 -12.12
C LYS B 233 -19.94 23.71 -12.18
N ARG B 234 -18.87 23.28 -12.82
CA ARG B 234 -18.51 21.87 -12.89
C ARG B 234 -17.49 21.45 -11.84
N LYS B 235 -16.65 22.38 -11.39
CA LYS B 235 -15.61 22.06 -10.41
C LYS B 235 -16.03 22.36 -8.98
N ALA B 236 -17.25 22.86 -8.76
CA ALA B 236 -17.72 23.15 -7.41
C ALA B 236 -18.15 21.89 -6.66
N LEU B 237 -18.39 20.79 -7.36
CA LEU B 237 -18.87 19.56 -6.76
C LEU B 237 -17.77 18.63 -6.30
N LYS B 238 -16.50 18.95 -6.58
CA LYS B 238 -15.42 18.00 -6.34
C LYS B 238 -15.26 17.71 -4.86
N THR B 239 -15.19 18.75 -4.03
CA THR B 239 -14.99 18.55 -2.60
C THR B 239 -16.16 17.79 -1.99
N THR B 240 -17.39 18.18 -2.34
CA THR B 240 -18.57 17.53 -1.77
C THR B 240 -18.62 16.07 -2.16
N VAL B 241 -18.36 15.75 -3.43
CA VAL B 241 -18.45 14.37 -3.87
C VAL B 241 -17.34 13.54 -3.25
N ILE B 242 -16.14 14.10 -3.12
CA ILE B 242 -15.05 13.37 -2.47
C ILE B 242 -15.41 13.06 -1.03
N LEU B 243 -15.96 14.06 -0.32
CA LEU B 243 -16.35 13.85 1.07
C LEU B 243 -17.40 12.75 1.18
N ILE B 244 -18.41 12.76 0.29
CA ILE B 244 -19.49 11.79 0.39
C ILE B 244 -18.99 10.37 0.09
N LEU B 245 -18.21 10.22 -0.99
CA LEU B 245 -17.69 8.90 -1.32
C LEU B 245 -16.77 8.37 -0.23
N ALA B 246 -15.93 9.23 0.35
CA ALA B 246 -15.07 8.77 1.45
C ALA B 246 -15.91 8.32 2.64
N PHE B 247 -16.93 9.10 3.00
CA PHE B 247 -17.79 8.77 4.12
C PHE B 247 -18.43 7.41 3.93
N PHE B 248 -18.96 7.15 2.73
CA PHE B 248 -19.63 5.88 2.50
C PHE B 248 -18.66 4.71 2.33
N ALA B 249 -17.48 4.97 1.76
CA ALA B 249 -16.49 3.93 1.57
C ALA B 249 -15.96 3.41 2.90
N CYS B 250 -15.73 4.30 3.87
CA CYS B 250 -15.27 3.79 5.16
C CYS B 250 -16.37 3.10 5.96
N TRP B 251 -17.62 3.16 5.51
CA TRP B 251 -18.73 2.56 6.26
C TRP B 251 -19.29 1.28 5.64
N LEU B 252 -19.18 1.10 4.32
CA LEU B 252 -19.80 -0.06 3.68
C LEU B 252 -19.45 -1.42 4.29
N PRO B 253 -18.18 -1.76 4.56
CA PRO B 253 -17.91 -3.12 5.09
C PRO B 253 -18.57 -3.41 6.42
N TYR B 254 -18.67 -2.40 7.30
CA TYR B 254 -19.38 -2.60 8.57
C TYR B 254 -20.85 -2.92 8.33
N TYR B 255 -21.48 -2.22 7.38
CA TYR B 255 -22.87 -2.47 7.06
C TYR B 255 -23.06 -3.87 6.48
N ILE B 256 -22.12 -4.30 5.63
CA ILE B 256 -22.19 -5.67 5.10
C ILE B 256 -22.11 -6.68 6.24
N GLY B 257 -21.18 -6.46 7.18
CA GLY B 257 -21.05 -7.38 8.30
C GLY B 257 -22.29 -7.46 9.16
N ILE B 258 -22.88 -6.30 9.48
CA ILE B 258 -24.06 -6.32 10.34
C ILE B 258 -25.26 -6.92 9.61
N SER B 259 -25.37 -6.67 8.30
CA SER B 259 -26.44 -7.29 7.53
C SER B 259 -26.31 -8.81 7.54
N ILE B 260 -25.09 -9.31 7.34
CA ILE B 260 -24.87 -10.76 7.38
C ILE B 260 -25.22 -11.32 8.75
N ASP B 261 -24.80 -10.63 9.81
CA ASP B 261 -25.09 -11.12 11.16
C ASP B 261 -26.59 -11.15 11.42
N SER B 262 -27.31 -10.09 11.01
CA SER B 262 -28.75 -10.06 11.21
C SER B 262 -29.43 -11.18 10.44
N PHE B 263 -28.95 -11.48 9.23
CA PHE B 263 -29.49 -12.61 8.50
C PHE B 263 -29.22 -13.93 9.22
N ILE B 264 -28.04 -14.06 9.82
CA ILE B 264 -27.76 -15.25 10.63
C ILE B 264 -28.75 -15.33 11.79
N LEU B 265 -29.18 -14.19 12.32
CA LEU B 265 -30.08 -14.20 13.47
C LEU B 265 -31.43 -14.82 13.12
N LEU B 266 -31.95 -14.54 11.93
CA LEU B 266 -33.26 -15.10 11.52
C LEU B 266 -33.12 -16.42 10.78
N GLU B 267 -32.32 -17.33 11.35
CA GLU B 267 -32.17 -18.72 10.88
C GLU B 267 -32.20 -18.82 9.34
N ILE B 268 -31.39 -17.98 8.70
CA ILE B 268 -31.28 -17.96 7.25
C ILE B 268 -29.90 -18.46 6.79
N ILE B 269 -28.84 -18.07 7.50
CA ILE B 269 -27.49 -18.41 7.10
C ILE B 269 -26.91 -19.35 8.16
N LYS B 270 -27.75 -20.22 8.70
CA LYS B 270 -27.28 -21.20 9.69
C LYS B 270 -26.16 -22.04 9.11
N GLN B 271 -24.94 -21.84 9.61
CA GLN B 271 -23.77 -22.54 9.09
C GLN B 271 -22.82 -23.00 10.18
N GLY B 272 -23.23 -22.94 11.44
CA GLY B 272 -22.38 -23.32 12.55
C GLY B 272 -22.02 -22.13 13.42
N CYS B 273 -21.28 -22.43 14.48
CA CYS B 273 -20.87 -21.42 15.45
C CYS B 273 -19.59 -20.71 15.07
N GLU B 274 -18.88 -21.16 14.03
CA GLU B 274 -17.60 -20.57 13.66
C GLU B 274 -17.75 -19.40 12.70
N PHE B 275 -18.96 -19.12 12.22
CA PHE B 275 -19.20 -17.97 11.35
C PHE B 275 -19.49 -16.70 12.15
N GLU B 276 -20.18 -16.84 13.28
CA GLU B 276 -20.55 -15.68 14.08
C GLU B 276 -19.31 -14.97 14.64
N ASN B 277 -18.31 -15.72 15.09
CA ASN B 277 -17.12 -15.09 15.61
C ASN B 277 -16.39 -14.30 14.53
N THR B 278 -16.30 -14.87 13.33
CA THR B 278 -15.64 -14.17 12.22
C THR B 278 -16.38 -12.89 11.86
N VAL B 279 -17.71 -12.96 11.79
CA VAL B 279 -18.44 -11.75 11.43
C VAL B 279 -18.36 -10.71 12.54
N HIS B 280 -18.30 -11.14 13.81
CA HIS B 280 -18.12 -10.19 14.91
C HIS B 280 -16.79 -9.46 14.80
N LYS B 281 -15.71 -10.20 14.52
CA LYS B 281 -14.41 -9.56 14.36
C LYS B 281 -14.40 -8.60 13.18
N TRP B 282 -15.05 -8.99 12.08
CA TRP B 282 -15.22 -8.10 10.95
C TRP B 282 -15.89 -6.79 11.37
N ILE B 283 -16.97 -6.91 12.16
CA ILE B 283 -17.70 -5.74 12.63
C ILE B 283 -16.81 -4.83 13.46
N SER B 284 -16.02 -5.41 14.37
CA SER B 284 -15.17 -4.60 15.23
C SER B 284 -14.14 -3.81 14.43
N ILE B 285 -13.40 -4.50 13.55
CA ILE B 285 -12.36 -3.81 12.79
C ILE B 285 -12.98 -2.73 11.88
N THR B 286 -14.14 -3.02 11.31
CA THR B 286 -14.77 -2.05 10.43
C THR B 286 -15.32 -0.84 11.19
N GLU B 287 -15.74 -1.05 12.44
CA GLU B 287 -16.08 0.09 13.30
C GLU B 287 -14.88 0.99 13.51
N ALA B 288 -13.72 0.38 13.77
CA ALA B 288 -12.50 1.18 13.93
C ALA B 288 -12.22 2.00 12.68
N LEU B 289 -12.37 1.39 11.50
CA LEU B 289 -12.11 2.14 10.26
C LEU B 289 -13.15 3.24 10.03
N ALA B 290 -14.39 3.03 10.46
CA ALA B 290 -15.37 4.10 10.38
C ALA B 290 -14.95 5.30 11.24
N PHE B 291 -14.46 5.03 12.45
CA PHE B 291 -13.93 6.13 13.25
C PHE B 291 -12.75 6.79 12.53
N PHE B 292 -11.98 6.02 11.77
CA PHE B 292 -10.96 6.62 10.91
C PHE B 292 -11.57 7.61 9.93
N HIS B 293 -12.76 7.32 9.41
CA HIS B 293 -13.43 8.31 8.55
C HIS B 293 -13.75 9.57 9.34
N CYS B 294 -14.20 9.38 10.58
CA CYS B 294 -14.53 10.52 11.44
C CYS B 294 -13.32 11.44 11.57
N CYS B 295 -12.13 10.88 11.62
CA CYS B 295 -10.92 11.70 11.54
C CYS B 295 -10.61 12.19 10.14
N LEU B 296 -10.99 11.43 9.11
CA LEU B 296 -10.63 11.78 7.74
C LEU B 296 -11.31 13.05 7.26
N ASN B 297 -12.43 13.44 7.88
CA ASN B 297 -13.10 14.66 7.43
C ASN B 297 -12.21 15.91 7.50
N PRO B 298 -11.64 16.28 8.67
CA PRO B 298 -10.81 17.50 8.69
C PRO B 298 -9.56 17.39 7.82
N ILE B 299 -9.05 16.18 7.61
CA ILE B 299 -7.92 16.00 6.70
C ILE B 299 -8.30 16.44 5.29
N LEU B 300 -9.49 16.04 4.84
CA LEU B 300 -10.01 16.55 3.57
C LEU B 300 -10.19 18.06 3.62
N TYR B 301 -10.45 18.59 4.81
CA TYR B 301 -10.59 20.03 4.98
C TYR B 301 -9.25 20.75 4.90
N ALA B 302 -8.15 20.02 5.08
CA ALA B 302 -6.82 20.63 5.09
C ALA B 302 -6.30 20.88 3.68
N PHE B 303 -6.44 19.89 2.79
CA PHE B 303 -5.81 19.97 1.47
C PHE B 303 -6.37 21.12 0.64
N LEU B 304 -7.70 21.26 0.63
CA LEU B 304 -8.38 22.28 -0.18
C LEU B 304 -7.97 22.17 -1.65
N GLU C 25 -7.37 -40.91 -8.63
CA GLU C 25 -8.33 -40.91 -7.54
C GLU C 25 -8.61 -39.50 -7.05
N PRO C 26 -9.85 -39.03 -7.26
CA PRO C 26 -10.21 -37.69 -6.81
C PRO C 26 -10.09 -37.55 -5.31
N CYS C 27 -9.65 -36.37 -4.87
CA CYS C 27 -9.49 -36.10 -3.46
C CYS C 27 -10.80 -35.63 -2.84
N PHE C 28 -10.75 -35.27 -1.56
CA PHE C 28 -11.94 -34.84 -0.82
C PHE C 28 -11.56 -33.63 0.03
N ARG C 29 -12.45 -33.28 0.96
CA ARG C 29 -12.26 -32.16 1.88
C ARG C 29 -12.17 -30.83 1.13
N GLU C 30 -13.12 -30.63 0.21
CA GLU C 30 -13.23 -29.39 -0.55
C GLU C 30 -14.40 -28.59 0.02
N GLU C 31 -14.09 -27.43 0.60
CA GLU C 31 -15.11 -26.57 1.17
C GLU C 31 -14.59 -25.15 1.22
N ASN C 32 -15.50 -24.20 1.34
CA ASN C 32 -15.14 -22.79 1.40
C ASN C 32 -14.71 -22.42 2.81
N ALA C 33 -13.69 -21.56 2.90
CA ALA C 33 -13.20 -21.10 4.19
C ALA C 33 -14.19 -20.12 4.81
N ASN C 34 -14.17 -20.05 6.14
CA ASN C 34 -15.09 -19.17 6.84
C ASN C 34 -14.80 -17.70 6.53
N PHE C 35 -13.51 -17.34 6.42
CA PHE C 35 -13.18 -15.96 6.09
C PHE C 35 -13.60 -15.59 4.69
N ASN C 36 -13.55 -16.55 3.76
CA ASN C 36 -13.94 -16.27 2.38
C ASN C 36 -15.43 -15.94 2.28
N LYS C 37 -16.25 -16.63 3.08
CA LYS C 37 -17.69 -16.42 3.05
C LYS C 37 -18.08 -14.99 3.42
N ILE C 38 -17.20 -14.26 4.08
CA ILE C 38 -17.43 -12.85 4.37
C ILE C 38 -16.60 -11.93 3.48
N PHE C 39 -15.43 -12.37 3.02
CA PHE C 39 -14.61 -11.52 2.18
C PHE C 39 -15.20 -11.37 0.78
N LEU C 40 -15.64 -12.46 0.18
CA LEU C 40 -16.15 -12.40 -1.19
C LEU C 40 -17.41 -11.54 -1.32
N PRO C 41 -18.43 -11.66 -0.48
CA PRO C 41 -19.59 -10.77 -0.62
C PRO C 41 -19.26 -9.30 -0.51
N THR C 42 -18.25 -8.92 0.28
CA THR C 42 -17.86 -7.52 0.36
C THR C 42 -17.38 -7.01 -1.00
N ILE C 43 -16.50 -7.78 -1.65
CA ILE C 43 -16.00 -7.41 -2.96
C ILE C 43 -17.15 -7.34 -3.96
N TYR C 44 -18.03 -8.36 -3.92
CA TYR C 44 -19.13 -8.40 -4.87
C TYR C 44 -20.07 -7.21 -4.69
N SER C 45 -20.35 -6.81 -3.44
CA SER C 45 -21.25 -5.70 -3.19
C SER C 45 -20.62 -4.37 -3.60
N ILE C 46 -19.32 -4.19 -3.31
CA ILE C 46 -18.66 -2.96 -3.74
C ILE C 46 -18.69 -2.86 -5.26
N ILE C 47 -18.44 -3.98 -5.95
CA ILE C 47 -18.46 -3.96 -7.40
C ILE C 47 -19.87 -3.71 -7.91
N PHE C 48 -20.87 -4.35 -7.32
CA PHE C 48 -22.28 -4.06 -7.59
C PHE C 48 -22.50 -2.56 -7.63
N LEU C 49 -22.26 -1.90 -6.50
CA LEU C 49 -22.61 -0.47 -6.40
C LEU C 49 -21.81 0.36 -7.39
N THR C 50 -20.49 0.21 -7.40
CA THR C 50 -19.64 1.07 -8.22
C THR C 50 -19.93 0.87 -9.71
N GLY C 51 -19.99 -0.40 -10.13
CA GLY C 51 -20.24 -0.68 -11.54
C GLY C 51 -21.59 -0.19 -12.00
N ILE C 52 -22.65 -0.46 -11.21
CA ILE C 52 -23.97 -0.03 -11.64
C ILE C 52 -24.02 1.48 -11.78
N VAL C 53 -23.53 2.21 -10.77
CA VAL C 53 -23.61 3.68 -10.82
C VAL C 53 -22.80 4.21 -12.00
N GLY C 54 -21.54 3.77 -12.12
CA GLY C 54 -20.67 4.31 -13.15
C GLY C 54 -21.16 3.99 -14.55
N ASN C 55 -21.52 2.73 -14.79
CA ASN C 55 -21.96 2.33 -16.13
C ASN C 55 -23.29 2.99 -16.49
N GLY C 56 -24.22 3.09 -15.54
CA GLY C 56 -25.47 3.79 -15.83
C GLY C 56 -25.22 5.24 -16.18
N LEU C 57 -24.37 5.92 -15.42
CA LEU C 57 -24.09 7.33 -15.72
C LEU C 57 -23.41 7.47 -17.07
N VAL C 58 -22.47 6.58 -17.39
CA VAL C 58 -21.78 6.66 -18.68
C VAL C 58 -22.75 6.45 -19.82
N ILE C 59 -23.63 5.45 -19.70
CA ILE C 59 -24.63 5.20 -20.75
C ILE C 59 -25.54 6.39 -20.91
N LEU C 60 -26.04 6.94 -19.80
CA LEU C 60 -26.95 8.08 -19.86
C LEU C 60 -26.29 9.28 -20.53
N VAL C 61 -25.03 9.56 -20.19
CA VAL C 61 -24.35 10.72 -20.75
C VAL C 61 -24.04 10.51 -22.23
N MET C 62 -23.61 9.31 -22.61
CA MET C 62 -23.11 9.08 -23.96
C MET C 62 -24.22 8.73 -24.95
N GLY C 63 -24.98 7.66 -24.68
CA GLY C 63 -25.95 7.20 -25.65
C GLY C 63 -27.16 8.10 -25.74
N TYR C 64 -27.81 8.36 -24.60
CA TYR C 64 -29.06 9.12 -24.61
C TYR C 64 -28.84 10.54 -25.12
N GLN C 65 -27.76 11.19 -24.67
CA GLN C 65 -27.44 12.53 -25.11
C GLN C 65 -26.46 12.44 -26.28
N LYS C 66 -25.93 13.58 -26.71
CA LYS C 66 -25.01 13.66 -27.84
C LYS C 66 -23.64 14.09 -27.31
N LYS C 67 -22.82 13.11 -26.94
CA LYS C 67 -21.49 13.37 -26.41
C LYS C 67 -20.41 12.53 -27.08
N LEU C 68 -20.74 11.84 -28.18
CA LEU C 68 -19.77 11.02 -28.90
C LEU C 68 -19.06 11.90 -29.90
N ARG C 69 -17.92 12.46 -29.50
CA ARG C 69 -17.11 13.28 -30.38
C ARG C 69 -16.07 12.45 -31.14
N SER C 70 -15.46 11.48 -30.48
CA SER C 70 -14.44 10.63 -31.08
C SER C 70 -15.06 9.28 -31.46
N MET C 71 -14.22 8.36 -31.91
CA MET C 71 -14.67 7.02 -32.29
C MET C 71 -14.46 5.98 -31.20
N THR C 72 -13.65 6.28 -30.19
CA THR C 72 -13.47 5.36 -29.07
C THR C 72 -14.68 5.36 -28.14
N ASP C 73 -15.49 6.42 -28.18
CA ASP C 73 -16.65 6.50 -27.29
C ASP C 73 -17.67 5.43 -27.57
N LYS C 74 -17.85 5.04 -28.83
CA LYS C 74 -18.82 4.00 -29.16
C LYS C 74 -18.39 2.65 -28.60
N TYR C 75 -17.10 2.31 -28.74
CA TYR C 75 -16.61 1.07 -28.15
C TYR C 75 -16.70 1.12 -26.64
N ARG C 76 -16.43 2.28 -26.04
CA ARG C 76 -16.56 2.41 -24.60
C ARG C 76 -18.03 2.26 -24.16
N LEU C 77 -18.97 2.70 -24.99
CA LEU C 77 -20.38 2.49 -24.70
C LEU C 77 -20.74 1.00 -24.75
N HIS C 78 -20.21 0.28 -25.73
CA HIS C 78 -20.42 -1.17 -25.77
C HIS C 78 -19.86 -1.83 -24.52
N LEU C 79 -18.66 -1.42 -24.10
CA LEU C 79 -18.05 -1.94 -22.88
C LEU C 79 -18.94 -1.65 -21.68
N SER C 80 -19.48 -0.43 -21.60
CA SER C 80 -20.34 -0.06 -20.49
C SER C 80 -21.59 -0.92 -20.45
N VAL C 81 -22.19 -1.19 -21.62
CA VAL C 81 -23.39 -2.03 -21.65
C VAL C 81 -23.08 -3.43 -21.13
N ALA C 82 -21.99 -4.02 -21.61
CA ALA C 82 -21.64 -5.37 -21.16
C ALA C 82 -21.35 -5.40 -19.65
N ASP C 83 -20.61 -4.42 -19.16
CA ASP C 83 -20.29 -4.38 -17.73
C ASP C 83 -21.54 -4.15 -16.89
N LEU C 84 -22.48 -3.33 -17.39
CA LEU C 84 -23.73 -3.11 -16.68
C LEU C 84 -24.53 -4.40 -16.54
N LEU C 85 -24.60 -5.18 -17.64
CA LEU C 85 -25.29 -6.46 -17.54
C LEU C 85 -24.63 -7.38 -16.53
N PHE C 86 -23.29 -7.45 -16.55
CA PHE C 86 -22.61 -8.33 -15.60
C PHE C 86 -22.83 -7.91 -14.16
N VAL C 87 -22.71 -6.60 -13.87
CA VAL C 87 -22.87 -6.15 -12.49
C VAL C 87 -24.32 -6.31 -12.04
N ILE C 88 -25.27 -6.24 -12.97
CA ILE C 88 -26.64 -6.60 -12.62
C ILE C 88 -26.73 -8.07 -12.21
N THR C 89 -25.98 -8.93 -12.91
CA THR C 89 -25.99 -10.35 -12.56
C THR C 89 -25.34 -10.61 -11.19
N LEU C 90 -24.38 -9.79 -10.79
CA LEU C 90 -23.52 -10.10 -9.65
C LEU C 90 -24.19 -10.48 -8.32
N PRO C 91 -25.29 -9.86 -7.89
CA PRO C 91 -25.82 -10.21 -6.55
C PRO C 91 -26.14 -11.68 -6.37
N PHE C 92 -26.48 -12.39 -7.45
CA PHE C 92 -26.64 -13.84 -7.33
C PHE C 92 -25.32 -14.51 -6.99
N TRP C 93 -24.21 -14.04 -7.58
CA TRP C 93 -22.90 -14.51 -7.18
C TRP C 93 -22.66 -14.26 -5.70
N ALA C 94 -23.00 -13.06 -5.23
CA ALA C 94 -22.77 -12.72 -3.83
C ALA C 94 -23.57 -13.62 -2.89
N VAL C 95 -24.84 -13.88 -3.24
CA VAL C 95 -25.67 -14.75 -2.42
C VAL C 95 -25.14 -16.19 -2.44
N ASP C 96 -24.71 -16.67 -3.61
CA ASP C 96 -24.23 -18.04 -3.72
C ASP C 96 -22.95 -18.23 -2.93
N ALA C 97 -22.08 -17.21 -2.90
CA ALA C 97 -20.79 -17.34 -2.25
C ALA C 97 -20.90 -17.59 -0.74
N VAL C 98 -22.05 -17.29 -0.14
CA VAL C 98 -22.19 -17.40 1.31
C VAL C 98 -22.55 -18.83 1.71
N ALA C 99 -23.70 -19.32 1.24
CA ALA C 99 -24.20 -20.62 1.69
C ALA C 99 -24.22 -21.66 0.58
N ASN C 100 -24.96 -21.42 -0.50
CA ASN C 100 -25.16 -22.43 -1.55
C ASN C 100 -26.00 -21.88 -2.69
N TRP C 101 -26.16 -22.67 -3.75
CA TRP C 101 -27.07 -22.36 -4.84
C TRP C 101 -28.22 -23.36 -4.77
N TYR C 102 -29.36 -22.93 -4.23
CA TYR C 102 -30.52 -23.80 -4.11
C TYR C 102 -31.80 -23.04 -4.46
N PHE C 103 -31.69 -22.00 -5.26
CA PHE C 103 -32.83 -21.18 -5.65
C PHE C 103 -33.09 -21.24 -7.15
N GLY C 104 -32.97 -22.42 -7.75
CA GLY C 104 -33.42 -22.64 -9.11
C GLY C 104 -32.39 -23.37 -9.94
N ASN C 105 -32.74 -23.58 -11.20
CA ASN C 105 -31.89 -24.20 -12.22
C ASN C 105 -31.70 -23.32 -13.44
N PHE C 106 -32.75 -22.62 -13.88
CA PHE C 106 -32.64 -21.75 -15.03
C PHE C 106 -31.82 -20.50 -14.71
N LEU C 107 -31.82 -20.08 -13.44
CA LEU C 107 -31.01 -18.92 -13.06
C LEU C 107 -29.52 -19.20 -13.17
N CYS C 108 -29.10 -20.43 -12.90
CA CYS C 108 -27.68 -20.80 -13.09
C CYS C 108 -27.29 -20.64 -14.54
N LYS C 109 -28.11 -21.15 -15.46
CA LYS C 109 -27.83 -21.02 -16.89
C LYS C 109 -27.79 -19.55 -17.30
N ALA C 110 -28.75 -18.76 -16.83
CA ALA C 110 -28.77 -17.34 -17.19
C ALA C 110 -27.51 -16.63 -16.71
N VAL C 111 -27.14 -16.86 -15.44
CA VAL C 111 -25.97 -16.20 -14.87
C VAL C 111 -24.73 -16.57 -15.67
N HIS C 112 -24.57 -17.86 -15.99
CA HIS C 112 -23.44 -18.26 -16.81
C HIS C 112 -23.46 -17.61 -18.18
N VAL C 113 -24.66 -17.41 -18.75
CA VAL C 113 -24.75 -16.83 -20.09
C VAL C 113 -24.27 -15.38 -20.10
N ILE C 114 -24.77 -14.55 -19.18
CA ILE C 114 -24.26 -13.18 -19.19
C ILE C 114 -22.78 -13.12 -18.78
N TYR C 115 -22.35 -13.99 -17.86
CA TYR C 115 -20.94 -14.05 -17.52
C TYR C 115 -20.08 -14.26 -18.77
N THR C 116 -20.42 -15.29 -19.56
CA THR C 116 -19.63 -15.59 -20.75
C THR C 116 -19.73 -14.49 -21.79
N VAL C 117 -20.92 -13.90 -21.94
CA VAL C 117 -21.08 -12.82 -22.93
C VAL C 117 -20.15 -11.66 -22.62
N ASN C 118 -20.18 -11.20 -21.36
CA ASN C 118 -19.30 -10.08 -20.99
C ASN C 118 -17.83 -10.47 -21.11
N LEU C 119 -17.49 -11.69 -20.66
CA LEU C 119 -16.10 -12.12 -20.62
C LEU C 119 -15.50 -12.18 -22.02
N TYR C 120 -16.26 -12.68 -22.99
CA TYR C 120 -15.74 -12.78 -24.35
C TYR C 120 -16.00 -11.54 -25.19
N SER C 121 -16.80 -10.59 -24.70
CA SER C 121 -17.04 -9.36 -25.47
C SER C 121 -16.10 -8.22 -25.11
N SER C 122 -15.69 -8.12 -23.83
CA SER C 122 -14.83 -7.00 -23.44
C SER C 122 -13.49 -7.03 -24.16
N VAL C 123 -12.88 -8.21 -24.26
CA VAL C 123 -11.57 -8.32 -24.92
C VAL C 123 -11.67 -7.98 -26.40
N LEU C 124 -12.75 -8.44 -27.05
CA LEU C 124 -12.93 -8.12 -28.46
C LEU C 124 -13.17 -6.63 -28.67
N ILE C 125 -13.88 -5.98 -27.76
CA ILE C 125 -14.04 -4.53 -27.85
C ILE C 125 -12.69 -3.84 -27.71
N LEU C 126 -11.85 -4.31 -26.78
CA LEU C 126 -10.51 -3.73 -26.65
C LEU C 126 -9.69 -3.92 -27.90
N ALA C 127 -9.76 -5.10 -28.52
CA ALA C 127 -9.03 -5.35 -29.75
C ALA C 127 -9.52 -4.43 -30.87
N PHE C 128 -10.83 -4.18 -30.92
CA PHE C 128 -11.34 -3.24 -31.92
C PHE C 128 -10.86 -1.82 -31.68
N ILE C 129 -10.77 -1.42 -30.40
CA ILE C 129 -10.21 -0.10 -30.10
C ILE C 129 -8.77 0.00 -30.58
N SER C 130 -7.98 -1.05 -30.33
CA SER C 130 -6.59 -1.07 -30.79
C SER C 130 -6.51 -1.00 -32.30
N LEU C 131 -7.35 -1.75 -33.00
CA LEU C 131 -7.37 -1.73 -34.46
C LEU C 131 -7.73 -0.34 -34.98
N ASP C 132 -8.71 0.32 -34.36
CA ASP C 132 -9.07 1.67 -34.76
C ASP C 132 -7.91 2.63 -34.55
N ARG C 133 -7.20 2.49 -33.43
CA ARG C 133 -6.03 3.34 -33.20
C ARG C 133 -4.97 3.13 -34.27
N TYR C 134 -4.72 1.87 -34.63
CA TYR C 134 -3.74 1.56 -35.67
C TYR C 134 -4.14 2.19 -37.00
N LEU C 135 -5.40 2.03 -37.39
CA LEU C 135 -5.85 2.60 -38.65
C LEU C 135 -5.83 4.12 -38.62
N ALA C 136 -6.06 4.72 -37.45
CA ALA C 136 -6.08 6.18 -37.36
C ALA C 136 -4.69 6.77 -37.39
N ILE C 137 -3.69 6.07 -36.85
CA ILE C 137 -2.35 6.62 -36.77
C ILE C 137 -1.50 6.25 -37.98
N VAL C 138 -1.45 4.97 -38.34
CA VAL C 138 -0.57 4.52 -39.41
C VAL C 138 -1.06 5.01 -40.76
N HIS C 139 -2.37 4.93 -41.01
CA HIS C 139 -2.93 5.27 -42.31
C HIS C 139 -3.78 6.53 -42.23
N ALA C 140 -3.28 7.56 -41.54
CA ALA C 140 -4.04 8.79 -41.35
C ALA C 140 -4.24 9.57 -42.65
N THR C 141 -3.55 9.20 -43.73
CA THR C 141 -3.62 9.92 -44.99
C THR C 141 -5.05 9.98 -45.51
N ASN C 142 -5.62 8.83 -45.88
CA ASN C 142 -7.00 8.74 -46.34
C ASN C 142 -7.67 7.49 -45.75
N SER C 143 -8.26 7.66 -44.57
CA SER C 143 -9.00 6.56 -43.94
C SER C 143 -10.03 7.16 -43.00
N GLN C 144 -11.25 7.36 -43.48
CA GLN C 144 -12.37 7.70 -42.61
C GLN C 144 -13.53 6.75 -42.88
N ARG C 145 -13.75 6.44 -44.15
CA ARG C 145 -14.77 5.46 -44.53
C ARG C 145 -14.44 4.07 -44.01
N PRO C 146 -13.20 3.56 -44.14
CA PRO C 146 -12.89 2.28 -43.50
C PRO C 146 -13.15 2.28 -42.00
N ARG C 147 -12.77 3.37 -41.31
CA ARG C 147 -12.99 3.41 -39.87
C ARG C 147 -14.47 3.38 -39.52
N LYS C 148 -15.29 4.17 -40.24
CA LYS C 148 -16.71 4.21 -39.94
C LYS C 148 -17.37 2.85 -40.21
N LEU C 149 -17.13 2.29 -41.39
CA LEU C 149 -17.74 1.02 -41.74
C LEU C 149 -17.30 -0.08 -40.79
N LEU C 150 -15.99 -0.16 -40.54
CA LEU C 150 -15.47 -1.14 -39.60
C LEU C 150 -16.16 -0.96 -38.27
N ALA C 151 -16.11 0.27 -37.75
CA ALA C 151 -16.72 0.55 -36.47
C ALA C 151 -18.12 -0.01 -36.36
N GLU C 152 -19.04 0.47 -37.17
CA GLU C 152 -20.44 0.05 -37.06
C GLU C 152 -20.60 -1.45 -37.31
N LYS C 153 -20.40 -1.85 -38.57
CA LYS C 153 -20.85 -3.18 -38.95
C LYS C 153 -19.99 -4.27 -38.34
N VAL C 154 -18.67 -4.10 -38.38
CA VAL C 154 -17.80 -5.11 -37.82
C VAL C 154 -17.88 -5.19 -36.30
N VAL C 155 -18.09 -4.07 -35.58
CA VAL C 155 -18.25 -4.23 -34.14
C VAL C 155 -19.48 -5.07 -33.87
N TYR C 156 -20.59 -4.78 -34.56
CA TYR C 156 -21.77 -5.62 -34.34
C TYR C 156 -21.45 -7.09 -34.59
N VAL C 157 -21.14 -7.46 -35.82
CA VAL C 157 -20.90 -8.88 -36.08
C VAL C 157 -19.71 -9.41 -35.28
N GLY C 158 -18.51 -8.93 -35.60
CA GLY C 158 -17.31 -9.45 -34.96
C GLY C 158 -17.24 -9.47 -33.44
N VAL C 159 -17.86 -8.50 -32.78
CA VAL C 159 -17.76 -8.43 -31.32
C VAL C 159 -18.90 -9.16 -30.61
N TRP C 160 -20.02 -9.34 -31.29
CA TRP C 160 -21.18 -9.95 -30.62
C TRP C 160 -21.46 -11.39 -31.02
N ILE C 161 -21.65 -11.64 -32.30
CA ILE C 161 -22.01 -12.99 -32.75
C ILE C 161 -21.09 -14.03 -32.12
N PRO C 162 -19.76 -13.88 -32.16
CA PRO C 162 -18.90 -14.90 -31.55
C PRO C 162 -19.13 -15.07 -30.06
N ALA C 163 -19.49 -14.00 -29.35
CA ALA C 163 -19.80 -14.12 -27.93
C ALA C 163 -20.98 -15.07 -27.71
N LEU C 164 -22.04 -14.90 -28.49
CA LEU C 164 -23.19 -15.82 -28.38
C LEU C 164 -22.80 -17.23 -28.78
N LEU C 165 -21.98 -17.36 -29.83
CA LEU C 165 -21.56 -18.69 -30.26
C LEU C 165 -20.74 -19.40 -29.18
N LEU C 166 -19.99 -18.65 -28.37
CA LEU C 166 -19.25 -19.27 -27.28
C LEU C 166 -20.10 -19.42 -26.02
N THR C 167 -21.24 -18.72 -25.95
CA THR C 167 -22.20 -19.00 -24.88
C THR C 167 -23.07 -20.20 -25.21
N ILE C 168 -23.05 -20.64 -26.47
CA ILE C 168 -23.81 -21.83 -26.88
C ILE C 168 -23.52 -23.02 -25.97
N PRO C 169 -22.25 -23.33 -25.62
CA PRO C 169 -22.01 -24.45 -24.69
C PRO C 169 -22.61 -24.25 -23.31
N ASP C 170 -22.85 -22.99 -22.92
CA ASP C 170 -23.37 -22.72 -21.58
C ASP C 170 -24.80 -23.23 -21.44
N PHE C 171 -25.62 -23.05 -22.49
CA PHE C 171 -26.99 -23.53 -22.46
C PHE C 171 -27.04 -25.03 -22.27
N ILE C 172 -26.17 -25.74 -22.99
CA ILE C 172 -26.16 -27.21 -23.00
C ILE C 172 -25.65 -27.76 -21.68
N PHE C 173 -24.60 -27.15 -21.13
CA PHE C 173 -23.82 -27.79 -20.08
C PHE C 173 -24.06 -27.25 -18.68
N ALA C 174 -24.43 -25.98 -18.54
CA ALA C 174 -24.63 -25.42 -17.22
C ALA C 174 -25.82 -26.08 -16.51
N ASN C 175 -25.60 -26.44 -15.25
CA ASN C 175 -26.61 -27.16 -14.48
C ASN C 175 -26.27 -27.13 -13.00
N VAL C 176 -27.24 -27.45 -12.15
CA VAL C 176 -27.03 -27.57 -10.71
C VAL C 176 -27.36 -29.00 -10.29
N SER C 177 -26.41 -29.65 -9.62
CA SER C 177 -26.59 -31.03 -9.18
C SER C 177 -26.12 -31.16 -7.75
N GLU C 178 -26.93 -31.83 -6.93
CA GLU C 178 -26.58 -32.04 -5.53
C GLU C 178 -25.79 -33.33 -5.37
N ALA C 179 -24.91 -33.35 -4.37
CA ALA C 179 -24.09 -34.52 -4.05
C ALA C 179 -23.99 -34.58 -2.53
N ASP C 180 -24.90 -35.35 -1.91
CA ASP C 180 -25.00 -35.43 -0.45
C ASP C 180 -25.23 -34.06 0.16
N ASP C 181 -26.32 -33.42 -0.26
CA ASP C 181 -26.71 -32.08 0.19
C ASP C 181 -25.61 -31.06 -0.11
N ARG C 182 -25.13 -31.07 -1.36
CA ARG C 182 -24.14 -30.12 -1.85
C ARG C 182 -24.63 -29.61 -3.21
N TYR C 183 -25.43 -28.55 -3.20
CA TYR C 183 -26.00 -28.00 -4.42
C TYR C 183 -25.02 -27.01 -5.02
N ILE C 184 -24.45 -27.35 -6.17
CA ILE C 184 -23.43 -26.53 -6.83
C ILE C 184 -23.89 -26.20 -8.23
N CYS C 185 -23.90 -24.92 -8.57
CA CYS C 185 -24.14 -24.46 -9.95
C CYS C 185 -22.80 -24.48 -10.66
N ASP C 186 -22.50 -25.61 -11.30
CA ASP C 186 -21.20 -25.81 -11.94
C ASP C 186 -21.41 -26.52 -13.28
N ARG C 187 -20.64 -26.08 -14.28
CA ARG C 187 -20.67 -26.74 -15.58
C ARG C 187 -20.21 -28.18 -15.44
N PHE C 188 -20.97 -29.11 -16.03
CA PHE C 188 -20.68 -30.53 -15.89
C PHE C 188 -20.47 -31.14 -17.27
N TYR C 189 -19.41 -31.94 -17.39
CA TYR C 189 -19.06 -32.62 -18.62
C TYR C 189 -18.90 -34.11 -18.35
N PRO C 190 -19.16 -34.96 -19.35
CA PRO C 190 -18.99 -36.41 -19.13
C PRO C 190 -17.58 -36.82 -18.78
N ASN C 191 -16.56 -36.16 -19.34
CA ASN C 191 -15.17 -36.54 -19.11
C ASN C 191 -14.34 -35.30 -18.82
N ASP C 192 -13.12 -35.52 -18.34
CA ASP C 192 -12.18 -34.43 -18.10
C ASP C 192 -11.56 -33.90 -19.38
N LEU C 193 -11.65 -34.64 -20.48
CA LEU C 193 -11.14 -34.15 -21.76
C LEU C 193 -11.90 -32.91 -22.20
N TRP C 194 -13.22 -32.91 -22.02
CA TRP C 194 -13.99 -31.70 -22.29
C TRP C 194 -13.54 -30.55 -21.40
N VAL C 195 -13.25 -30.85 -20.13
CA VAL C 195 -12.83 -29.81 -19.19
C VAL C 195 -11.54 -29.16 -19.67
N VAL C 196 -10.54 -29.97 -20.00
CA VAL C 196 -9.25 -29.40 -20.39
C VAL C 196 -9.37 -28.69 -21.74
N VAL C 197 -10.16 -29.24 -22.66
CA VAL C 197 -10.33 -28.61 -23.96
C VAL C 197 -10.97 -27.23 -23.80
N PHE C 198 -12.00 -27.13 -22.96
CA PHE C 198 -12.68 -25.86 -22.80
C PHE C 198 -11.84 -24.86 -22.01
N GLN C 199 -11.05 -25.33 -21.04
CA GLN C 199 -10.15 -24.41 -20.36
C GLN C 199 -9.09 -23.86 -21.30
N PHE C 200 -8.52 -24.72 -22.14
CA PHE C 200 -7.54 -24.25 -23.11
C PHE C 200 -8.16 -23.29 -24.12
N GLN C 201 -9.39 -23.57 -24.55
CA GLN C 201 -10.08 -22.65 -25.45
C GLN C 201 -10.34 -21.30 -24.76
N HIS C 202 -10.73 -21.33 -23.50
CA HIS C 202 -10.93 -20.10 -22.74
C HIS C 202 -9.64 -19.28 -22.70
N ILE C 203 -8.52 -19.93 -22.39
CA ILE C 203 -7.24 -19.23 -22.34
C ILE C 203 -6.92 -18.63 -23.70
N MET C 204 -7.05 -19.45 -24.76
CA MET C 204 -6.64 -19.03 -26.09
C MET C 204 -7.45 -17.85 -26.59
N VAL C 205 -8.77 -17.87 -26.40
CA VAL C 205 -9.60 -16.78 -26.89
C VAL C 205 -9.68 -15.60 -25.92
N GLY C 206 -9.24 -15.77 -24.67
CA GLY C 206 -9.30 -14.68 -23.74
C GLY C 206 -8.02 -13.88 -23.62
N LEU C 207 -6.86 -14.53 -23.71
CA LEU C 207 -5.60 -13.84 -23.51
C LEU C 207 -4.71 -13.84 -24.75
N ILE C 208 -4.46 -15.00 -25.35
CA ILE C 208 -3.41 -15.10 -26.36
C ILE C 208 -3.85 -14.47 -27.67
N LEU C 209 -5.02 -14.84 -28.17
CA LEU C 209 -5.45 -14.39 -29.49
C LEU C 209 -5.63 -12.88 -29.60
N PRO C 210 -6.32 -12.19 -28.68
CA PRO C 210 -6.44 -10.73 -28.83
C PRO C 210 -5.20 -9.98 -28.35
N GLY C 211 -4.46 -10.60 -27.43
CA GLY C 211 -3.24 -9.98 -26.96
C GLY C 211 -2.21 -9.80 -28.06
N ILE C 212 -2.09 -10.79 -28.94
CA ILE C 212 -1.16 -10.69 -30.06
C ILE C 212 -1.56 -9.53 -30.98
N VAL C 213 -2.85 -9.40 -31.26
CA VAL C 213 -3.31 -8.32 -32.14
C VAL C 213 -3.03 -6.96 -31.50
N ILE C 214 -3.32 -6.82 -30.21
CA ILE C 214 -3.09 -5.56 -29.53
C ILE C 214 -1.60 -5.21 -29.54
N LEU C 215 -0.75 -6.20 -29.21
CA LEU C 215 0.68 -5.96 -29.16
C LEU C 215 1.22 -5.57 -30.54
N SER C 216 0.78 -6.28 -31.59
CA SER C 216 1.26 -5.97 -32.93
C SER C 216 0.86 -4.57 -33.35
N CYS C 217 -0.42 -4.22 -33.11
CA CYS C 217 -0.88 -2.88 -33.50
C CYS C 217 -0.11 -1.80 -32.78
N TYR C 218 0.09 -1.95 -31.47
CA TYR C 218 0.76 -0.89 -30.71
C TYR C 218 2.25 -0.84 -31.01
N CYS C 219 2.89 -1.98 -31.28
CA CYS C 219 4.29 -1.97 -31.67
C CYS C 219 4.48 -1.27 -33.02
N ILE C 220 3.59 -1.53 -33.98
CA ILE C 220 3.70 -0.85 -35.26
C ILE C 220 3.43 0.64 -35.10
N ILE C 221 2.48 1.01 -34.23
CA ILE C 221 2.23 2.42 -33.97
C ILE C 221 3.47 3.09 -33.39
N ILE C 222 4.12 2.44 -32.42
CA ILE C 222 5.30 3.00 -31.78
C ILE C 222 6.42 3.16 -32.80
N SER C 223 6.62 2.15 -33.66
CA SER C 223 7.64 2.25 -34.68
C SER C 223 7.37 3.40 -35.64
N LYS C 224 6.09 3.60 -35.99
CA LYS C 224 5.75 4.69 -36.90
C LYS C 224 5.61 6.03 -36.20
N LEU C 225 5.73 6.08 -34.87
CA LEU C 225 5.57 7.33 -34.12
C LEU C 225 6.92 8.05 -34.01
N SER C 226 7.46 8.45 -35.17
CA SER C 226 8.74 9.14 -35.22
C SER C 226 8.68 10.28 -36.22
N HIS C 227 7.60 11.06 -36.18
CA HIS C 227 7.41 12.20 -37.06
C HIS C 227 7.20 13.46 -36.21
N SER C 228 7.92 14.53 -36.56
CA SER C 228 7.84 15.82 -35.87
C SER C 228 8.24 15.59 -34.41
N LYS C 229 7.36 15.84 -33.43
CA LYS C 229 7.70 15.66 -32.03
C LYS C 229 6.40 15.41 -31.27
N GLY C 230 6.48 15.50 -29.93
CA GLY C 230 5.32 15.29 -29.08
C GLY C 230 4.18 16.23 -29.37
N HIS C 231 2.98 15.67 -29.55
CA HIS C 231 1.79 16.44 -29.88
C HIS C 231 0.57 15.59 -29.54
N GLN C 232 -0.61 16.03 -29.99
CA GLN C 232 -1.82 15.26 -29.77
C GLN C 232 -1.74 13.87 -30.41
N LYS C 233 -1.00 13.76 -31.53
CA LYS C 233 -0.79 12.46 -32.15
C LYS C 233 -0.05 11.50 -31.24
N ARG C 234 0.73 12.00 -30.29
CA ARG C 234 1.43 11.17 -29.32
C ARG C 234 0.69 11.02 -28.00
N LYS C 235 -0.13 11.99 -27.64
CA LYS C 235 -0.86 11.95 -26.37
C LYS C 235 -2.27 11.39 -26.51
N ALA C 236 -2.70 11.02 -27.72
CA ALA C 236 -4.03 10.46 -27.91
C ALA C 236 -4.12 9.00 -27.47
N LEU C 237 -2.99 8.32 -27.32
CA LEU C 237 -2.97 6.91 -26.98
C LEU C 237 -2.95 6.64 -25.49
N LYS C 238 -2.84 7.68 -24.65
CA LYS C 238 -2.62 7.46 -23.22
C LYS C 238 -3.81 6.76 -22.58
N THR C 239 -5.02 7.27 -22.81
CA THR C 239 -6.20 6.68 -22.19
C THR C 239 -6.41 5.24 -22.65
N THR C 240 -6.27 5.00 -23.96
CA THR C 240 -6.48 3.66 -24.50
C THR C 240 -5.47 2.68 -23.92
N VAL C 241 -4.19 3.07 -23.88
CA VAL C 241 -3.17 2.16 -23.39
C VAL C 241 -3.34 1.91 -21.91
N ILE C 242 -3.71 2.93 -21.13
CA ILE C 242 -3.94 2.73 -19.71
C ILE C 242 -5.09 1.75 -19.49
N LEU C 243 -6.18 1.93 -20.26
CA LEU C 243 -7.32 1.02 -20.14
C LEU C 243 -6.92 -0.41 -20.46
N ILE C 244 -6.14 -0.60 -21.53
CA ILE C 244 -5.78 -1.96 -21.94
C ILE C 244 -4.86 -2.63 -20.92
N LEU C 245 -3.83 -1.90 -20.46
CA LEU C 245 -2.94 -2.49 -19.47
C LEU C 245 -3.67 -2.79 -18.17
N ALA C 246 -4.58 -1.92 -17.73
CA ALA C 246 -5.33 -2.21 -16.52
C ALA C 246 -6.19 -3.46 -16.70
N PHE C 247 -6.87 -3.57 -17.85
CA PHE C 247 -7.72 -4.72 -18.13
C PHE C 247 -6.92 -6.01 -18.05
N PHE C 248 -5.74 -6.03 -18.67
CA PHE C 248 -4.97 -7.26 -18.68
C PHE C 248 -4.27 -7.54 -17.35
N ALA C 249 -3.88 -6.48 -16.62
CA ALA C 249 -3.23 -6.65 -15.34
C ALA C 249 -4.18 -7.25 -14.31
N CYS C 250 -5.44 -6.84 -14.30
CA CYS C 250 -6.36 -7.45 -13.34
C CYS C 250 -6.75 -8.87 -13.73
N TRP C 251 -6.39 -9.34 -14.93
CA TRP C 251 -6.78 -10.68 -15.37
C TRP C 251 -5.65 -11.71 -15.38
N LEU C 252 -4.40 -11.27 -15.52
CA LEU C 252 -3.29 -12.24 -15.65
C LEU C 252 -3.22 -13.29 -14.55
N PRO C 253 -3.30 -12.96 -13.25
CA PRO C 253 -3.15 -14.02 -12.23
C PRO C 253 -4.20 -15.11 -12.32
N TYR C 254 -5.45 -14.75 -12.67
CA TYR C 254 -6.48 -15.77 -12.85
C TYR C 254 -6.13 -16.72 -13.98
N TYR C 255 -5.61 -16.17 -15.09
CA TYR C 255 -5.21 -17.00 -16.22
C TYR C 255 -4.05 -17.93 -15.84
N ILE C 256 -3.10 -17.41 -15.06
CA ILE C 256 -2.00 -18.27 -14.59
C ILE C 256 -2.55 -19.41 -13.74
N GLY C 257 -3.49 -19.10 -12.84
CA GLY C 257 -4.06 -20.14 -12.00
C GLY C 257 -4.79 -21.21 -12.79
N ILE C 258 -5.62 -20.78 -13.76
CA ILE C 258 -6.37 -21.77 -14.53
C ILE C 258 -5.45 -22.59 -15.43
N SER C 259 -4.40 -21.97 -15.97
CA SER C 259 -3.43 -22.72 -16.76
C SER C 259 -2.75 -23.79 -15.92
N ILE C 260 -2.34 -23.42 -14.70
CA ILE C 260 -1.71 -24.40 -13.81
C ILE C 260 -2.68 -25.53 -13.48
N ASP C 261 -3.93 -25.19 -13.19
CA ASP C 261 -4.91 -26.23 -12.86
C ASP C 261 -5.13 -27.17 -14.05
N SER C 262 -5.26 -26.61 -15.26
CA SER C 262 -5.45 -27.45 -16.43
C SER C 262 -4.26 -28.36 -16.66
N PHE C 263 -3.04 -27.86 -16.41
CA PHE C 263 -1.87 -28.73 -16.51
C PHE C 263 -1.91 -29.83 -15.46
N ILE C 264 -2.38 -29.52 -14.25
CA ILE C 264 -2.57 -30.57 -13.24
C ILE C 264 -3.56 -31.61 -13.74
N LEU C 265 -4.55 -31.19 -14.52
CA LEU C 265 -5.57 -32.13 -14.99
C LEU C 265 -4.98 -33.20 -15.90
N LEU C 266 -4.04 -32.81 -16.77
CA LEU C 266 -3.44 -33.78 -17.70
C LEU C 266 -2.18 -34.42 -17.13
N GLU C 267 -2.26 -34.88 -15.88
CA GLU C 267 -1.21 -35.65 -15.21
C GLU C 267 0.20 -35.15 -15.55
N ILE C 268 0.39 -33.84 -15.45
CA ILE C 268 1.68 -33.22 -15.73
C ILE C 268 2.31 -32.67 -14.45
N ILE C 269 1.51 -32.06 -13.57
CA ILE C 269 2.03 -31.43 -12.37
C ILE C 269 1.52 -32.22 -11.17
N LYS C 270 1.42 -33.54 -11.31
CA LYS C 270 1.00 -34.39 -10.20
C LYS C 270 1.90 -34.18 -9.00
N GLN C 271 1.37 -33.56 -7.94
CA GLN C 271 2.15 -33.25 -6.76
C GLN C 271 1.39 -33.49 -5.47
N GLY C 272 0.24 -34.15 -5.52
CA GLY C 272 -0.57 -34.39 -4.34
C GLY C 272 -1.89 -33.64 -4.40
N CYS C 273 -2.69 -33.86 -3.36
CA CYS C 273 -4.01 -33.26 -3.27
C CYS C 273 -4.00 -31.88 -2.63
N GLU C 274 -2.87 -31.44 -2.08
CA GLU C 274 -2.80 -30.16 -1.39
C GLU C 274 -2.48 -29.00 -2.32
N PHE C 275 -2.18 -29.27 -3.59
CA PHE C 275 -1.94 -28.20 -4.56
C PHE C 275 -3.23 -27.73 -5.23
N GLU C 276 -4.17 -28.63 -5.45
CA GLU C 276 -5.41 -28.28 -6.12
C GLU C 276 -6.23 -27.28 -5.29
N ASN C 277 -6.29 -27.48 -3.97
CA ASN C 277 -7.05 -26.54 -3.14
C ASN C 277 -6.43 -25.15 -3.19
N THR C 278 -5.11 -25.07 -3.13
CA THR C 278 -4.44 -23.77 -3.20
C THR C 278 -4.71 -23.08 -4.52
N VAL C 279 -4.61 -23.83 -5.63
CA VAL C 279 -4.85 -23.18 -6.92
C VAL C 279 -6.31 -22.78 -7.08
N HIS C 280 -7.24 -23.56 -6.50
CA HIS C 280 -8.65 -23.17 -6.53
C HIS C 280 -8.89 -21.86 -5.79
N LYS C 281 -8.30 -21.72 -4.60
CA LYS C 281 -8.44 -20.47 -3.86
C LYS C 281 -7.83 -19.30 -4.62
N TRP C 282 -6.68 -19.53 -5.25
CA TRP C 282 -6.08 -18.52 -6.10
C TRP C 282 -7.05 -18.07 -7.19
N ILE C 283 -7.70 -19.05 -7.84
CA ILE C 283 -8.66 -18.75 -8.90
C ILE C 283 -9.81 -17.90 -8.39
N SER C 284 -10.35 -18.25 -7.22
CA SER C 284 -11.48 -17.51 -6.68
C SER C 284 -11.13 -16.05 -6.40
N ILE C 285 -10.03 -15.83 -5.66
CA ILE C 285 -9.67 -14.46 -5.32
C ILE C 285 -9.35 -13.65 -6.58
N THR C 286 -8.72 -14.28 -7.56
CA THR C 286 -8.38 -13.56 -8.78
C THR C 286 -9.62 -13.24 -9.62
N GLU C 287 -10.63 -14.11 -9.58
CA GLU C 287 -11.91 -13.77 -10.20
C GLU C 287 -12.50 -12.52 -9.57
N ALA C 288 -12.46 -12.44 -8.23
CA ALA C 288 -12.96 -11.25 -7.56
C ALA C 288 -12.22 -10.00 -8.03
N LEU C 289 -10.89 -10.09 -8.16
CA LEU C 289 -10.14 -8.91 -8.61
C LEU C 289 -10.43 -8.58 -10.08
N ALA C 290 -10.72 -9.57 -10.91
CA ALA C 290 -11.15 -9.27 -12.27
C ALA C 290 -12.46 -8.48 -12.28
N PHE C 291 -13.41 -8.87 -11.43
CA PHE C 291 -14.62 -8.07 -11.32
C PHE C 291 -14.29 -6.66 -10.84
N PHE C 292 -13.25 -6.52 -10.00
CA PHE C 292 -12.76 -5.19 -9.65
C PHE C 292 -12.34 -4.41 -10.90
N HIS C 293 -11.74 -5.08 -11.88
CA HIS C 293 -11.44 -4.37 -13.13
C HIS C 293 -12.72 -3.90 -13.81
N CYS C 294 -13.74 -4.77 -13.79
CA CYS C 294 -15.02 -4.42 -14.40
C CYS C 294 -15.56 -3.13 -13.81
N CYS C 295 -15.34 -2.92 -12.51
CA CYS C 295 -15.64 -1.62 -11.92
C CYS C 295 -14.62 -0.55 -12.25
N LEU C 296 -13.36 -0.93 -12.46
CA LEU C 296 -12.30 0.05 -12.67
C LEU C 296 -12.45 0.81 -13.97
N ASN C 297 -13.18 0.26 -14.95
CA ASN C 297 -13.34 0.98 -16.22
C ASN C 297 -13.98 2.36 -16.05
N PRO C 298 -15.18 2.51 -15.46
CA PRO C 298 -15.75 3.86 -15.34
C PRO C 298 -14.93 4.80 -14.46
N ILE C 299 -14.19 4.25 -13.50
CA ILE C 299 -13.28 5.07 -12.69
C ILE C 299 -12.25 5.73 -13.59
N LEU C 300 -11.66 4.96 -14.50
CA LEU C 300 -10.76 5.54 -15.50
C LEU C 300 -11.50 6.55 -16.37
N TYR C 301 -12.79 6.36 -16.55
CA TYR C 301 -13.60 7.29 -17.32
C TYR C 301 -13.84 8.59 -16.55
N ALA C 302 -13.68 8.56 -15.24
CA ALA C 302 -13.97 9.75 -14.42
C ALA C 302 -12.82 10.75 -14.46
N PHE C 303 -11.58 10.28 -14.32
CA PHE C 303 -10.45 11.19 -14.16
C PHE C 303 -10.24 12.06 -15.39
N LEU C 304 -10.29 11.44 -16.58
CA LEU C 304 -10.03 12.14 -17.85
C LEU C 304 -8.68 12.84 -17.82
N GLU D 25 26.34 -31.27 11.43
CA GLU D 25 25.37 -32.22 10.91
C GLU D 25 24.29 -31.50 10.11
N PRO D 26 24.27 -31.74 8.79
CA PRO D 26 23.25 -31.10 7.95
C PRO D 26 21.84 -31.51 8.36
N CYS D 27 20.91 -30.56 8.27
CA CYS D 27 19.53 -30.81 8.64
C CYS D 27 18.76 -31.40 7.46
N PHE D 28 17.47 -31.61 7.65
CA PHE D 28 16.61 -32.20 6.63
C PHE D 28 15.30 -31.42 6.57
N ARG D 29 14.32 -32.00 5.89
CA ARG D 29 12.99 -31.41 5.74
C ARG D 29 13.05 -30.08 4.98
N GLU D 30 13.77 -30.10 3.86
CA GLU D 30 13.88 -28.94 2.98
C GLU D 30 13.00 -29.19 1.76
N GLU D 31 11.96 -28.38 1.61
CA GLU D 31 11.05 -28.52 0.47
C GLU D 31 10.36 -27.19 0.24
N ASN D 32 9.82 -27.03 -0.97
CA ASN D 32 9.13 -25.80 -1.33
C ASN D 32 7.69 -25.82 -0.80
N ALA D 33 7.23 -24.66 -0.32
CA ALA D 33 5.88 -24.55 0.18
C ALA D 33 4.87 -24.58 -0.96
N ASN D 34 3.66 -25.04 -0.65
CA ASN D 34 2.62 -25.14 -1.67
C ASN D 34 2.24 -23.77 -2.21
N PHE D 35 2.17 -22.76 -1.34
CA PHE D 35 1.83 -21.42 -1.80
C PHE D 35 2.92 -20.84 -2.69
N ASN D 36 4.18 -21.17 -2.41
CA ASN D 36 5.28 -20.64 -3.23
C ASN D 36 5.21 -21.17 -4.65
N LYS D 37 4.81 -22.44 -4.82
CA LYS D 37 4.74 -23.06 -6.14
C LYS D 37 3.76 -22.34 -7.06
N ILE D 38 2.84 -21.56 -6.50
CA ILE D 38 1.94 -20.76 -7.31
C ILE D 38 2.31 -19.28 -7.28
N PHE D 39 2.93 -18.79 -6.21
CA PHE D 39 3.29 -17.38 -6.14
C PHE D 39 4.46 -17.06 -7.05
N LEU D 40 5.49 -17.89 -7.04
CA LEU D 40 6.69 -17.61 -7.85
C LEU D 40 6.41 -17.59 -9.35
N PRO D 41 5.70 -18.56 -9.94
CA PRO D 41 5.41 -18.48 -11.38
C PRO D 41 4.65 -17.24 -11.78
N THR D 42 3.78 -16.71 -10.93
CA THR D 42 3.07 -15.48 -11.26
C THR D 42 4.04 -14.32 -11.44
N ILE D 43 4.97 -14.17 -10.50
CA ILE D 43 5.98 -13.11 -10.58
C ILE D 43 6.84 -13.31 -11.82
N TYR D 44 7.26 -14.56 -12.06
CA TYR D 44 8.11 -14.84 -13.21
C TYR D 44 7.42 -14.52 -14.52
N SER D 45 6.12 -14.86 -14.62
CA SER D 45 5.39 -14.61 -15.86
C SER D 45 5.14 -13.12 -16.08
N ILE D 46 4.80 -12.39 -15.01
CA ILE D 46 4.63 -10.94 -15.15
C ILE D 46 5.94 -10.30 -15.61
N ILE D 47 7.06 -10.74 -15.03
CA ILE D 47 8.35 -10.18 -15.42
C ILE D 47 8.69 -10.57 -16.85
N PHE D 48 8.45 -11.82 -17.24
CA PHE D 48 8.55 -12.27 -18.62
C PHE D 48 7.90 -11.25 -19.55
N LEU D 49 6.59 -11.06 -19.38
CA LEU D 49 5.85 -10.22 -20.34
C LEU D 49 6.36 -8.79 -20.32
N THR D 50 6.43 -8.17 -19.14
CA THR D 50 6.77 -6.76 -19.06
C THR D 50 8.19 -6.50 -19.56
N GLY D 51 9.15 -7.32 -19.12
CA GLY D 51 10.52 -7.12 -19.54
C GLY D 51 10.71 -7.32 -21.03
N ILE D 52 10.13 -8.40 -21.58
CA ILE D 52 10.30 -8.64 -23.00
C ILE D 52 9.74 -7.48 -23.81
N VAL D 53 8.51 -7.05 -23.50
CA VAL D 53 7.89 -5.99 -24.29
C VAL D 53 8.69 -4.69 -24.16
N GLY D 54 9.00 -4.29 -22.92
CA GLY D 54 9.68 -3.02 -22.72
C GLY D 54 11.07 -2.99 -23.32
N ASN D 55 11.86 -4.04 -23.08
CA ASN D 55 13.22 -4.07 -23.59
C ASN D 55 13.24 -4.16 -25.11
N GLY D 56 12.35 -4.96 -25.70
CA GLY D 56 12.28 -5.00 -27.15
C GLY D 56 11.92 -3.65 -27.75
N LEU D 57 10.95 -2.97 -27.17
CA LEU D 57 10.57 -1.65 -27.68
C LEU D 57 11.71 -0.65 -27.53
N VAL D 58 12.41 -0.68 -26.39
CA VAL D 58 13.52 0.24 -26.16
C VAL D 58 14.63 -0.01 -27.18
N ILE D 59 14.97 -1.28 -27.41
CA ILE D 59 16.02 -1.61 -28.37
C ILE D 59 15.62 -1.16 -29.76
N LEU D 60 14.37 -1.44 -30.16
CA LEU D 60 13.91 -1.06 -31.48
C LEU D 60 13.96 0.45 -31.68
N VAL D 61 13.53 1.22 -30.67
CA VAL D 61 13.50 2.67 -30.81
C VAL D 61 14.91 3.24 -30.82
N MET D 62 15.80 2.73 -29.97
CA MET D 62 17.11 3.34 -29.78
C MET D 62 18.14 2.85 -30.79
N GLY D 63 18.39 1.54 -30.84
CA GLY D 63 19.46 1.04 -31.68
C GLY D 63 19.13 1.08 -33.16
N TYR D 64 18.00 0.47 -33.54
CA TYR D 64 17.66 0.38 -34.96
C TYR D 64 17.45 1.75 -35.58
N GLN D 65 16.77 2.64 -34.88
CA GLN D 65 16.55 4.00 -35.37
C GLN D 65 17.63 4.92 -34.80
N LYS D 66 17.49 6.22 -35.02
CA LYS D 66 18.46 7.20 -34.56
C LYS D 66 17.80 8.07 -33.49
N LYS D 67 17.92 7.64 -32.23
CA LYS D 67 17.33 8.36 -31.11
C LYS D 67 18.32 8.57 -29.97
N LEU D 68 19.61 8.30 -30.19
CA LEU D 68 20.62 8.48 -29.15
C LEU D 68 21.12 9.92 -29.24
N ARG D 69 20.51 10.80 -28.44
CA ARG D 69 20.93 12.19 -28.39
C ARG D 69 21.98 12.43 -27.31
N SER D 70 21.83 11.79 -26.16
CA SER D 70 22.76 11.93 -25.05
C SER D 70 23.71 10.73 -25.02
N MET D 71 24.53 10.67 -23.96
CA MET D 71 25.48 9.57 -23.80
C MET D 71 24.99 8.49 -22.84
N THR D 72 23.95 8.78 -22.05
CA THR D 72 23.37 7.77 -21.18
C THR D 72 22.55 6.74 -21.96
N ASP D 73 22.10 7.10 -23.16
CA ASP D 73 21.26 6.21 -23.95
C ASP D 73 22.00 4.95 -24.37
N LYS D 74 23.31 5.05 -24.64
CA LYS D 74 24.07 3.86 -25.03
C LYS D 74 24.19 2.87 -23.87
N TYR D 75 24.47 3.38 -22.67
CA TYR D 75 24.52 2.50 -21.51
C TYR D 75 23.14 1.90 -21.23
N ARG D 76 22.08 2.70 -21.41
CA ARG D 76 20.75 2.17 -21.23
C ARG D 76 20.42 1.09 -22.26
N LEU D 77 20.95 1.23 -23.48
CA LEU D 77 20.79 0.19 -24.50
C LEU D 77 21.51 -1.10 -24.08
N HIS D 78 22.71 -0.97 -23.53
CA HIS D 78 23.41 -2.16 -23.03
C HIS D 78 22.60 -2.83 -21.91
N LEU D 79 22.04 -2.02 -21.00
CA LEU D 79 21.19 -2.55 -19.95
C LEU D 79 19.99 -3.27 -20.52
N SER D 80 19.37 -2.68 -21.55
CA SER D 80 18.20 -3.30 -22.17
C SER D 80 18.56 -4.64 -22.79
N VAL D 81 19.72 -4.73 -23.45
CA VAL D 81 20.13 -5.99 -24.07
C VAL D 81 20.30 -7.07 -22.99
N ALA D 82 21.01 -6.73 -21.91
CA ALA D 82 21.22 -7.72 -20.85
C ALA D 82 19.90 -8.16 -20.22
N ASP D 83 19.01 -7.21 -19.95
CA ASP D 83 17.72 -7.55 -19.35
C ASP D 83 16.87 -8.39 -20.30
N LEU D 84 16.93 -8.09 -21.60
CA LEU D 84 16.20 -8.89 -22.57
C LEU D 84 16.66 -10.33 -22.59
N LEU D 85 17.98 -10.54 -22.55
CA LEU D 85 18.49 -11.90 -22.49
C LEU D 85 18.02 -12.61 -21.23
N PHE D 86 18.05 -11.93 -20.09
CA PHE D 86 17.63 -12.58 -18.85
C PHE D 86 16.14 -12.93 -18.88
N VAL D 87 15.29 -12.00 -19.33
CA VAL D 87 13.86 -12.28 -19.34
C VAL D 87 13.53 -13.36 -20.36
N ILE D 88 14.31 -13.48 -21.43
CA ILE D 88 14.16 -14.63 -22.32
C ILE D 88 14.47 -15.91 -21.57
N THR D 89 15.49 -15.89 -20.71
CA THR D 89 15.84 -17.08 -19.94
C THR D 89 14.74 -17.46 -18.92
N LEU D 90 14.01 -16.47 -18.42
CA LEU D 90 13.14 -16.67 -17.26
C LEU D 90 12.13 -17.82 -17.30
N PRO D 91 11.46 -18.13 -18.41
CA PRO D 91 10.42 -19.19 -18.36
C PRO D 91 10.94 -20.53 -17.87
N PHE D 92 12.21 -20.84 -18.08
CA PHE D 92 12.78 -22.05 -17.49
C PHE D 92 12.78 -21.95 -15.97
N TRP D 93 13.08 -20.78 -15.43
CA TRP D 93 12.95 -20.56 -13.98
C TRP D 93 11.52 -20.82 -13.54
N ALA D 94 10.55 -20.28 -14.29
CA ALA D 94 9.15 -20.44 -13.90
C ALA D 94 8.74 -21.91 -13.91
N VAL D 95 9.16 -22.66 -14.92
CA VAL D 95 8.83 -24.08 -15.00
C VAL D 95 9.50 -24.85 -13.87
N ASP D 96 10.76 -24.53 -13.57
CA ASP D 96 11.49 -25.24 -12.53
C ASP D 96 10.86 -24.99 -11.16
N ALA D 97 10.39 -23.77 -10.92
CA ALA D 97 9.86 -23.40 -9.60
C ALA D 97 8.65 -24.24 -9.20
N VAL D 98 7.96 -24.86 -10.15
CA VAL D 98 6.73 -25.58 -9.86
C VAL D 98 7.02 -27.00 -9.38
N ALA D 99 7.66 -27.81 -10.22
CA ALA D 99 7.85 -29.22 -9.90
C ALA D 99 9.32 -29.59 -9.69
N ASN D 100 10.17 -29.41 -10.70
CA ASN D 100 11.55 -29.87 -10.64
C ASN D 100 12.32 -29.47 -11.89
N TRP D 101 13.62 -29.75 -11.92
CA TRP D 101 14.45 -29.60 -13.10
C TRP D 101 14.85 -31.00 -13.57
N TYR D 102 14.15 -31.50 -14.59
CA TYR D 102 14.46 -32.83 -15.12
C TYR D 102 14.41 -32.83 -16.64
N PHE D 103 14.64 -31.67 -17.25
CA PHE D 103 14.62 -31.55 -18.70
C PHE D 103 15.98 -31.15 -19.27
N GLY D 104 17.04 -31.74 -18.75
CA GLY D 104 18.36 -31.63 -19.36
C GLY D 104 19.43 -31.29 -18.35
N ASN D 105 20.65 -31.17 -18.87
CA ASN D 105 21.83 -30.78 -18.11
C ASN D 105 22.51 -29.54 -18.67
N PHE D 106 22.59 -29.44 -20.00
CA PHE D 106 23.21 -28.28 -20.63
C PHE D 106 22.37 -27.03 -20.45
N LEU D 107 21.04 -27.18 -20.34
CA LEU D 107 20.17 -26.03 -20.14
C LEU D 107 20.41 -25.38 -18.77
N CYS D 108 20.72 -26.17 -17.75
CA CYS D 108 21.06 -25.61 -16.45
C CYS D 108 22.29 -24.72 -16.54
N LYS D 109 23.33 -25.21 -17.23
CA LYS D 109 24.54 -24.41 -17.41
C LYS D 109 24.25 -23.14 -18.19
N ALA D 110 23.46 -23.24 -19.26
CA ALA D 110 23.14 -22.06 -20.05
C ALA D 110 22.38 -21.03 -19.22
N VAL D 111 21.36 -21.47 -18.48
CA VAL D 111 20.56 -20.56 -17.68
C VAL D 111 21.44 -19.86 -16.66
N HIS D 112 22.31 -20.61 -15.98
CA HIS D 112 23.23 -19.99 -15.04
C HIS D 112 24.16 -18.98 -15.72
N VAL D 113 24.57 -19.28 -16.96
CA VAL D 113 25.50 -18.39 -17.65
C VAL D 113 24.85 -17.04 -17.95
N ILE D 114 23.64 -17.04 -18.54
CA ILE D 114 23.03 -15.73 -18.78
C ILE D 114 22.64 -15.04 -17.46
N TYR D 115 22.23 -15.81 -16.46
CA TYR D 115 21.95 -15.21 -15.16
C TYR D 115 23.16 -14.42 -14.65
N THR D 116 24.33 -15.07 -14.64
CA THR D 116 25.53 -14.41 -14.12
C THR D 116 25.94 -13.25 -15.01
N VAL D 117 25.81 -13.39 -16.33
CA VAL D 117 26.20 -12.31 -17.23
C VAL D 117 25.39 -11.05 -16.93
N ASN D 118 24.07 -11.19 -16.86
CA ASN D 118 23.22 -10.03 -16.57
C ASN D 118 23.52 -9.48 -15.18
N LEU D 119 23.66 -10.37 -14.20
CA LEU D 119 23.83 -9.94 -12.82
C LEU D 119 25.11 -9.13 -12.63
N TYR D 120 26.20 -9.54 -13.26
CA TYR D 120 27.46 -8.82 -13.13
C TYR D 120 27.65 -7.72 -14.16
N SER D 121 26.77 -7.63 -15.17
CA SER D 121 26.89 -6.55 -16.14
C SER D 121 26.04 -5.33 -15.82
N SER D 122 24.87 -5.51 -15.21
CA SER D 122 24.01 -4.37 -14.94
C SER D 122 24.66 -3.38 -13.97
N VAL D 123 25.30 -3.89 -12.92
CA VAL D 123 25.94 -3.01 -11.92
C VAL D 123 27.10 -2.25 -12.56
N LEU D 124 27.89 -2.91 -13.39
CA LEU D 124 28.99 -2.24 -14.05
C LEU D 124 28.50 -1.17 -15.02
N ILE D 125 27.39 -1.43 -15.70
CA ILE D 125 26.82 -0.40 -16.57
C ILE D 125 26.37 0.80 -15.74
N LEU D 126 25.77 0.55 -14.58
CA LEU D 126 25.38 1.66 -13.70
C LEU D 126 26.60 2.46 -13.23
N ALA D 127 27.67 1.76 -12.87
CA ALA D 127 28.89 2.44 -12.45
C ALA D 127 29.46 3.29 -13.59
N PHE D 128 29.39 2.79 -14.81
CA PHE D 128 29.86 3.59 -15.95
C PHE D 128 28.99 4.81 -16.17
N ILE D 129 27.68 4.68 -15.97
CA ILE D 129 26.80 5.85 -16.06
C ILE D 129 27.19 6.89 -15.02
N SER D 130 27.44 6.45 -13.80
CA SER D 130 27.86 7.37 -12.73
C SER D 130 29.18 8.04 -13.07
N LEU D 131 30.14 7.28 -13.60
CA LEU D 131 31.43 7.85 -13.99
C LEU D 131 31.26 8.89 -15.09
N ASP D 132 30.40 8.61 -16.07
CA ASP D 132 30.15 9.58 -17.13
C ASP D 132 29.52 10.84 -16.58
N ARG D 133 28.59 10.70 -15.63
CA ARG D 133 28.00 11.89 -15.00
C ARG D 133 29.06 12.71 -14.28
N TYR D 134 29.94 12.04 -13.55
CA TYR D 134 31.01 12.74 -12.84
C TYR D 134 31.90 13.51 -13.81
N LEU D 135 32.33 12.84 -14.89
CA LEU D 135 33.19 13.50 -15.86
C LEU D 135 32.46 14.64 -16.57
N ALA D 136 31.15 14.52 -16.77
CA ALA D 136 30.40 15.55 -17.46
C ALA D 136 30.16 16.78 -16.59
N ILE D 137 30.01 16.58 -15.28
CA ILE D 137 29.68 17.71 -14.39
C ILE D 137 30.93 18.35 -13.81
N VAL D 138 31.84 17.54 -13.24
CA VAL D 138 32.99 18.11 -12.55
C VAL D 138 33.98 18.73 -13.53
N HIS D 139 34.23 18.05 -14.66
CA HIS D 139 35.23 18.50 -15.62
C HIS D 139 34.58 18.94 -16.92
N ALA D 140 33.50 19.71 -16.82
CA ALA D 140 32.77 20.15 -18.01
C ALA D 140 33.57 21.12 -18.87
N THR D 141 34.69 21.63 -18.38
CA THR D 141 35.48 22.61 -19.12
C THR D 141 35.92 22.08 -20.48
N ASN D 142 36.77 21.05 -20.49
CA ASN D 142 37.21 20.40 -21.72
C ASN D 142 37.26 18.88 -21.52
N SER D 143 36.13 18.22 -21.81
CA SER D 143 36.08 16.77 -21.74
C SER D 143 34.96 16.29 -22.66
N GLN D 144 35.29 15.96 -23.90
CA GLN D 144 34.36 15.27 -24.77
C GLN D 144 35.03 14.03 -25.36
N ARG D 145 36.31 14.18 -25.72
CA ARG D 145 37.08 13.03 -26.19
C ARG D 145 37.25 11.98 -25.11
N PRO D 146 37.61 12.32 -23.86
CA PRO D 146 37.63 11.28 -22.82
C PRO D 146 36.29 10.58 -22.67
N ARG D 147 35.18 11.32 -22.70
CA ARG D 147 33.88 10.69 -22.55
C ARG D 147 33.58 9.73 -23.69
N LYS D 148 33.85 10.14 -24.92
CA LYS D 148 33.57 9.29 -26.07
C LYS D 148 34.42 8.02 -26.03
N LEU D 149 35.73 8.18 -25.85
CA LEU D 149 36.62 7.02 -25.83
C LEU D 149 36.28 6.09 -24.69
N LEU D 150 36.10 6.65 -23.50
CA LEU D 150 35.72 5.83 -22.36
C LEU D 150 34.45 5.09 -22.69
N ALA D 151 33.42 5.84 -23.11
CA ALA D 151 32.14 5.22 -23.42
C ALA D 151 32.31 4.00 -24.30
N GLU D 152 32.81 4.18 -25.52
CA GLU D 152 32.90 3.06 -26.46
C GLU D 152 33.80 1.95 -25.93
N LYS D 153 35.10 2.23 -25.88
CA LYS D 153 36.05 1.14 -25.72
C LYS D 153 36.01 0.56 -24.31
N VAL D 154 35.96 1.43 -23.30
CA VAL D 154 35.93 0.93 -21.94
C VAL D 154 34.62 0.24 -21.60
N VAL D 155 33.47 0.69 -22.13
CA VAL D 155 32.25 -0.06 -21.83
C VAL D 155 32.39 -1.47 -22.37
N TYR D 156 32.89 -1.59 -23.63
CA TYR D 156 33.06 -2.95 -24.15
C TYR D 156 33.96 -3.77 -23.23
N VAL D 157 35.22 -3.41 -23.09
CA VAL D 157 36.10 -4.24 -22.28
C VAL D 157 35.63 -4.29 -20.83
N GLY D 158 35.70 -3.17 -20.13
CA GLY D 158 35.36 -3.14 -18.71
C GLY D 158 34.03 -3.69 -18.26
N VAL D 159 33.00 -3.57 -19.09
CA VAL D 159 31.67 -4.01 -18.67
C VAL D 159 31.37 -5.44 -19.10
N TRP D 160 32.06 -5.95 -20.12
CA TRP D 160 31.73 -7.27 -20.63
C TRP D 160 32.73 -8.35 -20.27
N ILE D 161 34.00 -8.16 -20.63
CA ILE D 161 35.01 -9.18 -20.39
C ILE D 161 34.92 -9.70 -18.96
N PRO D 162 34.91 -8.85 -17.93
CA PRO D 162 34.83 -9.39 -16.56
C PRO D 162 33.57 -10.21 -16.30
N ALA D 163 32.46 -9.87 -16.94
CA ALA D 163 31.25 -10.68 -16.78
C ALA D 163 31.48 -12.11 -17.25
N LEU D 164 32.09 -12.27 -18.42
CA LEU D 164 32.40 -13.61 -18.92
C LEU D 164 33.41 -14.31 -18.01
N LEU D 165 34.41 -13.56 -17.52
CA LEU D 165 35.39 -14.15 -16.63
C LEU D 165 34.76 -14.65 -15.34
N LEU D 166 33.70 -13.98 -14.87
CA LEU D 166 33.01 -14.46 -13.67
C LEU D 166 31.96 -15.52 -14.00
N THR D 167 31.58 -15.64 -15.27
CA THR D 167 30.75 -16.78 -15.67
C THR D 167 31.59 -18.03 -15.89
N ILE D 168 32.91 -17.87 -15.99
CA ILE D 168 33.82 -19.00 -16.15
C ILE D 168 33.56 -20.10 -15.11
N PRO D 169 33.39 -19.77 -13.80
CA PRO D 169 33.07 -20.82 -12.83
C PRO D 169 31.75 -21.53 -13.09
N ASP D 170 30.83 -20.86 -13.79
CA ASP D 170 29.51 -21.46 -14.03
C ASP D 170 29.61 -22.67 -14.95
N PHE D 171 30.46 -22.59 -15.98
CA PHE D 171 30.65 -23.70 -16.89
C PHE D 171 31.18 -24.92 -16.15
N ILE D 172 32.15 -24.71 -15.26
CA ILE D 172 32.82 -25.78 -14.55
C ILE D 172 31.89 -26.43 -13.53
N PHE D 173 31.13 -25.61 -12.80
CA PHE D 173 30.50 -26.06 -11.57
C PHE D 173 29.00 -26.32 -11.69
N ALA D 174 28.29 -25.63 -12.58
CA ALA D 174 26.85 -25.83 -12.68
C ALA D 174 26.53 -27.23 -13.17
N ASN D 175 25.57 -27.87 -12.51
CA ASN D 175 25.21 -29.25 -12.82
C ASN D 175 23.88 -29.61 -12.16
N VAL D 176 23.27 -30.71 -12.62
CA VAL D 176 22.05 -31.23 -12.02
C VAL D 176 22.33 -32.63 -11.50
N SER D 177 22.03 -32.86 -10.22
CA SER D 177 22.27 -34.15 -9.60
C SER D 177 21.06 -34.54 -8.78
N GLU D 178 20.62 -35.78 -8.92
CA GLU D 178 19.48 -36.30 -8.19
C GLU D 178 19.93 -36.89 -6.86
N ALA D 179 19.05 -36.80 -5.86
CA ALA D 179 19.30 -37.35 -4.53
C ALA D 179 17.97 -37.92 -4.03
N ASP D 180 17.77 -39.22 -4.27
CA ASP D 180 16.52 -39.91 -3.95
C ASP D 180 15.34 -39.23 -4.64
N ASP D 181 15.43 -39.19 -5.98
CA ASP D 181 14.41 -38.58 -6.83
C ASP D 181 14.22 -37.09 -6.48
N ARG D 182 15.33 -36.37 -6.39
CA ARG D 182 15.33 -34.93 -6.15
C ARG D 182 16.32 -34.29 -7.13
N TYR D 183 15.82 -33.94 -8.31
CA TYR D 183 16.66 -33.38 -9.38
C TYR D 183 16.73 -31.87 -9.18
N ILE D 184 17.91 -31.37 -8.82
CA ILE D 184 18.13 -29.97 -8.53
C ILE D 184 19.23 -29.44 -9.43
N CYS D 185 18.95 -28.35 -10.14
CA CYS D 185 19.95 -27.62 -10.91
C CYS D 185 20.61 -26.63 -9.96
N ASP D 186 21.68 -27.06 -9.31
CA ASP D 186 22.36 -26.26 -8.30
C ASP D 186 23.87 -26.39 -8.46
N ARG D 187 24.56 -25.27 -8.29
CA ARG D 187 26.02 -25.28 -8.32
C ARG D 187 26.56 -26.15 -7.19
N PHE D 188 27.49 -27.04 -7.52
CA PHE D 188 28.02 -28.00 -6.57
C PHE D 188 29.52 -27.82 -6.44
N TYR D 189 30.00 -27.79 -5.20
CA TYR D 189 31.41 -27.63 -4.87
C TYR D 189 31.85 -28.76 -3.96
N PRO D 190 33.12 -29.16 -4.01
CA PRO D 190 33.59 -30.23 -3.12
C PRO D 190 33.47 -29.90 -1.64
N ASN D 191 33.67 -28.64 -1.26
CA ASN D 191 33.64 -28.24 0.16
C ASN D 191 32.83 -26.98 0.32
N ASP D 192 32.49 -26.67 1.58
CA ASP D 192 31.79 -25.43 1.91
C ASP D 192 32.69 -24.21 1.83
N LEU D 193 34.01 -24.40 1.85
CA LEU D 193 34.93 -23.27 1.72
C LEU D 193 34.74 -22.58 0.37
N TRP D 194 34.58 -23.37 -0.70
CA TRP D 194 34.27 -22.78 -2.00
C TRP D 194 32.96 -22.02 -1.94
N VAL D 195 31.96 -22.57 -1.24
CA VAL D 195 30.65 -21.92 -1.16
C VAL D 195 30.78 -20.55 -0.51
N VAL D 196 31.45 -20.48 0.64
CA VAL D 196 31.55 -19.20 1.35
C VAL D 196 32.42 -18.22 0.57
N VAL D 197 33.49 -18.72 -0.06
CA VAL D 197 34.36 -17.83 -0.84
C VAL D 197 33.59 -17.22 -2.00
N PHE D 198 32.79 -18.03 -2.70
CA PHE D 198 32.06 -17.51 -3.86
C PHE D 198 30.91 -16.61 -3.44
N GLN D 199 30.25 -16.90 -2.30
CA GLN D 199 29.23 -15.99 -1.81
C GLN D 199 29.83 -14.63 -1.43
N PHE D 200 30.97 -14.64 -0.75
CA PHE D 200 31.62 -13.39 -0.39
C PHE D 200 32.07 -12.62 -1.63
N GLN D 201 32.59 -13.34 -2.64
CA GLN D 201 32.96 -12.69 -3.89
C GLN D 201 31.74 -12.09 -4.57
N HIS D 202 30.61 -12.81 -4.57
CA HIS D 202 29.39 -12.28 -5.15
C HIS D 202 28.98 -10.99 -4.45
N ILE D 203 28.99 -10.98 -3.12
CA ILE D 203 28.63 -9.77 -2.39
C ILE D 203 29.58 -8.63 -2.73
N MET D 204 30.90 -8.92 -2.72
CA MET D 204 31.89 -7.86 -2.91
C MET D 204 31.79 -7.23 -4.29
N VAL D 205 31.62 -8.05 -5.34
CA VAL D 205 31.56 -7.50 -6.69
C VAL D 205 30.16 -7.03 -7.07
N GLY D 206 29.14 -7.40 -6.31
CA GLY D 206 27.79 -6.97 -6.65
C GLY D 206 27.34 -5.71 -5.94
N LEU D 207 27.71 -5.54 -4.67
CA LEU D 207 27.22 -4.41 -3.90
C LEU D 207 28.32 -3.45 -3.47
N ILE D 208 29.39 -3.95 -2.85
CA ILE D 208 30.33 -3.08 -2.17
C ILE D 208 31.21 -2.34 -3.17
N LEU D 209 31.83 -3.07 -4.10
CA LEU D 209 32.79 -2.46 -5.00
C LEU D 209 32.20 -1.38 -5.91
N PRO D 210 31.07 -1.60 -6.60
CA PRO D 210 30.53 -0.51 -7.44
C PRO D 210 29.77 0.53 -6.64
N GLY D 211 29.24 0.13 -5.49
CA GLY D 211 28.53 1.07 -4.64
C GLY D 211 29.43 2.19 -4.15
N ILE D 212 30.67 1.85 -3.79
CA ILE D 212 31.63 2.86 -3.34
C ILE D 212 31.90 3.86 -4.47
N VAL D 213 32.09 3.36 -5.69
CA VAL D 213 32.38 4.24 -6.82
C VAL D 213 31.20 5.18 -7.08
N ILE D 214 29.99 4.62 -7.06
CA ILE D 214 28.80 5.44 -7.30
C ILE D 214 28.66 6.51 -6.23
N LEU D 215 28.81 6.12 -4.97
CA LEU D 215 28.67 7.05 -3.87
C LEU D 215 29.72 8.15 -3.94
N SER D 216 30.97 7.80 -4.22
CA SER D 216 32.03 8.80 -4.31
C SER D 216 31.76 9.78 -5.44
N CYS D 217 31.38 9.27 -6.61
CA CYS D 217 31.12 10.15 -7.75
C CYS D 217 29.98 11.11 -7.45
N TYR D 218 28.89 10.59 -6.88
CA TYR D 218 27.75 11.47 -6.64
C TYR D 218 27.98 12.44 -5.49
N CYS D 219 28.74 12.03 -4.47
CA CYS D 219 29.09 12.96 -3.40
C CYS D 219 29.96 14.10 -3.91
N ILE D 220 30.93 13.78 -4.77
CA ILE D 220 31.77 14.84 -5.33
C ILE D 220 30.94 15.75 -6.24
N ILE D 221 30.00 15.17 -6.99
CA ILE D 221 29.12 15.99 -7.82
C ILE D 221 28.30 16.94 -6.97
N ILE D 222 27.74 16.43 -5.86
CA ILE D 222 26.92 17.26 -4.98
C ILE D 222 27.75 18.37 -4.37
N SER D 223 28.98 18.06 -3.93
CA SER D 223 29.84 19.08 -3.37
C SER D 223 30.18 20.15 -4.40
N LYS D 224 30.39 19.75 -5.66
CA LYS D 224 30.70 20.71 -6.70
C LYS D 224 29.47 21.39 -7.29
N LEU D 225 28.27 20.97 -6.89
CA LEU D 225 27.04 21.54 -7.43
C LEU D 225 26.60 22.76 -6.62
N SER D 226 27.45 23.79 -6.65
CA SER D 226 27.19 25.03 -5.92
C SER D 226 27.55 26.24 -6.78
N HIS D 227 27.17 26.21 -8.04
CA HIS D 227 27.41 27.30 -8.97
C HIS D 227 26.09 27.79 -9.55
N SER D 228 25.92 29.12 -9.56
CA SER D 228 24.71 29.77 -10.07
C SER D 228 23.52 29.26 -9.26
N LYS D 229 22.53 28.61 -9.87
CA LYS D 229 21.37 28.11 -9.16
C LYS D 229 20.79 26.93 -9.92
N GLY D 230 19.57 26.53 -9.58
CA GLY D 230 18.91 25.42 -10.22
C GLY D 230 18.74 25.61 -11.71
N HIS D 231 19.14 24.60 -12.49
CA HIS D 231 19.09 24.66 -13.94
C HIS D 231 19.16 23.23 -14.46
N GLN D 232 19.37 23.09 -15.78
CA GLN D 232 19.51 21.76 -16.37
C GLN D 232 20.72 21.03 -15.79
N LYS D 233 21.76 21.76 -15.41
CA LYS D 233 22.91 21.15 -14.75
C LYS D 233 22.55 20.48 -13.44
N ARG D 234 21.47 20.93 -12.79
CA ARG D 234 21.00 20.32 -11.55
C ARG D 234 19.89 19.30 -11.76
N LYS D 235 19.11 19.44 -12.84
CA LYS D 235 18.01 18.52 -13.11
C LYS D 235 18.39 17.39 -14.06
N ALA D 236 19.63 17.35 -14.54
CA ALA D 236 20.05 16.27 -15.43
C ALA D 236 20.32 14.97 -14.70
N LEU D 237 20.49 15.01 -13.38
CA LEU D 237 20.84 13.84 -12.60
C LEU D 237 19.64 13.08 -12.08
N LYS D 238 18.43 13.60 -12.27
CA LYS D 238 17.25 13.01 -11.63
C LYS D 238 16.99 11.60 -12.12
N THR D 239 16.96 11.40 -13.45
CA THR D 239 16.68 10.08 -14.00
C THR D 239 17.74 9.07 -13.59
N THR D 240 19.01 9.47 -13.68
CA THR D 240 20.10 8.56 -13.34
C THR D 240 20.05 8.16 -11.88
N VAL D 241 19.83 9.13 -10.99
CA VAL D 241 19.83 8.82 -9.57
C VAL D 241 18.61 7.97 -9.21
N ILE D 242 17.46 8.23 -9.83
CA ILE D 242 16.28 7.42 -9.57
C ILE D 242 16.53 5.98 -10.01
N LEU D 243 17.13 5.81 -11.19
CA LEU D 243 17.43 4.47 -11.68
C LEU D 243 18.37 3.74 -10.73
N ILE D 244 19.42 4.43 -10.25
CA ILE D 244 20.40 3.76 -9.40
C ILE D 244 19.80 3.37 -8.06
N LEU D 245 19.07 4.30 -7.43
CA LEU D 245 18.45 3.97 -6.14
C LEU D 245 17.43 2.85 -6.28
N ALA D 246 16.65 2.84 -7.35
CA ALA D 246 15.70 1.74 -7.55
C ALA D 246 16.44 0.42 -7.71
N PHE D 247 17.50 0.41 -8.52
CA PHE D 247 18.26 -0.81 -8.74
C PHE D 247 18.79 -1.36 -7.43
N PHE D 248 19.35 -0.50 -6.58
CA PHE D 248 19.93 -0.99 -5.34
C PHE D 248 18.86 -1.33 -4.29
N ALA D 249 17.74 -0.61 -4.29
CA ALA D 249 16.67 -0.87 -3.34
C ALA D 249 16.03 -2.23 -3.58
N CYS D 250 15.83 -2.61 -4.85
CA CYS D 250 15.26 -3.94 -5.08
C CYS D 250 16.26 -5.06 -4.82
N TRP D 251 17.53 -4.76 -4.58
CA TRP D 251 18.54 -5.80 -4.38
C TRP D 251 19.01 -5.95 -2.93
N LEU D 252 18.96 -4.89 -2.13
CA LEU D 252 19.50 -4.95 -0.77
C LEU D 252 19.01 -6.12 0.08
N PRO D 253 17.70 -6.42 0.18
CA PRO D 253 17.28 -7.52 1.07
C PRO D 253 17.85 -8.87 0.69
N TYR D 254 18.00 -9.15 -0.61
CA TYR D 254 18.62 -10.40 -1.03
C TYR D 254 20.06 -10.48 -0.56
N TYR D 255 20.79 -9.37 -0.67
CA TYR D 255 22.18 -9.34 -0.21
C TYR D 255 22.27 -9.54 1.30
N ILE D 256 21.35 -8.94 2.05
CA ILE D 256 21.32 -9.16 3.50
C ILE D 256 21.09 -10.64 3.80
N GLY D 257 20.14 -11.26 3.09
CA GLY D 257 19.86 -12.67 3.33
C GLY D 257 21.06 -13.56 3.03
N ILE D 258 21.72 -13.33 1.89
CA ILE D 258 22.85 -14.18 1.54
C ILE D 258 24.02 -13.95 2.48
N SER D 259 24.23 -12.70 2.93
CA SER D 259 25.28 -12.44 3.91
C SER D 259 25.02 -13.18 5.20
N ILE D 260 23.77 -13.15 5.68
CA ILE D 260 23.43 -13.87 6.90
C ILE D 260 23.65 -15.37 6.72
N ASP D 261 23.23 -15.92 5.57
CA ASP D 261 23.41 -17.35 5.34
C ASP D 261 24.89 -17.72 5.31
N SER D 262 25.72 -16.91 4.63
CA SER D 262 27.14 -17.18 4.58
C SER D 262 27.76 -17.13 5.97
N PHE D 263 27.32 -16.20 6.81
CA PHE D 263 27.80 -16.17 8.18
C PHE D 263 27.38 -17.41 8.95
N ILE D 264 26.15 -17.90 8.70
CA ILE D 264 25.74 -19.17 9.31
C ILE D 264 26.65 -20.30 8.86
N LEU D 265 27.15 -20.22 7.63
CA LEU D 265 27.99 -21.30 7.11
C LEU D 265 29.29 -21.43 7.89
N LEU D 266 29.90 -20.30 8.27
CA LEU D 266 31.16 -20.35 9.01
C LEU D 266 30.94 -20.35 10.52
N GLU D 267 30.05 -21.21 10.99
CA GLU D 267 29.81 -21.47 12.41
C GLU D 267 29.89 -20.21 13.27
N ILE D 268 29.20 -19.15 12.81
CA ILE D 268 29.16 -17.89 13.52
C ILE D 268 27.77 -17.61 14.11
N ILE D 269 26.73 -17.94 13.37
CA ILE D 269 25.36 -17.64 13.79
C ILE D 269 24.66 -18.97 14.05
N LYS D 270 25.39 -19.95 14.57
CA LYS D 270 24.79 -21.24 14.91
C LYS D 270 23.62 -21.05 15.87
N GLN D 271 22.40 -21.28 15.38
CA GLN D 271 21.21 -21.07 16.19
C GLN D 271 20.17 -22.16 15.99
N GLY D 272 20.51 -23.26 15.33
CA GLY D 272 19.57 -24.33 15.06
C GLY D 272 19.28 -24.47 13.58
N CYS D 273 18.45 -25.47 13.27
CA CYS D 273 18.09 -25.77 11.90
C CYS D 273 16.89 -24.98 11.40
N GLU D 274 16.20 -24.25 12.27
CA GLU D 274 15.00 -23.51 11.89
C GLU D 274 15.30 -22.12 11.36
N PHE D 275 16.55 -21.67 11.43
CA PHE D 275 16.94 -20.37 10.86
C PHE D 275 17.30 -20.46 9.40
N GLU D 276 17.92 -21.57 8.98
CA GLU D 276 18.34 -21.73 7.59
C GLU D 276 17.15 -21.75 6.64
N ASN D 277 16.07 -22.42 7.02
CA ASN D 277 14.89 -22.45 6.15
C ASN D 277 14.31 -21.06 5.97
N THR D 278 14.22 -20.30 7.06
CA THR D 278 13.68 -18.95 6.97
C THR D 278 14.55 -18.06 6.08
N VAL D 279 15.87 -18.15 6.24
CA VAL D 279 16.73 -17.31 5.41
C VAL D 279 16.68 -17.75 3.95
N HIS D 280 16.51 -19.05 3.69
CA HIS D 280 16.37 -19.52 2.31
C HIS D 280 15.11 -18.96 1.66
N LYS D 281 13.99 -18.98 2.39
CA LYS D 281 12.76 -18.41 1.85
C LYS D 281 12.90 -16.91 1.61
N TRP D 282 13.57 -16.21 2.53
CA TRP D 282 13.87 -14.81 2.32
C TRP D 282 14.64 -14.59 1.02
N ILE D 283 15.66 -15.42 0.78
CA ILE D 283 16.46 -15.32 -0.43
C ILE D 283 15.60 -15.51 -1.67
N SER D 284 14.73 -16.51 -1.66
CA SER D 284 13.90 -16.78 -2.84
C SER D 284 13.00 -15.60 -3.17
N ILE D 285 12.25 -15.12 -2.17
CA ILE D 285 11.31 -14.03 -2.45
C ILE D 285 12.06 -12.77 -2.90
N THR D 286 13.23 -12.52 -2.30
CA THR D 286 13.97 -11.33 -2.68
C THR D 286 14.59 -11.45 -4.07
N GLU D 287 14.93 -12.66 -4.50
CA GLU D 287 15.33 -12.88 -5.89
C GLU D 287 14.20 -12.51 -6.83
N ALA D 288 12.98 -12.93 -6.50
CA ALA D 288 11.83 -12.57 -7.33
C ALA D 288 11.68 -11.05 -7.42
N LEU D 289 11.84 -10.35 -6.30
CA LEU D 289 11.71 -8.89 -6.35
C LEU D 289 12.86 -8.23 -7.12
N ALA D 290 14.05 -8.82 -7.10
CA ALA D 290 15.12 -8.31 -7.94
C ALA D 290 14.76 -8.43 -9.43
N PHE D 291 14.18 -9.56 -9.82
CA PHE D 291 13.72 -9.66 -11.20
C PHE D 291 12.64 -8.62 -11.48
N PHE D 292 11.84 -8.27 -10.47
CA PHE D 292 10.93 -7.14 -10.61
C PHE D 292 11.68 -5.86 -10.95
N HIS D 293 12.86 -5.65 -10.37
CA HIS D 293 13.65 -4.48 -10.78
C HIS D 293 14.03 -4.57 -12.24
N CYS D 294 14.41 -5.78 -12.67
CA CYS D 294 14.80 -5.98 -14.07
C CYS D 294 13.67 -5.54 -14.99
N CYS D 295 12.42 -5.76 -14.59
CA CYS D 295 11.30 -5.18 -15.33
C CYS D 295 11.11 -3.69 -15.06
N LEU D 296 11.48 -3.21 -13.88
CA LEU D 296 11.22 -1.82 -13.51
C LEU D 296 12.03 -0.84 -14.33
N ASN D 297 13.14 -1.28 -14.92
CA ASN D 297 13.94 -0.34 -15.72
C ASN D 297 13.16 0.28 -16.89
N PRO D 298 12.57 -0.49 -17.82
CA PRO D 298 11.84 0.16 -18.93
C PRO D 298 10.64 0.97 -18.47
N ILE D 299 10.03 0.60 -17.33
CA ILE D 299 8.95 1.40 -16.78
C ILE D 299 9.44 2.80 -16.45
N LEU D 300 10.60 2.89 -15.81
CA LEU D 300 11.23 4.20 -15.60
C LEU D 300 11.54 4.88 -16.92
N TYR D 301 11.79 4.09 -17.96
CA TYR D 301 12.05 4.64 -19.28
C TYR D 301 10.77 5.18 -19.93
N ALA D 302 9.62 4.76 -19.45
CA ALA D 302 8.35 5.18 -20.05
C ALA D 302 7.92 6.56 -19.58
N PHE D 303 8.01 6.84 -18.28
CA PHE D 303 7.46 8.07 -17.72
C PHE D 303 8.17 9.30 -18.28
N LEU D 304 9.49 9.27 -18.32
CA LEU D 304 10.30 10.42 -18.76
C LEU D 304 9.97 11.67 -17.95
C1 CLR E . 1.66 14.05 5.57
C2 CLR E . 1.03 14.77 4.38
C3 CLR E . 2.03 15.09 3.30
C4 CLR E . 2.57 13.77 2.80
C5 CLR E . 3.09 13.03 3.99
C6 CLR E . 4.39 12.72 4.04
C7 CLR E . 4.99 11.90 5.15
C8 CLR E . 3.90 11.03 5.73
C9 CLR E . 2.75 11.88 6.21
C10 CLR E . 2.13 12.70 5.08
C11 CLR E . 1.73 10.98 6.90
C12 CLR E . 2.33 10.15 8.03
C13 CLR E . 3.40 9.30 7.41
C14 CLR E . 4.44 10.25 6.91
C15 CLR E . 5.65 9.37 6.63
C16 CLR E . 5.63 8.39 7.78
C17 CLR E . 4.21 8.36 8.31
C18 CLR E . 2.79 8.58 6.23
C19 CLR E . 0.93 11.98 4.47
C20 CLR E . 3.76 6.90 8.37
C21 CLR E . 2.57 6.66 9.27
C22 CLR E . 4.92 6.05 8.85
C23 CLR E . 4.51 5.14 9.99
C24 CLR E . 5.66 4.20 10.32
C25 CLR E . 5.31 3.33 11.50
C26 CLR E . 5.28 4.16 12.75
C27 CLR E . 3.97 2.66 11.33
O1 CLR E . 1.41 15.80 2.21
C1 CLR F . -6.89 1.95 31.57
C2 CLR F . -6.85 0.84 32.60
C3 CLR F . -7.57 -0.35 32.03
C4 CLR F . -6.81 -0.85 30.83
C5 CLR F . -6.19 0.24 30.02
C6 CLR F . -5.88 0.05 28.75
C7 CLR F . -4.62 0.61 28.18
C8 CLR F . -4.66 2.09 28.43
C9 CLR F . -5.88 2.38 29.26
C10 CLR F . -5.87 1.58 30.53
C11 CLR F . -6.00 3.85 29.53
C12 CLR F . -6.12 4.53 28.18
C13 CLR F . -4.84 4.26 27.43
C14 CLR F . -4.75 2.81 27.12
C15 CLR F . -3.53 2.82 26.22
C16 CLR F . -3.51 4.20 25.57
C17 CLR F . -4.75 4.90 26.09
C18 CLR F . -3.57 4.61 28.19
C19 CLR F . -4.52 1.57 31.19
C20 CLR F . -4.69 6.40 26.20
C21 CLR F . -6.08 6.99 26.11
C22 CLR F . -3.80 6.98 25.15
C23 CLR F . -3.09 8.24 25.63
C24 CLR F . -1.63 7.92 25.83
C25 CLR F . -0.79 8.61 24.77
C26 CLR F . 0.67 8.68 25.21
C27 CLR F . -0.89 7.94 23.42
O1 CLR F . -7.57 -1.41 32.96
C1 CLR G . 21.87 17.36 -0.13
C2 CLR G . 21.58 18.83 0.16
C3 CLR G . 21.08 19.51 -1.09
C4 CLR G . 19.80 18.85 -1.53
C5 CLR G . 19.97 17.37 -1.54
C6 CLR G . 19.59 16.74 -2.64
C7 CLR G . 19.47 15.25 -2.72
C8 CLR G . 19.54 14.63 -1.34
C9 CLR G . 20.67 15.19 -0.52
C10 CLR G . 20.54 16.68 -0.33
C11 CLR G . 20.65 14.47 0.82
C12 CLR G . 20.78 12.96 0.69
C13 CLR G . 19.65 12.48 -0.19
C14 CLR G . 19.82 13.17 -1.50
C15 CLR G . 18.88 12.42 -2.42
C16 CLR G . 19.05 10.99 -1.98
C17 CLR G . 19.63 11.02 -0.58
C18 CLR G . 18.33 12.86 0.40
C19 CLR G . 19.71 16.97 0.89
C20 CLR G . 18.76 10.13 0.26
C21 CLR G . 19.29 9.95 1.66
C22 CLR G . 18.68 8.78 -0.42
C23 CLR G . 19.84 7.86 -0.06
C24 CLR G . 19.58 6.57 -0.79
C25 CLR G . 20.18 5.33 -0.17
C26 CLR G . 19.57 4.07 -0.78
C27 CLR G . 21.68 5.32 -0.32
O1 CLR G . 20.74 20.87 -0.81
C1 CLR H . 26.58 19.84 16.45
C2 CLR H . 26.67 20.96 15.43
C3 CLR H . 26.36 22.30 16.07
C4 CLR H . 27.25 22.53 17.29
C5 CLR H . 27.21 21.38 18.25
C6 CLR H . 26.83 21.56 19.51
C7 CLR H . 26.84 20.50 20.56
C8 CLR H . 27.58 19.25 20.13
C9 CLR H . 27.21 18.88 18.69
C10 CLR H . 27.51 20.01 17.67
C11 CLR H . 27.85 17.54 18.31
C12 CLR H . 27.54 16.41 19.29
C13 CLR H . 27.94 16.75 20.73
C14 CLR H . 27.22 18.09 21.04
C15 CLR H . 27.40 18.25 22.54
C16 CLR H . 27.19 16.82 23.06
C17 CLR H . 27.35 15.85 21.85
C18 CLR H . 29.45 16.88 20.87
C19 CLR H . 28.98 19.99 17.22
C20 CLR H . 28.09 14.57 22.28
C21 CLR H . 28.20 13.50 21.19
C22 CLR H . 27.36 13.95 23.49
C23 CLR H . 27.94 12.64 24.01
C24 CLR H . 29.18 12.88 24.85
C25 CLR H . 29.12 12.28 26.27
C26 CLR H . 30.18 12.94 27.15
C27 CLR H . 27.75 12.40 26.90
O1 CLR H . 26.54 23.31 15.09
C1 CLR I . 7.70 -12.86 3.11
C2 CLR I . 7.87 -14.12 3.91
C3 CLR I . 9.07 -14.92 3.48
C4 CLR I . 10.26 -14.03 3.66
C5 CLR I . 9.99 -12.71 3.03
C6 CLR I . 10.75 -12.27 2.06
C7 CLR I . 10.54 -10.91 1.48
C8 CLR I . 10.07 -10.07 2.60
C9 CLR I . 8.72 -10.54 2.99
C10 CLR I . 8.82 -11.95 3.53
C11 CLR I . 8.13 -9.67 4.10
C12 CLR I . 8.26 -8.17 3.86
C13 CLR I . 9.67 -7.85 3.39
C14 CLR I . 9.96 -8.65 2.17
C15 CLR I . 11.24 -8.03 1.68
C16 CLR I . 11.07 -6.56 1.99
C17 CLR I . 9.94 -6.44 2.97
C18 CLR I . 10.73 -8.17 4.40
C19 CLR I . 8.83 -11.88 5.02
C20 CLR I . 10.31 -5.67 4.20
C21 CLR I . 9.06 -5.12 4.87
C22 CLR I . 11.27 -4.56 3.82
C23 CLR I . 10.65 -3.59 2.84
C24 CLR I . 11.34 -2.25 2.93
C25 CLR I . 10.99 -1.61 4.27
C26 CLR I . 12.09 -1.83 5.29
C27 CLR I . 10.67 -0.14 4.09
O1 CLR I . 9.18 -16.05 4.33
C1 CLR J . 27.51 -10.66 13.29
C2 CLR J . 27.79 -12.01 13.94
C3 CLR J . 26.64 -12.29 14.89
C4 CLR J . 25.38 -12.45 14.12
C5 CLR J . 25.28 -11.51 12.94
C6 CLR J . 24.12 -11.19 12.42
C7 CLR J . 23.95 -11.06 10.94
C8 CLR J . 24.96 -10.06 10.47
C9 CLR J . 25.81 -9.68 11.66
C10 CLR J . 26.44 -10.91 12.28
C11 CLR J . 26.85 -8.67 11.26
C12 CLR J . 26.09 -7.44 10.78
C13 CLR J . 25.31 -7.87 9.56
C14 CLR J . 24.27 -8.85 9.95
C15 CLR J . 23.52 -8.96 8.64
C16 CLR J . 23.72 -7.62 7.93
C17 CLR J . 24.53 -6.79 8.90
C18 CLR J . 26.13 -8.56 8.48
C19 CLR J . 27.00 -11.85 11.24
C20 CLR J . 25.45 -5.76 8.30
C21 CLR J . 25.69 -4.63 9.28
C22 CLR J . 24.87 -5.21 7.01
C23 CLR J . 25.98 -4.84 6.03
C24 CLR J . 25.98 -5.84 4.89
C25 CLR J . 25.47 -5.19 3.62
C26 CLR J . 25.87 -6.02 2.41
C27 CLR J . 23.96 -5.00 3.64
O1 CLR J . 26.86 -13.54 15.54
C1 CLR K . 3.12 -6.58 13.45
C2 CLR K . 2.99 -7.75 14.41
C3 CLR K . 3.74 -7.53 15.69
C4 CLR K . 3.19 -6.28 16.31
C5 CLR K . 3.14 -5.20 15.28
C6 CLR K . 3.81 -4.08 15.46
C7 CLR K . 3.69 -2.96 14.48
C8 CLR K . 2.31 -3.03 13.97
C9 CLR K . 2.18 -4.27 13.16
C10 CLR K . 2.35 -5.47 14.06
C11 CLR K . 0.80 -4.35 12.53
C12 CLR K . 0.32 -3.07 11.85
C13 CLR K . 0.60 -1.88 12.76
C14 CLR K . 2.05 -1.86 13.08
C15 CLR K . 2.20 -0.52 13.73
C16 CLR K . 1.25 0.38 12.96
C17 CLR K . 0.32 -0.53 12.20
C18 CLR K . -0.15 -1.93 14.06
C19 CLR K . 0.99 -5.97 14.41
C20 CLR K . -1.12 -0.22 12.44
C21 CLR K . -1.97 -0.74 11.30
C22 CLR K . -1.28 1.28 12.63
C23 CLR K . -0.85 2.04 11.39
C24 CLR K . -1.56 3.38 11.34
C25 CLR K . -3.03 3.16 11.06
C26 CLR K . -3.84 3.19 12.35
C27 CLR K . -3.54 4.18 10.05
O1 CLR K . 3.51 -8.63 16.55
C1 CLR L . -11.37 9.25 -3.98
C2 CLR L . -10.66 9.90 -5.16
C3 CLR L . -9.83 11.10 -4.74
C4 CLR L . -8.79 10.59 -3.79
C5 CLR L . -9.50 9.86 -2.69
C6 CLR L . -9.39 10.32 -1.44
C7 CLR L . -10.01 9.61 -0.26
C8 CLR L . -10.15 8.15 -0.60
C9 CLR L . -10.96 7.97 -1.87
C10 CLR L . -10.33 8.68 -3.06
C11 CLR L . -11.15 6.48 -2.11
C12 CLR L . -11.77 5.76 -0.91
C13 CLR L . -10.83 5.95 0.24
C14 CLR L . -10.82 7.41 0.52
C15 CLR L . -10.17 7.52 1.89
C16 CLR L . -10.75 6.34 2.64
C17 CLR L . -11.20 5.34 1.60
C18 CLR L . -9.46 5.53 -0.22
C19 CLR L . -9.46 7.74 -3.88
C20 CLR L . -10.59 3.99 1.94
C21 CLR L . -11.29 2.81 1.28
C22 CLR L . -10.61 3.79 3.44
C23 CLR L . -11.23 2.46 3.83
C24 CLR L . -11.10 2.26 5.32
C25 CLR L . -11.75 0.97 5.75
C26 CLR L . -13.25 1.09 5.61
C27 CLR L . -11.26 -0.19 4.91
O1 CLR L . -9.20 11.70 -5.88
C1 CLR M . -28.99 -14.35 1.20
C2 CLR M . -29.40 -15.55 2.02
C3 CLR M . -28.35 -16.61 1.85
C4 CLR M . -27.06 -16.13 2.44
C5 CLR M . -26.83 -14.66 2.22
C6 CLR M . -25.62 -14.15 2.26
C7 CLR M . -25.36 -12.82 2.90
C8 CLR M . -26.25 -11.83 2.21
C9 CLR M . -27.13 -12.60 1.25
C10 CLR M . -27.89 -13.68 1.97
C11 CLR M . -28.04 -11.66 0.52
C12 CLR M . -27.15 -10.71 -0.26
C13 CLR M . -26.35 -9.93 0.76
C14 CLR M . -25.42 -10.84 1.46
C15 CLR M . -24.62 -9.83 2.25
C16 CLR M . -24.67 -8.54 1.43
C17 CLR M . -25.45 -8.90 0.19
C18 CLR M . -27.19 -9.27 1.84
C19 CLR M . -28.47 -13.20 3.28
C20 CLR M . -26.24 -7.79 -0.46
C21 CLR M . -26.43 -8.06 -1.93
C22 CLR M . -25.56 -6.46 -0.25
C23 CLR M . -26.57 -5.33 -0.15
C24 CLR M . -26.60 -4.84 1.28
C25 CLR M . -25.97 -3.46 1.39
C26 CLR M . -26.39 -2.79 2.68
C27 CLR M . -24.46 -3.50 1.29
O1 CLR M . -28.70 -17.77 2.60
C1 CLR N . -7.76 24.92 9.92
C2 CLR N . -8.68 25.75 9.04
C3 CLR N . -7.89 26.46 7.97
C4 CLR N . -7.20 25.45 7.10
C5 CLR N . -6.52 24.43 7.96
C6 CLR N . -5.25 24.17 7.68
C7 CLR N . -4.50 23.03 8.28
C8 CLR N . -5.44 22.08 8.98
C9 CLR N . -6.42 22.80 9.86
C10 CLR N . -7.27 23.77 9.08
C11 CLR N . -7.29 21.74 10.52
C12 CLR N . -6.48 20.74 11.33
C13 CLR N . -5.48 20.10 10.41
C14 CLR N . -4.63 21.20 9.87
C15 CLR N . -3.47 20.49 9.22
C16 CLR N . -3.21 19.33 10.17
C17 CLR N . -4.47 19.14 10.99
C18 CLR N . -6.19 19.43 9.25
C19 CLR N . -8.49 23.06 8.55
C20 CLR N . -4.80 17.67 10.91
C21 CLR N . -5.98 17.30 11.78
C22 CLR N . -3.59 16.89 11.31
C23 CLR N . -3.48 16.71 12.82
C24 CLR N . -2.24 15.88 13.05
C25 CLR N . -2.23 15.04 14.31
C26 CLR N . -1.12 13.99 14.23
C27 CLR N . -2.08 15.90 15.53
O1 CLR N . -8.75 27.19 7.10
C1 CLR O . -23.63 23.01 16.82
C2 CLR O . -23.24 24.29 16.09
C3 CLR O . -24.42 24.87 15.35
C4 CLR O . -25.60 25.06 16.30
C5 CLR O . -25.93 23.82 17.06
C6 CLR O . -27.14 23.26 16.97
C7 CLR O . -27.60 22.08 17.75
C8 CLR O . -26.63 21.71 18.87
C9 CLR O . -25.18 21.78 18.38
C10 CLR O . -24.79 23.18 17.83
C11 CLR O . -24.23 21.27 19.46
C12 CLR O . -24.58 19.88 20.00
C13 CLR O . -26.03 19.82 20.52
C14 CLR O . -26.91 20.30 19.36
C15 CLR O . -28.32 19.94 19.81
C16 CLR O . -28.12 18.56 20.45
C17 CLR O . -26.61 18.39 20.76
C18 CLR O . -26.20 20.68 21.76
C19 CLR O . -24.37 24.14 18.95
C20 CLR O . -26.40 17.66 22.10
C21 CLR O . -24.95 17.35 22.44
C22 CLR O . -27.20 16.35 22.09
C23 CLR O . -27.06 15.49 23.34
C24 CLR O . -27.92 16.02 24.48
C25 CLR O . -28.90 15.00 25.07
C26 CLR O . -29.99 15.73 25.86
C27 CLR O . -29.52 14.10 24.02
O1 CLR O . -24.01 26.10 14.76
C1 CLR P . -8.94 -8.36 9.18
C2 CLR P . -9.27 -9.66 9.87
C3 CLR P . -10.51 -9.58 10.71
C4 CLR P . -11.63 -9.19 9.79
C5 CLR P . -11.21 -8.02 8.98
C6 CLR P . -11.88 -6.89 9.05
C7 CLR P . -11.52 -5.74 8.17
C8 CLR P . -11.03 -6.34 6.90
C9 CLR P . -9.75 -7.03 7.19
C10 CLR P . -10.00 -8.17 8.14
C11 CLR P . -9.15 -7.60 5.91
C12 CLR P . -9.13 -6.65 4.73
C13 CLR P . -10.48 -5.96 4.62
C14 CLR P . -10.78 -5.27 5.90
C15 CLR P . -11.97 -4.43 5.54
C16 CLR P . -11.69 -3.99 4.12
C17 CLR P . -10.60 -4.88 3.59
C18 CLR P . -11.61 -6.89 4.33
C19 CLR P . -10.09 -9.42 7.33
C20 CLR P . -10.97 -5.52 2.29
C21 CLR P . -9.71 -5.94 1.55
C22 CLR P . -11.81 -4.57 1.47
C23 CLR P . -11.05 -3.29 1.15
C24 CLR P . -11.63 -2.65 -0.09
C25 CLR P . -11.29 -3.54 -1.29
C26 CLR P . -12.46 -4.42 -1.67
C27 CLR P . -10.84 -2.67 -2.46
O1 CLR P . -10.76 -10.86 11.26
C1 CLR Q . -0.70 2.26 -15.02
C2 CLR Q . 0.05 3.59 -15.03
C3 CLR Q . -0.86 4.77 -14.81
C4 CLR Q . -1.48 4.60 -13.44
C5 CLR Q . -2.13 3.25 -13.42
C6 CLR Q . -3.45 3.16 -13.24
C7 CLR Q . -4.18 1.85 -13.11
C8 CLR Q . -3.20 0.82 -12.61
C9 CLR Q . -2.00 0.73 -13.52
C10 CLR Q . -1.25 2.05 -13.63
C11 CLR Q . -1.11 -0.41 -13.03
C12 CLR Q . -1.83 -1.74 -12.90
C13 CLR Q . -2.95 -1.53 -11.91
C14 CLR Q . -3.87 -0.53 -12.54
C15 CLR Q . -5.13 -0.62 -11.71
C16 CLR Q . -5.26 -2.11 -11.44
C17 CLR Q . -3.88 -2.69 -11.59
C18 CLR Q . -2.34 -0.92 -10.68
C19 CLR Q . -0.10 2.13 -12.65
C20 CLR Q . -3.56 -3.52 -10.34
C21 CLR Q . -2.43 -4.52 -10.51
C22 CLR Q . -4.81 -4.24 -9.90
C23 CLR Q . -4.54 -5.71 -9.66
C24 CLR Q . -5.79 -6.36 -9.06
C25 CLR Q . -5.58 -7.85 -8.89
C26 CLR Q . -5.54 -8.52 -10.23
C27 CLR Q . -4.30 -8.14 -8.14
O1 CLR Q . -0.13 6.01 -14.84
C1 CLR R . -20.22 10.59 -16.08
C2 CLR R . -19.82 11.05 -17.47
C3 CLR R . -19.20 12.42 -17.41
C4 CLR R . -17.96 12.37 -16.56
C5 CLR R . -18.26 11.66 -15.28
C6 CLR R . -17.88 12.27 -14.17
C7 CLR R . -17.89 11.58 -12.84
C8 CLR R . -18.09 10.10 -12.99
C9 CLR R . -19.20 9.76 -13.94
C10 CLR R . -18.95 10.32 -15.32
C11 CLR R . -19.31 8.25 -13.99
C12 CLR R . -19.56 7.63 -12.61
C13 CLR R . -18.44 8.05 -11.70
C14 CLR R . -18.48 9.54 -11.65
C15 CLR R . -17.56 9.89 -10.50
C16 CLR R . -17.89 8.81 -9.48
C17 CLR R . -18.53 7.67 -10.25
C18 CLR R . -17.12 7.61 -12.27
C19 CLR R . -18.16 9.33 -16.13
C20 CLR R . -17.79 6.42 -9.84
C21 CLR R . -18.41 5.17 -10.42
C22 CLR R . -17.79 6.34 -8.33
C23 CLR R . -19.04 5.68 -7.78
C24 CLR R . -18.86 5.65 -6.28
C25 CLR R . -19.59 4.55 -5.55
C26 CLR R . -19.07 4.41 -4.13
C27 CLR R . -21.08 4.82 -5.55
O1 CLR R . -18.76 12.82 -18.72
C1 CLR S . -25.53 -2.11 -26.72
C2 CLR S . -25.47 -0.66 -27.19
C3 CLR S . -25.08 -0.59 -28.65
C4 CLR S . -26.01 -1.45 -29.50
C5 CLR S . -26.12 -2.86 -28.98
C6 CLR S . -25.79 -3.89 -29.75
C7 CLR S . -25.94 -5.32 -29.37
C8 CLR S . -26.77 -5.50 -28.10
C9 CLR S . -26.36 -4.47 -27.04
C10 CLR S . -26.51 -3.01 -27.52
C11 CLR S . -27.09 -4.74 -25.72
C12 CLR S . -26.93 -6.18 -25.22
C13 CLR S . -27.37 -7.22 -26.25
C14 CLR S . -26.56 -6.89 -27.52
C15 CLR S . -26.80 -8.09 -28.43
C16 CLR S . -26.75 -9.27 -27.44
C17 CLR S . -26.94 -8.69 -26.01
C18 CLR S . -28.87 -7.14 -26.51
C19 CLR S . -27.95 -2.49 -27.36
C20 CLR S . -27.79 -9.63 -25.14
C21 CLR S . -27.95 -9.20 -23.68
C22 CLR S . -27.19 -11.04 -25.18
C23 CLR S . -27.91 -12.08 -24.33
C24 CLR S . -29.17 -12.59 -25.02
C25 CLR S . -29.23 -14.11 -25.20
C26 CLR S . -30.27 -14.46 -26.27
C27 CLR S . -27.88 -14.72 -25.55
O1 CLR S . -25.12 0.77 -29.05
C1 CLR T . -4.38 -14.61 -1.17
C2 CLR T . -4.40 -16.03 -0.62
C3 CLR T . -5.18 -16.97 -1.50
C4 CLR T . -4.54 -16.94 -2.86
C5 CLR T . -4.36 -15.52 -3.27
C6 CLR T . -4.93 -15.06 -4.36
C7 CLR T . -4.67 -13.68 -4.84
C8 CLR T . -3.27 -13.38 -4.46
C9 CLR T . -3.21 -13.31 -2.97
C10 CLR T . -3.53 -14.65 -2.39
C11 CLR T . -1.81 -12.92 -2.51
C12 CLR T . -1.19 -11.74 -3.27
C13 CLR T . -1.41 -11.92 -4.75
C14 CLR T . -2.87 -12.06 -5.01
C15 CLR T . -2.94 -11.94 -6.50
C16 CLR T . -1.87 -10.92 -6.84
C17 CLR T . -0.99 -10.79 -5.63
C18 CLR T . -0.73 -13.12 -5.32
C19 CLR T . -2.24 -15.32 -2.05
C20 CLR T . 0.46 -10.97 -5.95
C21 CLR T . 1.31 -10.32 -4.88
C22 CLR T . 0.75 -10.40 -7.32
C23 CLR T . 0.44 -8.92 -7.39
C24 CLR T . 1.27 -8.27 -8.49
C25 CLR T . 2.73 -8.29 -8.09
C26 CLR T . 3.47 -9.46 -8.73
C27 CLR T . 3.37 -6.96 -8.42
O1 CLR T . -5.08 -18.27 -0.95
C1 CLR U . 4.63 -27.26 -14.06
C2 CLR U . 5.67 -28.36 -14.04
C3 CLR U . 5.35 -29.30 -15.16
C4 CLR U . 5.60 -28.54 -16.45
C5 CLR U . 4.84 -27.25 -16.45
C6 CLR U . 4.18 -26.89 -17.53
C7 CLR U . 3.16 -25.79 -17.45
C8 CLR U . 3.71 -24.67 -16.62
C9 CLR U . 3.93 -25.18 -15.25
C10 CLR U . 4.89 -26.36 -15.24
C11 CLR U . 4.51 -24.04 -14.45
C12 CLR U . 3.90 -22.65 -14.64
C13 CLR U . 3.78 -22.41 -16.11
C14 CLR U . 2.80 -23.48 -16.44
C15 CLR U . 2.00 -22.93 -17.59
C16 CLR U . 1.91 -21.44 -17.26
C17 CLR U . 3.22 -21.10 -16.61
C18 CLR U . 5.10 -22.71 -16.79
C19 CLR U . 6.29 -25.86 -15.10
C20 CLR U . 4.04 -20.44 -17.71
C21 CLR U . 5.33 -19.74 -17.29
C22 CLR U . 3.10 -19.44 -18.34
C23 CLR U . 3.73 -18.61 -19.45
C24 CLR U . 2.73 -17.53 -19.82
C25 CLR U . 1.32 -18.06 -19.59
C26 CLR U . 0.33 -16.95 -19.30
C27 CLR U . 0.85 -18.86 -20.79
O1 CLR U . 6.23 -30.41 -15.08
C1 CLR V . 12.32 7.04 -5.45
C2 CLR V . 11.73 8.44 -5.46
C3 CLR V . 10.99 8.75 -6.74
C4 CLR V . 9.85 7.76 -6.84
C5 CLR V . 10.45 6.39 -6.72
C6 CLR V . 10.32 5.54 -7.74
C7 CLR V . 10.81 4.12 -7.69
C8 CLR V . 10.83 3.68 -6.24
C9 CLR V . 11.69 4.62 -5.42
C10 CLR V . 11.19 6.05 -5.46
C11 CLR V . 11.77 4.08 -4.00
C12 CLR V . 12.26 2.63 -3.93
C13 CLR V . 11.29 1.80 -4.72
C14 CLR V . 11.39 2.29 -6.13
C15 CLR V . 10.69 1.22 -6.93
C16 CLR V . 11.12 -0.08 -6.26
C17 CLR V . 11.53 0.30 -4.85
C18 CLR V . 9.91 2.12 -4.19
C19 CLR V . 10.28 6.36 -4.28
C20 CLR V . 10.80 -0.62 -3.88
C21 CLR V . 11.41 -0.68 -2.49
C22 CLR V . 10.73 -2.01 -4.47
C23 CLR V . 11.19 -3.05 -3.47
C24 CLR V . 10.96 -4.44 -4.05
C25 CLR V . 11.48 -5.50 -3.11
C26 CLR V . 12.98 -5.47 -3.09
C27 CLR V . 10.95 -5.31 -1.71
O1 CLR V . 10.46 10.08 -6.73
C1 CLR W . 9.40 3.03 -26.12
C2 CLR W . 10.45 4.12 -26.35
C3 CLR W . 9.77 5.47 -26.47
C4 CLR W . 9.03 5.78 -25.19
C5 CLR W . 8.22 4.59 -24.78
C6 CLR W . 6.96 4.83 -24.48
C7 CLR W . 6.08 3.80 -23.83
C8 CLR W . 6.90 2.65 -23.31
C9 CLR W . 7.89 2.16 -24.31
C10 CLR W . 8.86 3.24 -24.72
C11 CLR W . 8.63 0.98 -23.69
C12 CLR W . 7.68 -0.14 -23.25
C13 CLR W . 6.68 0.43 -22.29
C14 CLR W . 5.96 1.51 -23.03
C15 CLR W . 4.78 1.83 -22.15
C16 CLR W . 4.37 0.46 -21.64
C17 CLR W . 5.57 -0.45 -21.82
C18 CLR W . 7.39 1.04 -21.11
C19 CLR W . 10.04 3.24 -23.78
C20 CLR W . 5.78 -1.13 -20.49
C21 CLR W . 6.86 -2.18 -20.54
C22 CLR W . 4.47 -1.77 -20.07
C23 CLR W . 4.27 -3.16 -20.67
C24 CLR W . 2.96 -3.65 -20.12
C25 CLR W . 2.81 -5.15 -20.02
C26 CLR W . 1.62 -5.52 -19.16
C27 CLR W . 2.68 -5.78 -21.39
O1 CLR W . 10.75 6.50 -26.63
C1 CLR X . 24.67 -5.29 -27.09
C2 CLR X . 24.43 -3.99 -27.87
C3 CLR X . 25.69 -3.16 -27.94
C4 CLR X . 26.84 -3.98 -28.51
C5 CLR X . 27.02 -5.29 -27.79
C6 CLR X . 28.18 -5.60 -27.20
C7 CLR X . 28.48 -6.89 -26.55
C8 CLR X . 27.45 -7.97 -26.84
C9 CLR X . 26.03 -7.37 -26.73
C10 CLR X . 25.79 -6.18 -27.68
C11 CLR X . 24.98 -8.48 -26.87
C12 CLR X . 25.19 -9.66 -25.92
C13 CLR X . 26.58 -10.27 -26.05
C14 CLR X . 27.57 -9.11 -25.84
C15 CLR X . 28.91 -9.80 -25.69
C16 CLR X . 28.57 -11.02 -24.83
C17 CLR X . 27.03 -11.24 -24.91
C18 CLR X . 26.77 -10.94 -27.42
C19 CLR X . 25.39 -6.64 -29.10
C20 CLR X . 26.69 -12.74 -24.95
C21 CLR X . 25.20 -13.06 -24.92
C22 CLR X . 27.37 -13.44 -23.78
C23 CLR X . 27.09 -14.94 -23.66
C24 CLR X . 27.93 -15.74 -24.65
C25 CLR X . 28.78 -16.84 -24.02
C26 CLR X . 29.90 -17.26 -24.97
C27 CLR X . 29.38 -16.42 -22.67
O1 CLR X . 25.42 -2.03 -28.73
#